data_5TLS
#
_entry.id   5TLS
#
_cell.length_a   118.520
_cell.length_b   133.027
_cell.length_c   174.860
_cell.angle_alpha   90.00
_cell.angle_beta   90.00
_cell.angle_gamma   90.00
#
_symmetry.space_group_name_H-M   'P 21 21 21'
#
loop_
_entity.id
_entity.type
_entity.pdbx_description
1 polymer Adenosylhomocysteinase
2 non-polymer NICOTINAMIDE-ADENINE-DINUCLEOTIDE
3 non-polymer '(2S)-4-(6-amino-9H-purin-9-yl)-2-hydroxybutanoic acid'
4 non-polymer 'CHLORIDE ION'
5 non-polymer 'PHOSPHATE ION'
6 non-polymer GLYCEROL
7 water water
#
_entity_poly.entity_id   1
_entity_poly.type   'polypeptide(L)'
_entity_poly.pdbx_seq_one_letter_code
;SNAYKMESRIKDISLAEFGLQDMEIAKTDMMGLVELQRKYRDSKPLKGARITGSLHLTIETSVLVETLYELGAEIRWCSC
NIYSTQDHAAAALVKKNIATVFAWKNETIEDYWVCLNDAMTWRNPNDKDKICGPNLIVDDGGDATLILHEGVKAEIEYEK
YNKIPEYLETELDENGKQLSMDLKCMYKVLKMELLKNPFRWRGMLKDLYGVSEETTTGVLRLKIMESEGKLLLPAINVND
SVTKSKFDNTYGCRQSLLHGLFNGCIQMLAGKKIVVLGYGEVGKGCAQGLSGVGARVIVTEIDPICALQASMEGYQVSVL
EDVVSEADIFITATGNKDVITVEHMRKMKENAYIANIGHFDDEIDVYGLENYPGIKVIEVKQNVHKFTFPDTQKSVILLC
KGRLVNLGCATGHPPLVMSMSFTNQVLAQMDLWKSRELVDRSKNTRFFVKKLSKELDEYVARLHLDVLGIKLTKLTETQA
KYINVSINGPYKSEDYRY
;
_entity_poly.pdbx_strand_id   A,B,C,D
#
loop_
_chem_comp.id
_chem_comp.type
_chem_comp.name
_chem_comp.formula
CL non-polymer 'CHLORIDE ION' 'Cl -1'
GOL non-polymer GLYCEROL 'C3 H8 O3'
NAD non-polymer NICOTINAMIDE-ADENINE-DINUCLEOTIDE 'C21 H27 N7 O14 P2'
PO4 non-polymer 'PHOSPHATE ION' 'O4 P -3'
ZD2 non-polymer '(2S)-4-(6-amino-9H-purin-9-yl)-2-hydroxybutanoic acid' 'C9 H11 N5 O3'
#
# COMPACT_ATOMS: atom_id res chain seq x y z
N ALA A 3 -9.85 48.47 20.87
CA ALA A 3 -11.19 47.91 20.53
C ALA A 3 -11.16 46.37 20.42
N TYR A 4 -10.30 45.86 19.54
CA TYR A 4 -10.16 44.40 19.32
C TYR A 4 -9.39 43.68 20.45
N LYS A 5 -8.31 44.29 20.95
CA LYS A 5 -7.50 43.69 22.04
C LYS A 5 -8.22 43.75 23.39
N MET A 6 -8.84 44.89 23.66
CA MET A 6 -9.64 45.12 24.88
C MET A 6 -10.80 44.15 24.97
N GLU A 7 -11.52 44.03 23.87
CA GLU A 7 -12.72 43.20 23.81
C GLU A 7 -12.42 41.69 23.67
N SER A 8 -11.35 41.32 22.97
CA SER A 8 -11.00 39.89 22.76
C SER A 8 -10.59 39.22 24.07
N ARG A 9 -10.77 37.90 24.11
CA ARG A 9 -10.39 37.06 25.25
C ARG A 9 -9.55 35.91 24.69
N ILE A 10 -8.23 36.08 24.77
CA ILE A 10 -7.27 35.09 24.29
C ILE A 10 -6.20 34.87 25.35
N LYS A 11 -5.42 33.83 25.17
CA LYS A 11 -4.39 33.47 26.12
C LYS A 11 -3.24 34.48 26.21
N ASP A 12 -2.57 34.77 25.10
CA ASP A 12 -1.38 35.64 25.14
C ASP A 12 -1.11 36.33 23.80
N ILE A 13 -1.31 37.64 23.79
CA ILE A 13 -1.13 38.44 22.60
C ILE A 13 0.33 38.45 22.10
N SER A 14 1.29 38.21 23.01
CA SER A 14 2.72 38.25 22.64
C SER A 14 3.14 37.16 21.65
N LEU A 15 2.29 36.14 21.49
CA LEU A 15 2.54 35.02 20.56
C LEU A 15 2.18 35.34 19.10
N ALA A 16 1.68 36.56 18.84
CA ALA A 16 1.24 36.98 17.50
C ALA A 16 2.22 36.71 16.35
N GLU A 17 3.48 37.10 16.51
CA GLU A 17 4.48 36.90 15.44
C GLU A 17 4.67 35.46 15.02
N PHE A 18 4.64 34.53 15.96
CA PHE A 18 4.75 33.12 15.58
C PHE A 18 3.55 32.74 14.73
N GLY A 19 2.37 33.28 15.10
CA GLY A 19 1.16 33.03 14.37
C GLY A 19 1.24 33.58 12.96
N LEU A 20 1.71 34.83 12.84
CA LEU A 20 1.84 35.47 11.53
C LEU A 20 2.83 34.73 10.61
N GLN A 21 3.99 34.32 11.13
N GLN A 21 3.99 34.32 11.15
CA GLN A 21 4.98 33.58 10.35
CA GLN A 21 4.99 33.56 10.41
C GLN A 21 4.37 32.27 9.84
C GLN A 21 4.38 32.27 9.86
N ASP A 22 3.66 31.55 10.72
CA ASP A 22 3.00 30.28 10.34
C ASP A 22 1.92 30.45 9.30
N MET A 23 1.12 31.52 9.44
CA MET A 23 0.07 31.81 8.47
C MET A 23 0.70 31.98 7.10
N GLU A 24 1.80 32.72 7.04
CA GLU A 24 2.47 33.00 5.77
C GLU A 24 3.03 31.71 5.13
N ILE A 25 3.61 30.82 5.96
CA ILE A 25 4.12 29.52 5.46
C ILE A 25 2.95 28.65 4.96
N ALA A 26 1.87 28.59 5.74
CA ALA A 26 0.68 27.81 5.37
C ALA A 26 0.11 28.26 4.04
N LYS A 27 0.18 29.57 3.77
CA LYS A 27 -0.36 30.13 2.53
C LYS A 27 0.27 29.63 1.24
N THR A 28 1.45 29.04 1.32
CA THR A 28 2.09 28.46 0.15
C THR A 28 1.19 27.35 -0.43
N ASP A 29 0.52 26.61 0.45
CA ASP A 29 -0.39 25.52 0.03
C ASP A 29 -1.86 25.92 -0.02
N MET A 30 -2.25 27.01 0.65
CA MET A 30 -3.67 27.43 0.66
C MET A 30 -3.95 28.34 -0.52
N MET A 31 -3.70 27.85 -1.73
N MET A 31 -3.68 27.86 -1.73
CA MET A 31 -3.87 28.68 -2.94
CA MET A 31 -3.92 28.65 -2.95
C MET A 31 -5.32 29.09 -3.27
C MET A 31 -5.33 29.18 -3.11
N GLY A 32 -6.31 28.36 -2.74
CA GLY A 32 -7.72 28.74 -2.91
C GLY A 32 -8.03 30.03 -2.15
N LEU A 33 -7.59 30.09 -0.90
CA LEU A 33 -7.80 31.27 -0.08
C LEU A 33 -6.93 32.41 -0.60
N VAL A 34 -5.73 32.10 -1.05
CA VAL A 34 -4.84 33.12 -1.59
C VAL A 34 -5.50 33.74 -2.84
N GLU A 35 -6.04 32.90 -3.70
CA GLU A 35 -6.67 33.39 -4.93
C GLU A 35 -7.89 34.23 -4.63
N LEU A 36 -8.69 33.81 -3.64
CA LEU A 36 -9.88 34.57 -3.28
C LEU A 36 -9.50 35.95 -2.76
N GLN A 37 -8.41 36.06 -2.00
CA GLN A 37 -7.99 37.36 -1.51
C GLN A 37 -7.54 38.26 -2.67
N ARG A 38 -6.72 37.70 -3.56
CA ARG A 38 -6.22 38.45 -4.70
C ARG A 38 -7.37 38.97 -5.54
N LYS A 39 -8.32 38.08 -5.83
CA LYS A 39 -9.44 38.42 -6.68
C LYS A 39 -10.54 39.33 -6.10
N TYR A 40 -10.78 39.23 -4.79
CA TYR A 40 -11.87 39.96 -4.18
C TYR A 40 -11.56 40.91 -3.05
N ARG A 41 -10.29 41.15 -2.73
CA ARG A 41 -9.99 42.08 -1.61
C ARG A 41 -10.35 43.55 -1.89
N ASP A 42 -10.48 43.92 -3.16
CA ASP A 42 -10.87 45.28 -3.54
C ASP A 42 -12.40 45.43 -3.73
N SER A 43 -13.00 44.53 -4.54
CA SER A 43 -14.44 44.60 -4.75
C SER A 43 -15.21 44.31 -3.45
N LYS A 44 -14.61 43.52 -2.56
CA LYS A 44 -15.21 43.16 -1.25
C LYS A 44 -16.63 42.62 -1.30
N PRO A 45 -16.79 41.38 -1.76
CA PRO A 45 -18.14 40.78 -1.87
C PRO A 45 -18.90 40.59 -0.54
N LEU A 46 -18.19 40.63 0.60
CA LEU A 46 -18.82 40.50 1.91
C LEU A 46 -18.85 41.84 2.65
N LYS A 47 -18.75 42.96 1.90
CA LYS A 47 -18.70 44.25 2.57
C LYS A 47 -19.95 44.51 3.39
N GLY A 48 -19.73 44.87 4.66
CA GLY A 48 -20.81 45.15 5.58
C GLY A 48 -21.29 43.97 6.42
N ALA A 49 -20.99 42.74 6.00
CA ALA A 49 -21.46 41.56 6.73
C ALA A 49 -20.80 41.38 8.10
N ARG A 50 -21.62 41.12 9.11
CA ARG A 50 -21.11 40.82 10.45
C ARG A 50 -21.11 39.29 10.49
N ILE A 51 -19.94 38.69 10.60
CA ILE A 51 -19.84 37.22 10.64
C ILE A 51 -19.34 36.68 11.96
N THR A 52 -20.09 35.75 12.54
CA THR A 52 -19.68 35.08 13.77
C THR A 52 -19.27 33.69 13.34
N GLY A 53 -18.06 33.28 13.73
CA GLY A 53 -17.56 31.96 13.41
C GLY A 53 -17.32 31.11 14.64
N SER A 54 -17.71 29.84 14.55
CA SER A 54 -17.49 28.87 15.63
C SER A 54 -16.82 27.68 14.95
N LEU A 55 -15.49 27.72 14.93
CA LEU A 55 -14.70 26.70 14.27
C LEU A 55 -13.26 26.73 14.80
N HIS A 56 -12.77 25.55 15.21
CA HIS A 56 -11.41 25.32 15.74
C HIS A 56 -10.46 26.41 15.22
N LEU A 57 -9.96 27.26 16.12
CA LEU A 57 -9.14 28.37 15.72
C LEU A 57 -7.67 27.97 15.62
N THR A 58 -7.35 27.36 14.48
CA THR A 58 -6.02 26.90 14.15
C THR A 58 -5.38 27.91 13.21
N ILE A 59 -4.13 27.70 12.84
CA ILE A 59 -3.44 28.57 11.86
C ILE A 59 -4.20 28.55 10.52
N GLU A 60 -4.72 27.38 10.16
CA GLU A 60 -5.48 27.25 8.93
C GLU A 60 -6.75 28.11 9.01
N THR A 61 -7.41 28.07 10.17
CA THR A 61 -8.61 28.89 10.38
C THR A 61 -8.29 30.40 10.32
N SER A 62 -7.15 30.79 10.86
CA SER A 62 -6.75 32.20 10.80
C SER A 62 -6.67 32.71 9.36
N VAL A 63 -6.24 31.85 8.43
CA VAL A 63 -6.15 32.25 7.03
C VAL A 63 -7.58 32.38 6.47
N LEU A 64 -8.49 31.55 6.98
CA LEU A 64 -9.90 31.65 6.58
C LEU A 64 -10.46 32.99 7.05
N VAL A 65 -10.22 33.31 8.33
CA VAL A 65 -10.71 34.55 8.92
C VAL A 65 -10.11 35.74 8.17
N GLU A 66 -8.82 35.66 7.90
CA GLU A 66 -8.15 36.71 7.14
C GLU A 66 -8.82 36.88 5.76
N THR A 67 -9.18 35.78 5.10
CA THR A 67 -9.82 35.87 3.80
C THR A 67 -11.17 36.59 3.91
N LEU A 68 -11.97 36.21 4.91
CA LEU A 68 -13.27 36.86 5.12
C LEU A 68 -13.13 38.36 5.38
N TYR A 69 -12.14 38.71 6.20
CA TYR A 69 -11.84 40.11 6.51
C TYR A 69 -11.42 40.90 5.27
N GLU A 70 -10.53 40.34 4.46
CA GLU A 70 -10.10 41.01 3.23
C GLU A 70 -11.26 41.17 2.24
N LEU A 71 -12.27 40.30 2.31
CA LEU A 71 -13.40 40.42 1.41
C LEU A 71 -14.48 41.39 1.96
N GLY A 72 -14.14 42.11 3.05
CA GLY A 72 -15.02 43.16 3.59
C GLY A 72 -15.85 42.93 4.84
N ALA A 73 -15.73 41.76 5.46
CA ALA A 73 -16.51 41.46 6.63
C ALA A 73 -15.85 41.84 7.94
N GLU A 74 -16.69 42.09 8.96
CA GLU A 74 -16.25 42.33 10.33
C GLU A 74 -16.46 40.94 10.92
N ILE A 75 -15.62 40.53 11.87
CA ILE A 75 -15.68 39.17 12.38
C ILE A 75 -15.48 38.99 13.89
N ARG A 76 -16.27 38.07 14.46
CA ARG A 76 -16.15 37.68 15.85
C ARG A 76 -15.98 36.18 15.74
N TRP A 77 -15.00 35.61 16.46
CA TRP A 77 -14.73 34.18 16.32
C TRP A 77 -14.44 33.47 17.63
N CYS A 78 -14.85 32.21 17.68
CA CYS A 78 -14.61 31.32 18.81
C CYS A 78 -14.28 29.93 18.24
N SER A 79 -13.80 29.03 19.09
N SER A 79 -13.84 29.03 19.11
CA SER A 79 -13.49 27.66 18.65
CA SER A 79 -13.49 27.67 18.73
C SER A 79 -14.68 26.77 18.98
C SER A 79 -14.67 26.75 19.01
N CYS A 80 -14.81 25.68 18.23
CA CYS A 80 -15.91 24.71 18.43
C CYS A 80 -15.45 23.48 19.25
N ASN A 81 -14.32 23.63 19.96
CA ASN A 81 -13.83 22.58 20.86
C ASN A 81 -12.92 23.24 21.91
N ILE A 82 -13.01 22.76 23.16
CA ILE A 82 -12.22 23.30 24.29
C ILE A 82 -10.70 23.13 24.16
N TYR A 83 -10.29 22.14 23.34
CA TYR A 83 -8.89 21.84 23.17
C TYR A 83 -8.26 22.24 21.84
N SER A 84 -9.05 22.60 20.85
CA SER A 84 -8.50 22.83 19.49
C SER A 84 -7.82 24.16 19.11
N THR A 85 -8.07 25.20 19.87
CA THR A 85 -7.46 26.48 19.58
C THR A 85 -5.94 26.43 19.66
N GLN A 86 -5.26 27.08 18.72
CA GLN A 86 -3.81 27.24 18.75
C GLN A 86 -3.69 28.70 19.17
N ASP A 87 -3.16 28.95 20.37
CA ASP A 87 -3.06 30.32 20.91
C ASP A 87 -2.30 31.33 20.04
N HIS A 88 -1.28 30.89 19.32
CA HIS A 88 -0.52 31.81 18.46
C HIS A 88 -1.33 32.22 17.21
N ALA A 89 -2.26 31.37 16.79
CA ALA A 89 -3.12 31.69 15.66
C ALA A 89 -4.12 32.74 16.11
N ALA A 90 -4.66 32.53 17.32
CA ALA A 90 -5.61 33.45 17.93
C ALA A 90 -4.97 34.82 18.15
N ALA A 91 -3.74 34.83 18.65
CA ALA A 91 -3.02 36.07 18.88
C ALA A 91 -2.79 36.85 17.57
N ALA A 92 -2.48 36.11 16.50
CA ALA A 92 -2.23 36.75 15.23
C ALA A 92 -3.43 37.58 14.78
N LEU A 93 -4.63 37.01 14.88
CA LEU A 93 -5.85 37.71 14.47
C LEU A 93 -6.12 38.98 15.29
N VAL A 94 -6.00 38.87 16.61
CA VAL A 94 -6.24 40.00 17.50
C VAL A 94 -5.22 41.12 17.26
N LYS A 95 -3.95 40.75 17.20
CA LYS A 95 -2.85 41.70 16.98
C LYS A 95 -3.05 42.52 15.69
N LYS A 96 -3.46 41.86 14.61
CA LYS A 96 -3.72 42.52 13.31
C LYS A 96 -5.13 43.11 13.14
N ASN A 97 -5.93 43.14 14.20
CA ASN A 97 -7.31 43.68 14.15
C ASN A 97 -8.17 43.04 13.07
N ILE A 98 -7.93 41.77 12.79
CA ILE A 98 -8.66 41.04 11.78
C ILE A 98 -10.00 40.58 12.34
N ALA A 99 -10.03 40.29 13.64
CA ALA A 99 -11.24 39.82 14.29
C ALA A 99 -11.17 39.95 15.80
N THR A 100 -12.36 39.94 16.42
CA THR A 100 -12.50 39.97 17.86
C THR A 100 -12.60 38.49 18.20
N VAL A 101 -11.67 38.00 18.99
CA VAL A 101 -11.57 36.59 19.30
C VAL A 101 -11.86 36.22 20.74
N PHE A 102 -12.58 35.09 20.90
CA PHE A 102 -12.91 34.54 22.21
C PHE A 102 -12.55 33.06 22.15
N ALA A 103 -11.26 32.77 22.39
CA ALA A 103 -10.75 31.42 22.30
C ALA A 103 -9.35 31.24 22.85
N TRP A 104 -9.14 30.07 23.47
CA TRP A 104 -7.85 29.69 23.99
C TRP A 104 -7.80 28.19 24.13
N LYS A 105 -6.60 27.63 24.12
CA LYS A 105 -6.44 26.20 24.27
C LYS A 105 -6.74 25.81 25.72
N ASN A 106 -7.44 24.69 25.91
CA ASN A 106 -7.81 24.16 27.25
C ASN A 106 -8.78 25.04 28.04
N GLU A 107 -9.94 25.30 27.43
CA GLU A 107 -10.99 26.09 28.05
C GLU A 107 -11.81 25.16 28.91
N THR A 108 -12.37 25.69 29.98
CA THR A 108 -13.29 24.91 30.80
C THR A 108 -14.57 24.87 29.92
N ILE A 109 -15.44 23.90 30.17
CA ILE A 109 -16.66 23.80 29.40
C ILE A 109 -17.56 25.02 29.66
N GLU A 110 -17.50 25.57 30.86
CA GLU A 110 -18.28 26.77 31.20
C GLU A 110 -17.84 27.94 30.30
N ASP A 111 -16.52 28.13 30.19
CA ASP A 111 -15.98 29.22 29.38
C ASP A 111 -16.22 29.01 27.89
N TYR A 112 -16.27 27.75 27.45
CA TYR A 112 -16.55 27.47 26.04
C TYR A 112 -17.87 28.14 25.60
N TRP A 113 -18.92 27.95 26.41
CA TRP A 113 -20.23 28.52 26.12
C TRP A 113 -20.30 30.02 26.27
N VAL A 114 -19.52 30.57 27.21
CA VAL A 114 -19.46 32.01 27.39
C VAL A 114 -18.81 32.60 26.13
N CYS A 115 -17.73 31.97 25.65
CA CYS A 115 -17.04 32.43 24.44
C CYS A 115 -17.92 32.42 23.21
N LEU A 116 -18.70 31.35 23.03
CA LEU A 116 -19.60 31.25 21.88
C LEU A 116 -20.64 32.34 21.95
N ASN A 117 -21.26 32.50 23.11
CA ASN A 117 -22.25 33.54 23.30
C ASN A 117 -21.63 34.95 23.05
N ASP A 118 -20.39 35.15 23.50
CA ASP A 118 -19.68 36.42 23.27
C ASP A 118 -19.47 36.65 21.76
N ALA A 119 -19.13 35.60 21.02
CA ALA A 119 -18.94 35.69 19.56
C ALA A 119 -20.22 36.05 18.81
N MET A 120 -21.35 35.56 19.33
CA MET A 120 -22.66 35.83 18.76
C MET A 120 -23.19 37.23 19.13
N THR A 121 -22.58 37.87 20.14
CA THR A 121 -23.04 39.17 20.63
C THR A 121 -22.32 40.32 19.94
N TRP A 122 -23.08 41.09 19.17
CA TRP A 122 -22.54 42.22 18.44
C TRP A 122 -23.11 43.53 18.97
N ARG A 123 -22.39 44.61 18.69
CA ARG A 123 -22.81 45.95 19.05
C ARG A 123 -22.75 46.78 17.78
N ASN A 124 -23.84 47.49 17.48
CA ASN A 124 -23.94 48.30 16.27
C ASN A 124 -23.44 49.74 16.49
N PRO A 125 -22.25 50.07 15.94
CA PRO A 125 -21.69 51.42 16.13
C PRO A 125 -22.55 52.55 15.52
N ASN A 126 -23.33 52.23 14.49
CA ASN A 126 -24.21 53.22 13.84
C ASN A 126 -25.56 53.42 14.56
N ASP A 127 -25.76 52.75 15.71
CA ASP A 127 -27.03 52.85 16.43
C ASP A 127 -26.84 52.67 17.94
N LYS A 128 -26.20 53.63 18.58
CA LYS A 128 -25.93 53.66 20.03
C LYS A 128 -25.32 52.38 20.66
N ASP A 129 -24.65 51.58 19.83
CA ASP A 129 -24.05 50.34 20.28
C ASP A 129 -25.08 49.36 20.89
N LYS A 130 -26.25 49.30 20.24
CA LYS A 130 -27.29 48.37 20.63
C LYS A 130 -26.85 46.94 20.39
N ILE A 131 -27.24 46.05 21.28
CA ILE A 131 -26.90 44.65 21.12
C ILE A 131 -27.65 44.10 19.89
N CYS A 132 -26.94 43.33 19.08
CA CYS A 132 -27.51 42.68 17.90
C CYS A 132 -26.73 41.38 17.65
N GLY A 133 -27.15 40.62 16.65
CA GLY A 133 -26.49 39.36 16.32
C GLY A 133 -25.74 39.43 15.01
N PRO A 134 -25.17 38.30 14.58
CA PRO A 134 -24.47 38.27 13.31
C PRO A 134 -25.40 38.26 12.12
N ASN A 135 -24.87 38.65 10.96
CA ASN A 135 -25.60 38.56 9.70
C ASN A 135 -25.46 37.14 9.16
N LEU A 136 -24.25 36.59 9.31
CA LEU A 136 -23.90 35.26 8.82
C LEU A 136 -23.13 34.47 9.87
N ILE A 137 -23.23 33.15 9.76
CA ILE A 137 -22.55 32.24 10.67
C ILE A 137 -21.71 31.19 9.92
N VAL A 138 -20.46 31.01 10.37
CA VAL A 138 -19.56 29.93 9.88
C VAL A 138 -19.56 28.96 11.08
N ASP A 139 -20.18 27.80 10.92
CA ASP A 139 -20.34 26.84 12.02
C ASP A 139 -19.70 25.49 11.69
N ASP A 140 -19.23 24.81 12.73
CA ASP A 140 -18.58 23.51 12.62
C ASP A 140 -19.07 22.72 13.83
N GLY A 141 -20.00 21.81 13.57
CA GLY A 141 -20.62 20.98 14.62
C GLY A 141 -22.02 21.46 15.01
N GLY A 142 -22.34 22.70 14.64
CA GLY A 142 -23.67 23.23 14.91
C GLY A 142 -23.88 23.89 16.26
N ASP A 143 -22.84 24.10 17.05
CA ASP A 143 -23.05 24.76 18.37
C ASP A 143 -23.59 26.20 18.27
N ALA A 144 -23.10 26.97 17.30
CA ALA A 144 -23.60 28.34 17.13
C ALA A 144 -25.07 28.30 16.70
N THR A 145 -25.38 27.41 15.78
CA THR A 145 -26.74 27.24 15.30
C THR A 145 -27.63 26.73 16.45
N LEU A 146 -27.08 25.84 17.28
CA LEU A 146 -27.82 25.28 18.41
C LEU A 146 -28.16 26.34 19.47
N ILE A 147 -27.18 27.15 19.87
CA ILE A 147 -27.45 28.17 20.89
C ILE A 147 -28.51 29.18 20.43
N LEU A 148 -28.58 29.42 19.11
CA LEU A 148 -29.58 30.34 18.55
C LEU A 148 -30.97 29.74 18.67
N HIS A 149 -31.13 28.53 18.15
CA HIS A 149 -32.44 27.83 18.19
C HIS A 149 -32.89 27.47 19.60
N GLU A 150 -31.95 27.11 20.47
CA GLU A 150 -32.29 26.79 21.86
C GLU A 150 -32.67 28.08 22.59
N GLY A 151 -32.03 29.18 22.19
CA GLY A 151 -32.34 30.49 22.75
C GLY A 151 -33.77 30.91 22.39
N VAL A 152 -34.13 30.77 21.11
CA VAL A 152 -35.48 31.11 20.64
C VAL A 152 -36.51 30.26 21.39
N LYS A 153 -36.21 28.98 21.50
CA LYS A 153 -37.05 28.03 22.21
C LYS A 153 -37.20 28.45 23.70
N ALA A 154 -36.11 28.87 24.32
CA ALA A 154 -36.13 29.29 25.74
C ALA A 154 -36.96 30.56 25.92
N GLU A 155 -36.88 31.48 24.96
CA GLU A 155 -37.65 32.72 25.03
C GLU A 155 -39.15 32.48 24.86
N ILE A 156 -39.53 31.62 23.91
CA ILE A 156 -40.95 31.31 23.69
C ILE A 156 -41.55 30.67 24.96
N GLU A 157 -40.80 29.75 25.54
CA GLU A 157 -41.21 29.06 26.77
C GLU A 157 -41.29 30.06 27.93
N TYR A 158 -40.37 31.03 27.93
CA TYR A 158 -40.33 32.06 28.97
C TYR A 158 -41.58 32.92 28.92
N GLU A 159 -41.98 33.38 27.72
CA GLU A 159 -43.19 34.20 27.59
C GLU A 159 -44.47 33.45 27.88
N LYS A 160 -44.51 32.18 27.48
CA LYS A 160 -45.68 31.32 27.66
C LYS A 160 -46.16 31.27 29.13
N TYR A 161 -45.23 31.20 30.08
CA TYR A 161 -45.56 31.16 31.52
C TYR A 161 -45.01 32.37 32.31
N ASN A 162 -44.31 33.27 31.64
CA ASN A 162 -43.70 34.46 32.24
C ASN A 162 -42.73 34.17 33.42
N LYS A 163 -41.90 33.16 33.24
CA LYS A 163 -40.89 32.79 34.23
C LYS A 163 -39.78 31.99 33.54
N ILE A 164 -38.66 31.79 34.25
CA ILE A 164 -37.54 31.02 33.71
C ILE A 164 -38.02 29.59 33.51
N PRO A 165 -37.81 29.01 32.30
CA PRO A 165 -38.24 27.62 32.09
C PRO A 165 -37.57 26.66 33.07
N GLU A 166 -38.34 25.69 33.58
CA GLU A 166 -37.84 24.73 34.56
C GLU A 166 -36.70 23.86 34.03
N TYR A 167 -36.74 23.49 32.75
CA TYR A 167 -35.69 22.65 32.16
C TYR A 167 -34.30 23.32 32.18
N LEU A 168 -34.26 24.65 32.25
CA LEU A 168 -32.98 25.37 32.30
C LEU A 168 -32.37 25.35 33.70
N GLU A 169 -33.21 25.16 34.72
CA GLU A 169 -32.74 25.18 36.12
C GLU A 169 -32.51 23.80 36.76
N THR A 170 -32.76 22.72 36.04
CA THR A 170 -32.52 21.39 36.60
C THR A 170 -31.25 20.77 35.99
N GLU A 171 -30.65 19.86 36.74
CA GLU A 171 -29.47 19.13 36.31
C GLU A 171 -29.84 17.81 35.62
N LEU A 172 -31.13 17.49 35.57
CA LEU A 172 -31.60 16.26 34.98
C LEU A 172 -32.36 16.50 33.68
N ASP A 173 -32.37 15.49 32.81
CA ASP A 173 -33.08 15.59 31.53
C ASP A 173 -34.51 15.07 31.70
N GLU A 174 -35.24 14.97 30.59
CA GLU A 174 -36.65 14.49 30.57
C GLU A 174 -36.91 13.21 31.38
N ASN A 175 -35.87 12.39 31.60
CA ASN A 175 -36.02 11.13 32.34
C ASN A 175 -34.90 10.81 33.35
N GLY A 176 -34.75 11.69 34.33
CA GLY A 176 -33.82 11.53 35.46
C GLY A 176 -32.32 11.33 35.27
N LYS A 177 -31.82 11.42 34.04
CA LYS A 177 -30.38 11.24 33.81
C LYS A 177 -29.68 12.60 33.89
N GLN A 178 -28.46 12.61 34.44
CA GLN A 178 -27.67 13.84 34.58
C GLN A 178 -27.32 14.41 33.20
N LEU A 179 -27.75 15.63 32.92
CA LEU A 179 -27.46 16.33 31.66
C LEU A 179 -25.97 16.43 31.44
N SER A 180 -25.53 16.42 30.20
CA SER A 180 -24.11 16.58 29.90
C SER A 180 -23.64 17.95 30.42
N MET A 181 -22.38 18.07 30.75
CA MET A 181 -21.84 19.34 31.22
C MET A 181 -22.03 20.45 30.15
N ASP A 182 -21.92 20.08 28.85
CA ASP A 182 -22.12 21.07 27.76
C ASP A 182 -23.52 21.67 27.78
N LEU A 183 -24.54 20.84 28.01
CA LEU A 183 -25.92 21.34 28.09
C LEU A 183 -26.13 22.20 29.33
N LYS A 184 -25.58 21.80 30.46
CA LYS A 184 -25.72 22.58 31.70
C LYS A 184 -25.06 23.94 31.51
N CYS A 185 -23.90 23.95 30.88
CA CYS A 185 -23.19 25.19 30.63
C CYS A 185 -23.88 26.09 29.59
N MET A 186 -24.53 25.49 28.58
CA MET A 186 -25.27 26.28 27.59
C MET A 186 -26.52 26.83 28.25
N TYR A 187 -27.19 26.02 29.06
CA TYR A 187 -28.41 26.45 29.73
C TYR A 187 -28.15 27.59 30.72
N LYS A 188 -26.98 27.55 31.37
CA LYS A 188 -26.60 28.59 32.33
C LYS A 188 -26.50 29.94 31.59
N VAL A 189 -25.92 29.93 30.39
CA VAL A 189 -25.83 31.13 29.56
C VAL A 189 -27.22 31.58 29.09
N LEU A 190 -28.05 30.63 28.66
CA LEU A 190 -29.40 30.96 28.19
C LEU A 190 -30.27 31.57 29.29
N LYS A 191 -30.12 31.08 30.51
CA LYS A 191 -30.86 31.63 31.65
C LYS A 191 -30.34 33.05 31.89
N MET A 192 -29.03 33.21 31.84
CA MET A 192 -28.40 34.51 32.07
C MET A 192 -28.89 35.54 31.04
N GLU A 193 -29.06 35.12 29.78
CA GLU A 193 -29.56 36.03 28.75
C GLU A 193 -31.07 36.31 28.83
N LEU A 194 -31.86 35.37 29.36
CA LEU A 194 -33.30 35.60 29.53
C LEU A 194 -33.55 36.72 30.52
N LEU A 195 -32.76 36.74 31.59
CA LEU A 195 -32.88 37.76 32.63
C LEU A 195 -32.47 39.16 32.14
N LYS A 196 -31.53 39.23 31.19
CA LYS A 196 -31.10 40.54 30.63
C LYS A 196 -32.07 41.07 29.57
N ASN A 197 -32.47 40.19 28.65
CA ASN A 197 -33.39 40.57 27.58
C ASN A 197 -34.00 39.32 26.97
N PRO A 198 -35.27 39.01 27.32
CA PRO A 198 -35.91 37.82 26.75
C PRO A 198 -36.34 37.93 25.27
N PHE A 199 -35.94 38.99 24.56
CA PHE A 199 -36.26 39.15 23.13
C PHE A 199 -34.98 39.10 22.29
N ARG A 200 -33.85 38.90 22.96
CA ARG A 200 -32.53 38.84 22.32
C ARG A 200 -32.40 37.92 21.10
N TRP A 201 -32.70 36.64 21.29
CA TRP A 201 -32.51 35.67 20.21
C TRP A 201 -33.49 35.87 19.06
N ARG A 202 -34.76 36.09 19.38
CA ARG A 202 -35.73 36.34 18.32
C ARG A 202 -35.40 37.63 17.60
N GLY A 203 -34.84 38.60 18.33
CA GLY A 203 -34.43 39.87 17.74
C GLY A 203 -33.33 39.69 16.71
N MET A 204 -32.50 38.66 16.88
CA MET A 204 -31.42 38.38 15.94
C MET A 204 -31.86 37.82 14.58
N LEU A 205 -33.02 37.16 14.56
CA LEU A 205 -33.52 36.54 13.34
C LEU A 205 -33.75 37.54 12.20
N LYS A 206 -34.10 38.77 12.55
CA LYS A 206 -34.36 39.79 11.53
C LYS A 206 -33.19 39.99 10.57
N ASP A 207 -31.98 40.11 11.11
CA ASP A 207 -30.76 40.36 10.33
C ASP A 207 -29.93 39.13 9.95
N LEU A 208 -30.41 37.93 10.28
CA LEU A 208 -29.64 36.73 10.05
C LEU A 208 -29.98 36.10 8.70
N TYR A 209 -29.00 36.03 7.80
CA TYR A 209 -29.21 35.53 6.42
C TYR A 209 -28.67 34.14 6.07
N GLY A 210 -28.01 33.49 7.03
CA GLY A 210 -27.54 32.14 6.78
C GLY A 210 -26.40 31.64 7.63
N VAL A 211 -26.20 30.33 7.51
CA VAL A 211 -25.14 29.61 8.19
C VAL A 211 -24.54 28.62 7.21
N SER A 212 -23.22 28.49 7.21
CA SER A 212 -22.50 27.52 6.36
C SER A 212 -21.84 26.53 7.33
N GLU A 213 -22.29 25.28 7.30
CA GLU A 213 -21.83 24.23 8.21
C GLU A 213 -20.71 23.36 7.62
N GLU A 214 -19.63 23.23 8.39
CA GLU A 214 -18.43 22.50 8.01
C GLU A 214 -18.46 20.96 8.05
N THR A 215 -19.02 20.38 9.12
CA THR A 215 -18.86 18.95 9.33
C THR A 215 -20.12 18.13 9.34
N THR A 216 -19.92 16.82 9.19
CA THR A 216 -20.99 15.83 9.06
C THR A 216 -22.01 15.87 10.21
N THR A 217 -21.51 15.97 11.44
CA THR A 217 -22.36 16.04 12.62
C THR A 217 -23.23 17.32 12.61
N GLY A 218 -22.67 18.43 12.16
CA GLY A 218 -23.45 19.67 12.09
C GLY A 218 -24.56 19.59 11.05
N VAL A 219 -24.25 18.98 9.92
CA VAL A 219 -25.20 18.78 8.83
C VAL A 219 -26.35 17.92 9.33
N LEU A 220 -26.01 16.90 10.10
CA LEU A 220 -27.01 16.00 10.68
C LEU A 220 -28.01 16.81 11.51
N ARG A 221 -27.48 17.71 12.34
CA ARG A 221 -28.31 18.57 13.15
C ARG A 221 -29.17 19.51 12.27
N LEU A 222 -28.60 20.07 11.21
CA LEU A 222 -29.36 20.93 10.31
C LEU A 222 -30.50 20.16 9.65
N LYS A 223 -30.21 18.94 9.19
CA LYS A 223 -31.22 18.11 8.51
C LYS A 223 -32.39 17.73 9.39
N ILE A 224 -32.11 17.49 10.66
CA ILE A 224 -33.16 17.13 11.63
C ILE A 224 -34.07 18.32 11.83
N MET A 225 -33.49 19.52 12.01
CA MET A 225 -34.30 20.73 12.17
C MET A 225 -35.15 20.96 10.92
N GLU A 226 -34.54 20.85 9.75
CA GLU A 226 -35.25 21.02 8.48
C GLU A 226 -36.46 20.07 8.35
N SER A 227 -36.30 18.78 8.64
CA SER A 227 -37.45 17.86 8.50
C SER A 227 -38.58 18.18 9.49
N GLU A 228 -38.23 18.73 10.65
CA GLU A 228 -39.23 19.12 11.67
C GLU A 228 -39.80 20.52 11.40
N GLY A 229 -39.28 21.22 10.41
CA GLY A 229 -39.76 22.57 10.08
C GLY A 229 -39.33 23.60 11.11
N LYS A 230 -38.20 23.37 11.79
CA LYS A 230 -37.70 24.26 12.84
C LYS A 230 -36.45 25.08 12.48
N LEU A 231 -35.93 24.90 11.26
CA LEU A 231 -34.72 25.64 10.83
C LEU A 231 -35.10 27.12 10.68
N LEU A 232 -34.39 28.00 11.39
CA LEU A 232 -34.71 29.43 11.41
C LEU A 232 -33.89 30.33 10.49
N LEU A 233 -33.06 29.76 9.63
CA LEU A 233 -32.29 30.57 8.70
C LEU A 233 -31.79 29.68 7.58
N PRO A 234 -31.46 30.28 6.41
CA PRO A 234 -30.95 29.48 5.31
C PRO A 234 -29.64 28.81 5.70
N ALA A 235 -29.35 27.67 5.10
CA ALA A 235 -28.14 26.92 5.42
C ALA A 235 -27.48 26.32 4.20
N ILE A 236 -26.15 26.32 4.22
CA ILE A 236 -25.38 25.71 3.16
C ILE A 236 -24.55 24.60 3.80
N ASN A 237 -24.64 23.43 3.21
CA ASN A 237 -23.93 22.27 3.67
C ASN A 237 -22.58 22.21 2.95
N VAL A 238 -21.54 22.72 3.62
CA VAL A 238 -20.18 22.74 3.09
C VAL A 238 -19.54 21.36 3.13
N ASN A 239 -19.87 20.57 4.15
CA ASN A 239 -19.28 19.25 4.30
C ASN A 239 -19.48 18.38 3.04
N ASP A 240 -20.67 18.41 2.48
CA ASP A 240 -20.97 17.56 1.33
C ASP A 240 -20.50 18.04 -0.08
N SER A 241 -19.67 19.11 -0.10
CA SER A 241 -19.01 19.48 -1.35
C SER A 241 -18.03 18.33 -1.56
N VAL A 242 -17.79 17.98 -2.81
CA VAL A 242 -16.85 16.89 -3.13
C VAL A 242 -15.45 17.27 -2.64
N THR A 243 -15.04 18.51 -2.93
CA THR A 243 -13.73 19.02 -2.54
C THR A 243 -13.59 19.20 -1.04
N LYS A 244 -14.64 18.84 -0.29
CA LYS A 244 -14.56 18.88 1.16
C LYS A 244 -14.59 17.44 1.68
N SER A 245 -15.78 16.81 1.69
CA SER A 245 -15.92 15.44 2.24
C SER A 245 -14.98 14.36 1.68
N LYS A 246 -14.54 14.49 0.43
CA LYS A 246 -13.63 13.48 -0.17
C LYS A 246 -12.16 13.81 -0.04
N PHE A 247 -11.83 14.91 0.64
CA PHE A 247 -10.45 15.29 0.80
C PHE A 247 -10.15 15.51 2.28
N ASP A 248 -10.82 16.46 2.88
CA ASP A 248 -10.67 16.78 4.30
C ASP A 248 -10.98 15.54 5.16
N ASN A 249 -12.22 15.08 5.10
CA ASN A 249 -12.63 13.96 5.92
C ASN A 249 -11.74 12.73 5.75
N THR A 250 -11.32 12.47 4.52
CA THR A 250 -10.50 11.30 4.21
C THR A 250 -8.98 11.51 4.35
N TYR A 251 -8.39 12.24 3.40
CA TYR A 251 -6.94 12.45 3.39
C TYR A 251 -6.43 13.30 4.56
N GLY A 252 -7.26 14.23 5.04
CA GLY A 252 -6.89 15.05 6.17
C GLY A 252 -6.68 14.19 7.40
N CYS A 253 -7.68 13.34 7.70
CA CYS A 253 -7.58 12.44 8.84
C CYS A 253 -6.43 11.43 8.67
N ARG A 254 -6.18 10.98 7.43
CA ARG A 254 -5.09 10.02 7.17
C ARG A 254 -3.76 10.48 7.78
N GLN A 255 -3.51 11.79 7.71
CA GLN A 255 -2.30 12.38 8.29
C GLN A 255 -2.52 12.85 9.73
N SER A 256 -3.63 13.56 9.99
CA SER A 256 -3.83 14.14 11.33
C SER A 256 -4.15 13.15 12.44
N LEU A 257 -4.77 12.02 12.10
CA LEU A 257 -5.01 10.98 13.11
C LEU A 257 -3.66 10.49 13.59
N LEU A 258 -2.77 10.15 12.65
CA LEU A 258 -1.44 9.67 13.00
C LEU A 258 -0.70 10.68 13.87
N HIS A 259 -0.79 11.96 13.53
CA HIS A 259 -0.10 13.00 14.32
C HIS A 259 -0.59 12.94 15.76
N GLY A 260 -1.92 12.86 15.92
CA GLY A 260 -2.56 12.80 17.24
C GLY A 260 -2.15 11.59 18.02
N LEU A 261 -2.20 10.43 17.37
CA LEU A 261 -1.77 9.21 18.01
C LEU A 261 -0.30 9.26 18.33
N PHE A 262 0.54 9.76 17.43
CA PHE A 262 1.97 9.80 17.74
C PHE A 262 2.25 10.66 18.97
N ASN A 263 1.54 11.79 19.10
CA ASN A 263 1.73 12.69 20.23
C ASN A 263 1.14 12.14 21.53
N GLY A 264 0.03 11.42 21.45
CA GLY A 264 -0.67 10.93 22.67
C GLY A 264 -0.33 9.52 23.12
N CYS A 265 -0.08 8.67 22.13
CA CYS A 265 0.24 7.27 22.36
C CYS A 265 1.73 7.01 22.11
N ILE A 266 2.45 6.62 23.14
CA ILE A 266 3.89 6.37 23.03
C ILE A 266 4.23 5.10 22.25
N GLN A 267 3.30 4.14 22.20
CA GLN A 267 3.56 2.85 21.56
C GLN A 267 3.64 2.84 20.04
N MET A 268 4.27 1.78 19.55
CA MET A 268 4.44 1.56 18.15
C MET A 268 3.11 1.06 17.59
N LEU A 269 2.65 1.67 16.50
CA LEU A 269 1.40 1.26 15.86
C LEU A 269 1.57 0.02 15.03
N ALA A 270 2.78 -0.23 14.55
CA ALA A 270 3.03 -1.41 13.72
C ALA A 270 2.76 -2.74 14.44
N GLY A 271 2.05 -3.63 13.76
CA GLY A 271 1.71 -4.93 14.30
C GLY A 271 0.53 -4.92 15.26
N LYS A 272 0.12 -3.74 15.73
CA LYS A 272 -1.01 -3.64 16.63
C LYS A 272 -2.33 -3.84 15.92
N LYS A 273 -3.27 -4.46 16.65
CA LYS A 273 -4.64 -4.61 16.16
C LYS A 273 -5.34 -3.33 16.58
N ILE A 274 -5.71 -2.52 15.59
CA ILE A 274 -6.36 -1.25 15.86
C ILE A 274 -7.73 -1.29 15.26
N VAL A 275 -8.73 -1.07 16.12
CA VAL A 275 -10.11 -1.11 15.71
C VAL A 275 -10.56 0.29 15.30
N VAL A 276 -11.03 0.40 14.05
CA VAL A 276 -11.57 1.67 13.57
C VAL A 276 -13.08 1.46 13.53
N LEU A 277 -13.79 2.12 14.45
CA LEU A 277 -15.24 2.00 14.52
C LEU A 277 -15.84 3.06 13.59
N GLY A 278 -16.43 2.60 12.50
CA GLY A 278 -17.00 3.46 11.50
C GLY A 278 -16.07 3.52 10.31
N TYR A 279 -16.60 3.16 9.14
CA TYR A 279 -15.82 3.15 7.91
C TYR A 279 -16.48 4.03 6.85
N GLY A 280 -16.68 5.28 7.23
CA GLY A 280 -17.26 6.29 6.36
C GLY A 280 -16.12 7.09 5.76
N GLU A 281 -16.36 8.35 5.42
CA GLU A 281 -15.29 9.15 4.82
C GLU A 281 -14.07 9.29 5.76
N VAL A 282 -14.34 9.53 7.05
CA VAL A 282 -13.29 9.67 8.05
C VAL A 282 -12.63 8.31 8.34
N GLY A 283 -13.45 7.31 8.62
CA GLY A 283 -12.91 5.99 8.88
C GLY A 283 -12.03 5.44 7.77
N LYS A 284 -12.33 5.78 6.51
CA LYS A 284 -11.53 5.29 5.36
C LYS A 284 -10.12 5.88 5.39
N GLY A 285 -10.02 7.18 5.69
CA GLY A 285 -8.74 7.86 5.78
C GLY A 285 -7.92 7.34 6.95
N CYS A 286 -8.59 7.11 8.08
CA CYS A 286 -7.93 6.61 9.29
C CYS A 286 -7.28 5.24 9.04
N ALA A 287 -8.05 4.32 8.48
CA ALA A 287 -7.57 2.97 8.21
C ALA A 287 -6.37 2.98 7.27
N GLN A 288 -6.45 3.81 6.24
CA GLN A 288 -5.37 3.93 5.24
C GLN A 288 -4.09 4.43 5.91
N GLY A 289 -4.23 5.42 6.80
CA GLY A 289 -3.08 5.95 7.55
C GLY A 289 -2.48 4.89 8.45
N LEU A 290 -3.33 4.24 9.24
CA LEU A 290 -2.91 3.18 10.17
C LEU A 290 -2.17 2.04 9.46
N SER A 291 -2.73 1.57 8.34
CA SER A 291 -2.10 0.51 7.52
C SER A 291 -0.80 1.00 6.96
N GLY A 292 -0.77 2.27 6.60
CA GLY A 292 0.42 2.87 6.05
C GLY A 292 1.62 2.77 6.97
N VAL A 293 1.39 2.62 8.28
CA VAL A 293 2.48 2.49 9.24
C VAL A 293 2.55 1.09 9.91
N GLY A 294 1.99 0.11 9.20
CA GLY A 294 2.05 -1.30 9.63
C GLY A 294 1.06 -1.87 10.60
N ALA A 295 0.01 -1.12 10.94
CA ALA A 295 -0.99 -1.62 11.88
C ALA A 295 -1.91 -2.58 11.19
N ARG A 296 -2.52 -3.47 11.96
CA ARG A 296 -3.51 -4.37 11.43
C ARG A 296 -4.86 -3.78 11.84
N VAL A 297 -5.57 -3.25 10.86
CA VAL A 297 -6.85 -2.57 11.10
C VAL A 297 -8.04 -3.50 11.10
N ILE A 298 -8.87 -3.38 12.13
CA ILE A 298 -10.11 -4.13 12.26
C ILE A 298 -11.21 -3.08 12.24
N VAL A 299 -12.20 -3.27 11.37
CA VAL A 299 -13.30 -2.30 11.21
C VAL A 299 -14.62 -2.79 11.81
N THR A 300 -15.43 -1.86 12.31
CA THR A 300 -16.79 -2.17 12.77
C THR A 300 -17.68 -1.25 11.93
N GLU A 301 -18.84 -1.76 11.54
CA GLU A 301 -19.82 -1.01 10.75
C GLU A 301 -21.22 -1.51 10.95
N ILE A 302 -22.15 -0.59 10.71
CA ILE A 302 -23.58 -0.87 10.73
C ILE A 302 -24.18 -0.90 9.31
N ASP A 303 -23.46 -0.28 8.37
CA ASP A 303 -23.91 -0.16 6.99
C ASP A 303 -23.25 -1.29 6.17
N PRO A 304 -24.07 -2.17 5.55
CA PRO A 304 -23.51 -3.29 4.79
C PRO A 304 -22.64 -2.87 3.61
N ILE A 305 -22.93 -1.73 2.97
CA ILE A 305 -22.11 -1.24 1.86
C ILE A 305 -20.74 -0.87 2.38
N CYS A 306 -20.68 -0.01 3.40
CA CYS A 306 -19.38 0.38 3.99
C CYS A 306 -18.60 -0.84 4.51
N ALA A 307 -19.30 -1.78 5.13
CA ALA A 307 -18.64 -3.00 5.63
C ALA A 307 -17.96 -3.75 4.49
N LEU A 308 -18.65 -3.90 3.35
CA LEU A 308 -18.04 -4.58 2.18
C LEU A 308 -16.86 -3.80 1.61
N GLN A 309 -16.95 -2.48 1.60
CA GLN A 309 -15.84 -1.69 1.10
C GLN A 309 -14.59 -1.99 1.95
N ALA A 310 -14.77 -2.06 3.27
CA ALA A 310 -13.64 -2.35 4.16
C ALA A 310 -13.01 -3.71 3.82
N SER A 311 -13.86 -4.71 3.60
CA SER A 311 -13.42 -6.05 3.29
C SER A 311 -12.67 -6.07 1.96
N MET A 312 -13.12 -5.26 0.99
CA MET A 312 -12.40 -5.17 -0.31
C MET A 312 -11.00 -4.57 -0.18
N GLU A 313 -10.74 -3.84 0.91
CA GLU A 313 -9.39 -3.29 1.16
C GLU A 313 -8.55 -4.22 2.04
N GLY A 314 -9.06 -5.43 2.31
CA GLY A 314 -8.31 -6.39 3.10
C GLY A 314 -8.44 -6.30 4.61
N TYR A 315 -9.44 -5.56 5.10
CA TYR A 315 -9.66 -5.41 6.54
C TYR A 315 -10.70 -6.35 7.10
N GLN A 316 -10.37 -6.95 8.24
CA GLN A 316 -11.31 -7.77 8.98
C GLN A 316 -12.44 -6.81 9.45
N VAL A 317 -13.68 -7.27 9.35
CA VAL A 317 -14.83 -6.51 9.81
C VAL A 317 -15.52 -7.34 10.89
N SER A 318 -15.48 -6.85 12.14
CA SER A 318 -16.07 -7.54 13.29
C SER A 318 -16.96 -6.61 14.09
N VAL A 319 -17.69 -7.21 15.05
CA VAL A 319 -18.50 -6.42 15.98
C VAL A 319 -17.54 -6.17 17.16
N LEU A 320 -17.68 -5.03 17.84
CA LEU A 320 -16.76 -4.69 18.94
C LEU A 320 -16.63 -5.79 19.99
N GLU A 321 -17.75 -6.40 20.38
CA GLU A 321 -17.74 -7.46 21.41
C GLU A 321 -16.81 -8.66 21.12
N ASP A 322 -16.57 -8.96 19.86
CA ASP A 322 -15.71 -10.09 19.50
C ASP A 322 -14.22 -9.76 19.48
N VAL A 323 -13.86 -8.47 19.51
CA VAL A 323 -12.45 -8.07 19.50
C VAL A 323 -12.05 -7.13 20.65
N VAL A 324 -13.00 -6.75 21.50
CA VAL A 324 -12.70 -5.80 22.59
C VAL A 324 -11.61 -6.24 23.59
N SER A 325 -11.62 -7.52 23.96
N SER A 325 -11.43 -7.56 23.73
CA SER A 325 -10.65 -8.04 24.95
CA SER A 325 -10.40 -8.12 24.63
C SER A 325 -9.24 -8.24 24.38
C SER A 325 -9.04 -8.34 23.92
N GLU A 326 -9.15 -8.41 23.05
N GLU A 326 -9.02 -8.56 22.61
CA GLU A 326 -7.88 -8.66 22.32
CA GLU A 326 -7.75 -8.79 21.93
C GLU A 326 -7.17 -7.48 21.59
C GLU A 326 -7.15 -7.55 21.30
N ALA A 327 -7.94 -6.49 21.12
CA ALA A 327 -7.39 -5.29 20.42
C ALA A 327 -6.52 -4.40 21.30
N ASP A 328 -5.62 -3.67 20.66
CA ASP A 328 -4.66 -2.80 21.35
C ASP A 328 -5.09 -1.34 21.42
N ILE A 329 -5.66 -0.85 20.33
CA ILE A 329 -6.09 0.54 20.22
C ILE A 329 -7.49 0.61 19.61
N PHE A 330 -8.30 1.55 20.10
CA PHE A 330 -9.67 1.76 19.63
C PHE A 330 -9.85 3.20 19.18
N ILE A 331 -10.30 3.39 17.93
CA ILE A 331 -10.53 4.73 17.35
C ILE A 331 -11.99 4.85 16.86
N THR A 332 -12.76 5.74 17.48
CA THR A 332 -14.18 5.92 17.08
C THR A 332 -14.27 7.01 16.00
N ALA A 333 -14.95 6.69 14.90
CA ALA A 333 -15.14 7.62 13.77
C ALA A 333 -16.56 7.48 13.19
N THR A 334 -17.55 7.37 14.08
CA THR A 334 -18.95 7.13 13.71
C THR A 334 -19.89 8.32 13.61
N GLY A 335 -19.65 9.35 14.43
CA GLY A 335 -20.55 10.50 14.53
C GLY A 335 -21.81 10.08 15.28
N ASN A 336 -21.71 9.01 16.06
CA ASN A 336 -22.83 8.42 16.80
C ASN A 336 -22.51 8.53 18.32
N LYS A 337 -23.28 7.82 19.15
CA LYS A 337 -23.04 7.86 20.59
C LYS A 337 -23.04 6.47 21.17
N ASP A 338 -22.43 6.35 22.35
CA ASP A 338 -22.36 5.08 23.09
C ASP A 338 -21.77 3.95 22.25
N VAL A 339 -20.66 4.24 21.60
CA VAL A 339 -19.98 3.27 20.74
C VAL A 339 -19.00 2.46 21.59
N ILE A 340 -18.39 3.11 22.58
CA ILE A 340 -17.49 2.47 23.51
C ILE A 340 -18.02 2.86 24.88
N THR A 341 -18.50 1.84 25.61
CA THR A 341 -19.11 2.00 26.92
C THR A 341 -18.11 1.66 27.99
N VAL A 342 -18.51 1.90 29.22
CA VAL A 342 -17.67 1.56 30.36
C VAL A 342 -17.53 0.04 30.41
N GLU A 343 -18.59 -0.70 30.11
CA GLU A 343 -18.50 -2.16 30.11
C GLU A 343 -17.53 -2.67 29.07
N HIS A 344 -17.39 -1.96 27.94
CA HIS A 344 -16.42 -2.37 26.94
C HIS A 344 -15.03 -2.13 27.52
N MET A 345 -14.86 -0.95 28.12
CA MET A 345 -13.58 -0.56 28.70
C MET A 345 -13.03 -1.53 29.75
N ARG A 346 -13.91 -2.06 30.59
CA ARG A 346 -13.52 -3.01 31.63
C ARG A 346 -12.97 -4.33 31.09
N LYS A 347 -13.35 -4.67 29.85
CA LYS A 347 -12.88 -5.89 29.19
C LYS A 347 -11.57 -5.72 28.41
N MET A 348 -11.13 -4.50 28.18
CA MET A 348 -9.92 -4.24 27.40
C MET A 348 -8.65 -4.71 28.09
N LYS A 349 -7.65 -5.07 27.28
CA LYS A 349 -6.36 -5.53 27.84
C LYS A 349 -5.62 -4.37 28.51
N GLU A 350 -4.64 -4.73 29.33
CA GLU A 350 -3.82 -3.78 30.08
C GLU A 350 -3.19 -2.72 29.17
N ASN A 351 -3.47 -1.46 29.48
CA ASN A 351 -2.97 -0.31 28.73
C ASN A 351 -3.44 -0.22 27.30
N ALA A 352 -4.69 -0.56 27.08
CA ALA A 352 -5.28 -0.40 25.77
C ALA A 352 -5.50 1.10 25.64
N TYR A 353 -5.28 1.63 24.45
CA TYR A 353 -5.49 3.05 24.17
C TYR A 353 -6.86 3.26 23.54
N ILE A 354 -7.49 4.37 23.89
CA ILE A 354 -8.80 4.72 23.36
C ILE A 354 -8.77 6.19 22.90
N ALA A 355 -9.37 6.43 21.76
CA ALA A 355 -9.46 7.77 21.21
C ALA A 355 -10.63 7.87 20.26
N ASN A 356 -11.08 9.11 20.11
CA ASN A 356 -12.18 9.46 19.23
C ASN A 356 -11.73 10.53 18.26
N ILE A 357 -12.22 10.44 17.02
CA ILE A 357 -11.90 11.43 16.00
C ILE A 357 -13.19 12.05 15.41
N GLY A 358 -14.34 11.60 15.89
CA GLY A 358 -15.62 12.17 15.46
C GLY A 358 -15.77 13.53 16.11
N HIS A 359 -16.71 14.34 15.64
CA HIS A 359 -16.82 15.70 16.15
C HIS A 359 -17.02 15.87 17.66
N PHE A 360 -17.91 15.07 18.25
CA PHE A 360 -18.19 15.14 19.68
C PHE A 360 -17.69 13.93 20.45
N ASP A 361 -17.41 14.19 21.72
CA ASP A 361 -16.95 13.21 22.67
C ASP A 361 -17.98 12.11 23.01
N ASP A 362 -19.24 12.30 22.63
CA ASP A 362 -20.33 11.32 22.91
C ASP A 362 -20.08 9.90 22.45
N GLU A 363 -19.14 9.71 21.52
CA GLU A 363 -18.86 8.37 21.01
C GLU A 363 -18.36 7.42 22.11
N ILE A 364 -17.73 7.99 23.12
CA ILE A 364 -17.15 7.25 24.24
C ILE A 364 -17.82 7.72 25.53
N ASP A 365 -18.17 6.79 26.43
CA ASP A 365 -18.81 7.16 27.69
C ASP A 365 -17.74 7.66 28.65
N VAL A 366 -17.27 8.88 28.40
CA VAL A 366 -16.21 9.48 29.20
C VAL A 366 -16.72 9.80 30.59
N TYR A 367 -17.96 10.27 30.68
CA TYR A 367 -18.56 10.58 31.99
C TYR A 367 -18.65 9.31 32.85
N GLY A 368 -19.12 8.22 32.26
CA GLY A 368 -19.25 6.93 32.95
C GLY A 368 -17.92 6.43 33.49
N LEU A 369 -16.86 6.65 32.71
CA LEU A 369 -15.51 6.24 33.10
C LEU A 369 -14.98 7.12 34.24
N GLU A 370 -15.08 8.44 34.10
CA GLU A 370 -14.62 9.38 35.12
C GLU A 370 -15.34 9.24 36.46
N ASN A 371 -16.61 8.82 36.43
CA ASN A 371 -17.43 8.64 37.65
C ASN A 371 -17.55 7.19 38.11
N TYR A 372 -16.81 6.28 37.48
CA TYR A 372 -16.87 4.88 37.89
C TYR A 372 -16.44 4.83 39.37
N PRO A 373 -17.23 4.17 40.24
CA PRO A 373 -16.86 4.15 41.67
C PRO A 373 -15.51 3.50 41.95
N GLY A 374 -14.60 4.28 42.55
CA GLY A 374 -13.26 3.80 42.88
C GLY A 374 -12.25 3.86 41.73
N ILE A 375 -12.58 4.56 40.65
CA ILE A 375 -11.66 4.69 39.52
C ILE A 375 -10.49 5.58 39.98
N LYS A 376 -9.31 5.28 39.47
CA LYS A 376 -8.10 6.04 39.79
C LYS A 376 -7.62 6.66 38.47
N VAL A 377 -7.32 7.96 38.47
CA VAL A 377 -6.86 8.63 37.26
C VAL A 377 -5.51 9.33 37.45
N ILE A 378 -4.65 9.15 36.46
CA ILE A 378 -3.30 9.73 36.40
C ILE A 378 -3.18 10.49 35.09
N GLU A 379 -2.50 11.64 35.16
CA GLU A 379 -2.25 12.41 33.97
C GLU A 379 -0.90 11.95 33.45
N VAL A 380 -0.89 11.25 32.32
CA VAL A 380 0.33 10.77 31.66
C VAL A 380 1.11 11.94 31.04
N LYS A 381 0.40 12.79 30.29
CA LYS A 381 0.95 14.00 29.69
C LYS A 381 -0.23 14.93 29.43
N GLN A 382 0.01 16.11 28.85
CA GLN A 382 -1.09 17.03 28.62
C GLN A 382 -2.16 16.34 27.76
N ASN A 383 -3.37 16.31 28.29
CA ASN A 383 -4.54 15.74 27.63
C ASN A 383 -4.44 14.22 27.32
N VAL A 384 -3.78 13.48 28.22
CA VAL A 384 -3.68 12.02 28.10
C VAL A 384 -3.81 11.51 29.53
N HIS A 385 -4.77 10.62 29.78
CA HIS A 385 -5.02 10.14 31.14
C HIS A 385 -5.14 8.63 31.20
N LYS A 386 -4.64 8.04 32.28
CA LYS A 386 -4.72 6.59 32.48
C LYS A 386 -5.71 6.34 33.61
N PHE A 387 -6.71 5.50 33.34
CA PHE A 387 -7.75 5.16 34.29
C PHE A 387 -7.57 3.72 34.72
N THR A 388 -7.57 3.47 36.02
CA THR A 388 -7.39 2.15 36.56
C THR A 388 -8.63 1.71 37.34
N PHE A 389 -9.20 0.57 36.98
CA PHE A 389 -10.38 0.02 37.66
C PHE A 389 -9.96 -0.65 38.97
N PRO A 390 -10.73 -0.45 40.05
CA PRO A 390 -10.36 -1.02 41.36
C PRO A 390 -10.43 -2.55 41.48
N ASP A 391 -11.44 -3.18 40.90
CA ASP A 391 -11.58 -4.65 40.99
C ASP A 391 -10.48 -5.45 40.28
N THR A 392 -10.24 -5.13 39.00
CA THR A 392 -9.23 -5.83 38.19
C THR A 392 -7.83 -5.22 38.28
N GLN A 393 -7.73 -3.95 38.64
CA GLN A 393 -6.45 -3.21 38.67
C GLN A 393 -5.85 -3.06 37.26
N LYS A 394 -6.69 -3.24 36.22
CA LYS A 394 -6.24 -3.05 34.83
C LYS A 394 -6.50 -1.60 34.45
N SER A 395 -5.73 -1.10 33.49
CA SER A 395 -5.88 0.29 33.06
C SER A 395 -6.15 0.47 31.56
N VAL A 396 -6.72 1.63 31.23
CA VAL A 396 -6.96 2.04 29.85
C VAL A 396 -6.45 3.46 29.77
N ILE A 397 -6.00 3.85 28.60
CA ILE A 397 -5.45 5.19 28.43
C ILE A 397 -6.29 5.91 27.39
N LEU A 398 -6.94 6.98 27.83
CA LEU A 398 -7.81 7.79 27.00
C LEU A 398 -7.11 9.06 26.51
N LEU A 399 -7.14 9.31 25.21
CA LEU A 399 -6.53 10.51 24.67
C LEU A 399 -7.55 11.64 24.69
N CYS A 400 -7.10 12.80 25.19
CA CYS A 400 -7.88 14.04 25.34
C CYS A 400 -9.36 13.94 25.70
N LYS A 401 -9.63 13.20 26.78
CA LYS A 401 -10.98 13.01 27.30
C LYS A 401 -12.05 12.69 26.24
N GLY A 402 -11.66 11.96 25.21
CA GLY A 402 -12.58 11.58 24.13
C GLY A 402 -12.87 12.65 23.09
N ARG A 403 -12.21 13.81 23.19
CA ARG A 403 -12.40 14.88 22.21
C ARG A 403 -11.65 14.54 20.92
N LEU A 404 -12.06 15.13 19.79
CA LEU A 404 -11.43 14.81 18.49
C LEU A 404 -9.90 14.86 18.65
N VAL A 405 -9.29 13.68 18.54
CA VAL A 405 -7.87 13.49 18.84
C VAL A 405 -6.87 14.22 17.92
N ASN A 406 -7.23 14.38 16.65
CA ASN A 406 -6.33 15.07 15.75
C ASN A 406 -6.16 16.53 16.13
N LEU A 407 -7.17 17.13 16.75
CA LEU A 407 -7.12 18.56 17.19
C LEU A 407 -6.87 18.72 18.69
N GLY A 408 -7.16 17.67 19.45
CA GLY A 408 -6.95 17.68 20.90
C GLY A 408 -5.51 17.33 21.28
N CYS A 409 -4.94 16.32 20.61
CA CYS A 409 -3.55 15.87 20.85
C CYS A 409 -2.57 16.31 19.79
N ALA A 410 -3.05 17.00 18.76
CA ALA A 410 -2.17 17.52 17.69
C ALA A 410 -2.81 18.79 17.14
N THR A 411 -2.37 19.24 15.96
CA THR A 411 -2.86 20.52 15.38
C THR A 411 -3.81 20.39 14.18
N GLY A 412 -4.55 19.30 14.09
CA GLY A 412 -5.51 19.10 13.01
C GLY A 412 -4.93 18.85 11.63
N HIS A 413 -5.81 18.83 10.61
CA HIS A 413 -5.38 18.61 9.23
C HIS A 413 -4.38 19.69 8.77
N PRO A 414 -3.55 19.36 7.76
CA PRO A 414 -2.58 20.36 7.26
C PRO A 414 -3.26 21.38 6.34
N PRO A 415 -2.58 22.50 6.05
CA PRO A 415 -3.15 23.58 5.23
C PRO A 415 -3.79 23.23 3.88
N LEU A 416 -3.15 22.38 3.07
CA LEU A 416 -3.68 22.05 1.73
C LEU A 416 -5.15 21.66 1.77
N VAL A 417 -5.52 20.61 2.52
CA VAL A 417 -6.93 20.21 2.58
C VAL A 417 -7.84 21.19 3.29
N MET A 418 -7.33 21.90 4.30
CA MET A 418 -8.15 22.90 4.98
C MET A 418 -8.43 24.05 4.01
N SER A 419 -7.51 24.32 3.10
CA SER A 419 -7.75 25.37 2.12
C SER A 419 -8.90 24.97 1.20
N MET A 420 -8.98 23.69 0.83
CA MET A 420 -10.09 23.20 -0.01
C MET A 420 -11.41 23.35 0.77
N SER A 421 -11.41 22.93 2.03
CA SER A 421 -12.61 23.06 2.85
C SER A 421 -12.99 24.53 3.04
N PHE A 422 -12.00 25.36 3.37
CA PHE A 422 -12.27 26.76 3.62
C PHE A 422 -12.57 27.60 2.39
N THR A 423 -12.13 27.15 1.22
CA THR A 423 -12.48 27.87 -0.01
C THR A 423 -14.00 27.66 -0.19
N ASN A 424 -14.49 26.45 0.09
CA ASN A 424 -15.96 26.20 0.06
C ASN A 424 -16.67 27.12 1.07
N GLN A 425 -16.12 27.26 2.28
CA GLN A 425 -16.72 28.14 3.29
C GLN A 425 -16.87 29.57 2.79
N VAL A 426 -15.81 30.12 2.22
CA VAL A 426 -15.86 31.50 1.70
C VAL A 426 -16.91 31.61 0.58
N LEU A 427 -16.94 30.65 -0.32
CA LEU A 427 -17.93 30.66 -1.40
C LEU A 427 -19.34 30.58 -0.82
N ALA A 428 -19.54 29.78 0.23
CA ALA A 428 -20.86 29.65 0.88
C ALA A 428 -21.27 30.96 1.53
N GLN A 429 -20.35 31.59 2.25
CA GLN A 429 -20.60 32.89 2.89
C GLN A 429 -20.94 33.94 1.83
N MET A 430 -20.21 33.95 0.72
CA MET A 430 -20.47 34.92 -0.35
C MET A 430 -21.85 34.69 -0.94
N ASP A 431 -22.22 33.44 -1.13
CA ASP A 431 -23.53 33.10 -1.68
C ASP A 431 -24.67 33.56 -0.76
N LEU A 432 -24.57 33.26 0.54
CA LEU A 432 -25.60 33.68 1.51
C LEU A 432 -25.73 35.21 1.58
N TRP A 433 -24.61 35.91 1.62
CA TRP A 433 -24.65 37.37 1.70
C TRP A 433 -25.23 38.01 0.46
N LYS A 434 -24.81 37.52 -0.70
CA LYS A 434 -25.23 38.06 -1.99
C LYS A 434 -26.73 37.80 -2.29
N SER A 435 -27.34 36.86 -1.59
CA SER A 435 -28.75 36.50 -1.77
C SER A 435 -29.61 36.95 -0.58
N ARG A 436 -29.04 37.76 0.31
CA ARG A 436 -29.74 38.20 1.52
C ARG A 436 -31.09 38.87 1.30
N GLU A 437 -31.27 39.57 0.17
CA GLU A 437 -32.53 40.25 -0.13
C GLU A 437 -33.66 39.25 -0.33
N LEU A 438 -33.34 38.09 -0.92
CA LEU A 438 -34.33 37.04 -1.18
C LEU A 438 -34.91 36.38 0.08
N VAL A 439 -34.25 36.54 1.22
CA VAL A 439 -34.75 35.99 2.48
C VAL A 439 -35.91 36.88 2.91
N ASP A 440 -37.09 36.29 3.12
CA ASP A 440 -38.27 37.09 3.52
C ASP A 440 -38.94 36.36 4.68
N ARG A 441 -39.06 37.05 5.81
CA ARG A 441 -39.63 36.47 7.03
C ARG A 441 -41.09 36.83 7.27
N SER A 442 -41.52 37.98 6.75
CA SER A 442 -42.91 38.41 6.90
C SER A 442 -43.89 37.58 6.05
N LYS A 443 -43.37 36.65 5.24
CA LYS A 443 -44.24 35.82 4.37
C LYS A 443 -43.97 34.31 4.41
N ASN A 444 -42.80 33.88 3.93
CA ASN A 444 -42.47 32.44 3.86
C ASN A 444 -42.17 31.78 5.23
N THR A 445 -41.03 32.12 5.84
CA THR A 445 -40.59 31.58 7.14
C THR A 445 -39.90 30.21 7.08
N ARG A 446 -40.26 29.33 6.13
CA ARG A 446 -39.62 27.99 6.06
C ARG A 446 -38.25 27.98 5.32
N PHE A 447 -37.20 27.55 6.05
CA PHE A 447 -35.83 27.50 5.50
C PHE A 447 -35.33 26.08 5.24
N PHE A 448 -34.39 25.98 4.29
CA PHE A 448 -33.85 24.71 3.84
C PHE A 448 -32.32 24.67 3.82
N VAL A 449 -31.78 23.47 3.61
CA VAL A 449 -30.35 23.23 3.53
C VAL A 449 -30.00 22.99 2.08
N LYS A 450 -28.96 23.66 1.57
CA LYS A 450 -28.54 23.42 0.20
C LYS A 450 -27.03 23.23 0.12
N LYS A 451 -26.59 22.86 -1.07
CA LYS A 451 -25.18 22.66 -1.34
C LYS A 451 -24.74 23.59 -2.45
N LEU A 452 -23.44 23.77 -2.56
CA LEU A 452 -22.84 24.57 -3.62
C LEU A 452 -22.90 23.77 -4.92
N SER A 453 -22.91 24.48 -6.03
CA SER A 453 -22.97 23.85 -7.34
C SER A 453 -21.68 23.09 -7.64
N LYS A 454 -21.79 22.15 -8.58
CA LYS A 454 -20.63 21.37 -9.03
C LYS A 454 -19.62 22.29 -9.75
N GLU A 455 -20.12 23.35 -10.41
CA GLU A 455 -19.24 24.33 -11.06
C GLU A 455 -18.28 24.91 -10.00
N LEU A 456 -18.82 25.31 -8.86
CA LEU A 456 -17.99 25.86 -7.79
C LEU A 456 -17.09 24.81 -7.17
N ASP A 457 -17.65 23.62 -7.01
CA ASP A 457 -16.94 22.49 -6.41
C ASP A 457 -15.68 22.23 -7.25
N GLU A 458 -15.85 22.13 -8.58
CA GLU A 458 -14.74 21.92 -9.51
C GLU A 458 -13.78 23.12 -9.47
N TYR A 459 -14.32 24.31 -9.28
CA TYR A 459 -13.50 25.50 -9.20
C TYR A 459 -12.54 25.36 -7.99
N VAL A 460 -13.02 24.84 -6.86
CA VAL A 460 -12.17 24.70 -5.66
C VAL A 460 -10.96 23.83 -5.98
N ALA A 461 -11.19 22.71 -6.67
CA ALA A 461 -10.13 21.80 -7.09
C ALA A 461 -9.12 22.48 -8.02
N ARG A 462 -9.62 23.20 -9.04
CA ARG A 462 -8.74 23.92 -9.97
C ARG A 462 -7.76 24.86 -9.28
N LEU A 463 -8.24 25.58 -8.27
CA LEU A 463 -7.42 26.52 -7.54
C LEU A 463 -6.24 25.87 -6.82
N HIS A 464 -6.31 24.55 -6.57
CA HIS A 464 -5.23 23.87 -5.85
C HIS A 464 -4.32 22.98 -6.68
N LEU A 465 -4.60 22.85 -7.97
CA LEU A 465 -3.79 21.99 -8.84
C LEU A 465 -2.29 22.35 -8.91
N ASP A 466 -1.97 23.64 -9.02
CA ASP A 466 -0.56 24.09 -9.11
C ASP A 466 0.30 23.79 -7.89
N VAL A 467 -0.33 23.68 -6.73
CA VAL A 467 0.37 23.34 -5.49
C VAL A 467 1.16 22.04 -5.68
N LEU A 468 0.51 21.05 -6.29
CA LEU A 468 1.11 19.72 -6.48
C LEU A 468 1.66 19.46 -7.87
N GLY A 469 1.75 20.50 -8.71
CA GLY A 469 2.26 20.37 -10.08
C GLY A 469 1.41 19.51 -11.00
N ILE A 470 0.11 19.46 -10.72
CA ILE A 470 -0.86 18.70 -11.52
C ILE A 470 -1.12 19.38 -12.86
N LYS A 471 -0.94 18.64 -13.94
CA LYS A 471 -1.15 19.13 -15.29
C LYS A 471 -2.45 18.51 -15.85
N LEU A 472 -3.47 19.34 -15.98
CA LEU A 472 -4.78 18.90 -16.44
C LEU A 472 -4.90 18.88 -17.98
N THR A 473 -5.59 17.86 -18.48
CA THR A 473 -5.84 17.67 -19.90
C THR A 473 -7.10 18.45 -20.31
N LYS A 474 -7.11 18.96 -21.54
CA LYS A 474 -8.23 19.71 -22.05
C LYS A 474 -8.92 18.89 -23.13
N LEU A 475 -10.25 18.75 -23.02
CA LEU A 475 -11.05 18.03 -24.01
C LEU A 475 -11.09 18.79 -25.32
N THR A 476 -11.11 18.07 -26.45
CA THR A 476 -11.29 18.69 -27.77
C THR A 476 -12.82 18.83 -27.92
N GLU A 477 -13.26 19.64 -28.87
N GLU A 477 -13.30 19.66 -28.84
CA GLU A 477 -14.71 19.86 -29.14
CA GLU A 477 -14.76 19.84 -29.03
C GLU A 477 -15.47 18.55 -29.37
C GLU A 477 -15.48 18.53 -29.34
N THR A 478 -14.87 17.68 -30.19
CA THR A 478 -15.47 16.40 -30.55
C THR A 478 -15.53 15.45 -29.34
N GLN A 479 -14.50 15.50 -28.48
CA GLN A 479 -14.49 14.69 -27.26
C GLN A 479 -15.56 15.15 -26.26
N ALA A 480 -15.69 16.45 -26.10
CA ALA A 480 -16.68 17.03 -25.18
C ALA A 480 -18.10 16.64 -25.60
N LYS A 481 -18.37 16.70 -26.89
CA LYS A 481 -19.66 16.35 -27.41
C LYS A 481 -19.91 14.86 -27.24
N TYR A 482 -18.88 14.05 -27.47
CA TYR A 482 -18.99 12.61 -27.33
C TYR A 482 -19.45 12.21 -25.90
N ILE A 483 -18.79 12.73 -24.86
CA ILE A 483 -19.18 12.41 -23.46
C ILE A 483 -20.25 13.37 -22.87
N ASN A 484 -20.79 14.24 -23.74
CA ASN A 484 -21.88 15.16 -23.42
C ASN A 484 -21.60 16.13 -22.24
N VAL A 485 -20.48 16.81 -22.32
CA VAL A 485 -20.10 17.81 -21.33
C VAL A 485 -19.53 19.02 -22.03
N SER A 486 -19.48 20.12 -21.28
CA SER A 486 -18.86 21.34 -21.77
C SER A 486 -17.37 21.19 -21.53
N ILE A 487 -16.57 21.82 -22.40
N ILE A 487 -16.57 21.83 -22.40
CA ILE A 487 -15.11 21.80 -22.26
CA ILE A 487 -15.12 21.82 -22.27
C ILE A 487 -14.68 22.32 -20.87
C ILE A 487 -14.67 22.35 -20.90
N ASN A 488 -15.47 23.24 -20.34
CA ASN A 488 -15.20 23.86 -19.04
C ASN A 488 -15.97 23.25 -17.87
N GLY A 489 -16.62 22.10 -18.10
CA GLY A 489 -17.36 21.44 -17.04
C GLY A 489 -18.75 22.03 -16.87
N PRO A 490 -19.54 21.49 -15.93
CA PRO A 490 -19.14 20.36 -15.08
C PRO A 490 -18.94 19.10 -15.90
N TYR A 491 -18.05 18.23 -15.42
CA TYR A 491 -17.70 17.01 -16.13
C TYR A 491 -18.44 15.77 -15.65
N LYS A 492 -19.16 15.85 -14.54
CA LYS A 492 -19.88 14.69 -13.99
C LYS A 492 -21.34 15.02 -13.67
N SER A 493 -22.18 13.99 -13.67
CA SER A 493 -23.59 14.19 -13.30
C SER A 493 -23.72 14.45 -11.78
N GLU A 494 -24.82 15.03 -11.36
CA GLU A 494 -25.03 15.36 -9.93
C GLU A 494 -24.91 14.22 -8.95
N ASP A 495 -25.24 13.00 -9.39
CA ASP A 495 -25.18 11.83 -8.52
C ASP A 495 -23.82 11.11 -8.56
N TYR A 496 -22.82 11.70 -9.23
CA TYR A 496 -21.51 11.05 -9.34
C TYR A 496 -20.86 11.00 -7.97
N ARG A 497 -20.24 9.86 -7.66
CA ARG A 497 -19.66 9.61 -6.35
C ARG A 497 -18.14 9.74 -6.22
N TYR A 498 -17.43 9.88 -7.34
CA TYR A 498 -15.97 10.06 -7.30
C TYR A 498 -15.34 8.95 -6.48
N TYR B 4 -34.61 -23.97 -28.73
CA TYR B 4 -33.40 -23.73 -27.88
C TYR B 4 -32.10 -24.21 -28.57
N LYS B 5 -31.92 -25.54 -28.66
CA LYS B 5 -30.75 -26.12 -29.33
C LYS B 5 -30.94 -26.02 -30.85
N MET B 6 -32.21 -25.91 -31.27
CA MET B 6 -32.62 -25.76 -32.66
C MET B 6 -31.93 -24.53 -33.28
N GLU B 7 -32.27 -23.35 -32.76
CA GLU B 7 -31.74 -22.08 -33.26
C GLU B 7 -30.35 -21.65 -32.82
N SER B 8 -29.94 -21.97 -31.59
CA SER B 8 -28.65 -21.51 -31.05
C SER B 8 -27.43 -21.60 -31.99
N ARG B 9 -26.60 -20.56 -31.93
CA ARG B 9 -25.38 -20.45 -32.72
C ARG B 9 -24.19 -20.20 -31.77
N ILE B 10 -23.54 -21.30 -31.38
CA ILE B 10 -22.38 -21.30 -30.47
C ILE B 10 -21.24 -22.08 -31.12
N LYS B 11 -20.09 -22.11 -30.47
CA LYS B 11 -18.95 -22.79 -31.04
C LYS B 11 -18.99 -24.29 -30.86
N ASP B 12 -19.23 -24.76 -29.64
CA ASP B 12 -19.15 -26.19 -29.37
C ASP B 12 -19.97 -26.64 -28.16
N ILE B 13 -21.07 -27.33 -28.45
CA ILE B 13 -21.98 -27.85 -27.41
C ILE B 13 -21.27 -28.81 -26.44
N SER B 14 -20.24 -29.52 -26.90
CA SER B 14 -19.53 -30.50 -26.06
C SER B 14 -18.78 -29.88 -24.87
N LEU B 15 -18.55 -28.57 -24.93
CA LEU B 15 -17.89 -27.86 -23.82
C LEU B 15 -18.83 -27.67 -22.61
N ALA B 16 -20.10 -28.00 -22.81
CA ALA B 16 -21.14 -27.86 -21.79
C ALA B 16 -20.80 -28.34 -20.38
N GLU B 17 -20.20 -29.52 -20.25
CA GLU B 17 -19.91 -30.03 -18.92
C GLU B 17 -18.93 -29.13 -18.12
N PHE B 18 -17.89 -28.64 -18.77
CA PHE B 18 -16.92 -27.74 -18.12
C PHE B 18 -17.61 -26.44 -17.69
N GLY B 19 -18.54 -25.96 -18.51
CA GLY B 19 -19.29 -24.74 -18.24
C GLY B 19 -20.16 -24.88 -17.02
N LEU B 20 -20.92 -25.98 -16.97
CA LEU B 20 -21.80 -26.25 -15.84
C LEU B 20 -21.01 -26.42 -14.55
N GLN B 21 -19.84 -27.00 -14.67
CA GLN B 21 -18.97 -27.27 -13.54
C GLN B 21 -18.41 -25.96 -12.98
N ASP B 22 -17.98 -25.06 -13.87
CA ASP B 22 -17.48 -23.74 -13.45
C ASP B 22 -18.59 -22.92 -12.86
N MET B 23 -19.81 -23.06 -13.40
CA MET B 23 -20.95 -22.31 -12.84
C MET B 23 -21.14 -22.68 -11.37
N GLU B 24 -21.10 -23.98 -11.07
N GLU B 24 -21.09 -23.99 -11.07
CA GLU B 24 -21.27 -24.44 -9.68
CA GLU B 24 -21.26 -24.44 -9.68
C GLU B 24 -20.16 -23.99 -8.73
C GLU B 24 -20.17 -23.89 -8.75
N ILE B 25 -18.94 -23.86 -9.24
CA ILE B 25 -17.79 -23.38 -8.44
C ILE B 25 -17.97 -21.86 -8.21
N ALA B 26 -18.29 -21.14 -9.29
CA ALA B 26 -18.52 -19.70 -9.21
C ALA B 26 -19.62 -19.33 -8.19
N LYS B 27 -20.71 -20.10 -8.18
CA LYS B 27 -21.85 -19.84 -7.27
C LYS B 27 -21.56 -19.91 -5.78
N THR B 28 -20.40 -20.42 -5.38
CA THR B 28 -20.01 -20.42 -3.99
C THR B 28 -19.94 -18.96 -3.48
N ASP B 29 -19.50 -18.06 -4.35
CA ASP B 29 -19.37 -16.63 -4.02
C ASP B 29 -20.49 -15.75 -4.57
N MET B 30 -21.31 -16.26 -5.49
CA MET B 30 -22.40 -15.46 -6.07
C MET B 30 -23.66 -15.65 -5.22
N MET B 31 -23.57 -15.39 -3.92
N MET B 31 -23.55 -15.32 -3.94
CA MET B 31 -24.70 -15.61 -3.02
CA MET B 31 -24.60 -15.50 -2.95
C MET B 31 -25.94 -14.75 -3.29
C MET B 31 -25.89 -14.72 -3.23
N GLY B 32 -25.77 -13.59 -3.91
CA GLY B 32 -26.93 -12.77 -4.25
C GLY B 32 -27.82 -13.49 -5.28
N LEU B 33 -27.21 -14.03 -6.33
CA LEU B 33 -27.96 -14.74 -7.34
C LEU B 33 -28.54 -16.05 -6.81
N VAL B 34 -27.78 -16.77 -5.98
CA VAL B 34 -28.26 -18.03 -5.38
C VAL B 34 -29.47 -17.74 -4.49
N GLU B 35 -29.43 -16.64 -3.74
CA GLU B 35 -30.53 -16.28 -2.85
C GLU B 35 -31.80 -15.92 -3.61
N LEU B 36 -31.65 -15.16 -4.70
CA LEU B 36 -32.80 -14.80 -5.50
C LEU B 36 -33.45 -16.04 -6.11
N GLN B 37 -32.64 -17.01 -6.54
CA GLN B 37 -33.18 -18.24 -7.11
C GLN B 37 -33.98 -19.00 -6.07
N ARG B 38 -33.41 -19.12 -4.88
CA ARG B 38 -34.03 -19.83 -3.76
C ARG B 38 -35.33 -19.17 -3.30
N LYS B 39 -35.35 -17.84 -3.29
CA LYS B 39 -36.53 -17.10 -2.84
C LYS B 39 -37.67 -17.04 -3.85
N TYR B 40 -37.32 -17.00 -5.13
CA TYR B 40 -38.30 -16.83 -6.21
C TYR B 40 -38.53 -17.96 -7.21
N ARG B 41 -37.87 -19.11 -7.08
CA ARG B 41 -38.09 -20.20 -8.07
C ARG B 41 -39.51 -20.80 -8.11
N ASP B 42 -40.27 -20.68 -7.02
CA ASP B 42 -41.67 -21.17 -6.99
C ASP B 42 -42.66 -20.09 -7.41
N SER B 43 -42.51 -18.87 -6.88
CA SER B 43 -43.43 -17.77 -7.23
C SER B 43 -43.20 -17.28 -8.66
N LYS B 44 -41.98 -17.42 -9.19
CA LYS B 44 -41.64 -17.04 -10.56
C LYS B 44 -42.20 -15.68 -10.97
N PRO B 45 -41.62 -14.60 -10.42
CA PRO B 45 -42.11 -13.26 -10.68
C PRO B 45 -41.96 -12.80 -12.12
N LEU B 46 -41.00 -13.37 -12.87
CA LEU B 46 -40.80 -13.00 -14.27
C LEU B 46 -41.50 -13.96 -15.22
N LYS B 47 -42.51 -14.68 -14.72
CA LYS B 47 -43.24 -15.67 -15.53
C LYS B 47 -43.88 -15.05 -16.78
N GLY B 48 -43.54 -15.59 -17.94
CA GLY B 48 -44.08 -15.12 -19.23
C GLY B 48 -43.31 -14.02 -19.92
N ALA B 49 -42.31 -13.46 -19.24
CA ALA B 49 -41.53 -12.37 -19.80
C ALA B 49 -40.51 -12.89 -20.81
N ARG B 50 -40.39 -12.21 -21.96
CA ARG B 50 -39.40 -12.56 -22.97
C ARG B 50 -38.26 -11.58 -22.80
N ILE B 51 -37.08 -12.11 -22.46
CA ILE B 51 -35.89 -11.29 -22.19
C ILE B 51 -34.78 -11.53 -23.18
N THR B 52 -34.27 -10.44 -23.75
CA THR B 52 -33.14 -10.49 -24.66
C THR B 52 -32.00 -9.81 -23.93
N GLY B 53 -30.85 -10.46 -23.90
CA GLY B 53 -29.68 -9.89 -23.27
C GLY B 53 -28.53 -9.75 -24.25
N SER B 54 -27.78 -8.66 -24.08
CA SER B 54 -26.57 -8.34 -24.85
C SER B 54 -25.56 -7.97 -23.75
N LEU B 55 -24.87 -8.99 -23.23
CA LEU B 55 -23.93 -8.81 -22.16
C LEU B 55 -22.93 -9.96 -22.18
N HIS B 56 -21.64 -9.61 -22.25
CA HIS B 56 -20.50 -10.56 -22.28
C HIS B 56 -20.89 -11.93 -21.70
N LEU B 57 -20.95 -12.96 -22.55
CA LEU B 57 -21.38 -14.28 -22.07
C LEU B 57 -20.22 -15.09 -21.46
N THR B 58 -19.98 -14.77 -20.19
CA THR B 58 -18.97 -15.41 -19.36
C THR B 58 -19.69 -16.38 -18.43
N ILE B 59 -18.92 -17.11 -17.63
CA ILE B 59 -19.50 -18.02 -16.62
C ILE B 59 -20.37 -17.21 -15.66
N GLU B 60 -19.91 -16.02 -15.28
CA GLU B 60 -20.67 -15.19 -14.37
C GLU B 60 -22.05 -14.82 -14.97
N THR B 61 -22.05 -14.49 -16.26
CA THR B 61 -23.29 -14.14 -16.96
C THR B 61 -24.23 -15.34 -17.09
N SER B 62 -23.67 -16.54 -17.23
CA SER B 62 -24.47 -17.75 -17.28
C SER B 62 -25.29 -17.90 -16.02
N VAL B 63 -24.73 -17.47 -14.89
CA VAL B 63 -25.41 -17.57 -13.62
C VAL B 63 -26.54 -16.54 -13.59
N LEU B 64 -26.32 -15.39 -14.20
CA LEU B 64 -27.37 -14.36 -14.32
C LEU B 64 -28.53 -14.93 -15.16
N VAL B 65 -28.19 -15.51 -16.31
CA VAL B 65 -29.19 -16.09 -17.20
C VAL B 65 -29.95 -17.23 -16.49
N GLU B 66 -29.24 -18.04 -15.73
CA GLU B 66 -29.85 -19.15 -14.99
C GLU B 66 -30.88 -18.58 -13.99
N THR B 67 -30.51 -17.48 -13.34
CA THR B 67 -31.35 -16.83 -12.35
C THR B 67 -32.64 -16.30 -12.98
N LEU B 68 -32.53 -15.55 -14.08
CA LEU B 68 -33.70 -15.03 -14.79
C LEU B 68 -34.62 -16.20 -15.23
N TYR B 69 -33.99 -17.28 -15.70
CA TYR B 69 -34.71 -18.48 -16.13
C TYR B 69 -35.46 -19.12 -14.97
N GLU B 70 -34.80 -19.26 -13.80
CA GLU B 70 -35.46 -19.83 -12.62
C GLU B 70 -36.62 -18.98 -12.17
N LEU B 71 -36.53 -17.68 -12.39
CA LEU B 71 -37.61 -16.76 -12.02
C LEU B 71 -38.80 -16.74 -13.00
N GLY B 72 -38.79 -17.62 -14.00
CA GLY B 72 -39.91 -17.74 -14.94
C GLY B 72 -39.75 -17.16 -16.33
N ALA B 73 -38.64 -16.47 -16.61
CA ALA B 73 -38.47 -15.84 -17.94
C ALA B 73 -37.97 -16.74 -19.09
N GLU B 74 -38.38 -16.37 -20.31
N GLU B 74 -38.38 -16.41 -20.31
CA GLU B 74 -37.93 -17.04 -21.54
CA GLU B 74 -37.89 -17.10 -21.50
C GLU B 74 -36.77 -16.15 -21.95
C GLU B 74 -36.78 -16.17 -21.98
N ILE B 75 -35.63 -16.74 -22.32
CA ILE B 75 -34.42 -15.95 -22.66
C ILE B 75 -33.69 -16.18 -23.99
N ARG B 76 -33.23 -15.07 -24.58
CA ARG B 76 -32.39 -15.05 -25.80
C ARG B 76 -31.18 -14.21 -25.43
N TRP B 77 -29.98 -14.68 -25.78
CA TRP B 77 -28.79 -13.94 -25.37
C TRP B 77 -27.67 -13.87 -26.41
N CYS B 78 -26.88 -12.81 -26.29
CA CYS B 78 -25.70 -12.58 -27.13
C CYS B 78 -24.70 -11.79 -26.29
N SER B 79 -23.47 -11.68 -26.76
CA SER B 79 -22.44 -10.89 -26.06
C SER B 79 -22.44 -9.48 -26.61
N CYS B 80 -21.89 -8.56 -25.82
CA CYS B 80 -21.77 -7.17 -26.18
C CYS B 80 -20.31 -6.84 -26.58
N ASN B 81 -19.52 -7.88 -26.88
CA ASN B 81 -18.15 -7.70 -27.39
C ASN B 81 -17.79 -8.98 -28.18
N ILE B 82 -17.04 -8.77 -29.26
CA ILE B 82 -16.63 -9.87 -30.14
C ILE B 82 -15.63 -10.86 -29.53
N TYR B 83 -14.95 -10.46 -28.45
CA TYR B 83 -13.95 -11.34 -27.83
C TYR B 83 -14.28 -11.81 -26.44
N SER B 84 -15.35 -11.30 -25.83
CA SER B 84 -15.62 -11.60 -24.41
C SER B 84 -16.35 -12.89 -24.04
N THR B 85 -16.93 -13.57 -25.01
CA THR B 85 -17.65 -14.80 -24.73
C THR B 85 -16.71 -15.91 -24.30
N GLN B 86 -17.17 -16.73 -23.34
CA GLN B 86 -16.44 -17.94 -22.93
C GLN B 86 -17.31 -19.05 -23.54
N ASP B 87 -16.75 -19.81 -24.47
CA ASP B 87 -17.51 -20.85 -25.18
C ASP B 87 -18.12 -21.93 -24.28
N HIS B 88 -17.41 -22.32 -23.22
CA HIS B 88 -17.95 -23.35 -22.31
C HIS B 88 -19.17 -22.82 -21.56
N ALA B 89 -19.20 -21.51 -21.31
CA ALA B 89 -20.33 -20.86 -20.63
C ALA B 89 -21.58 -20.87 -21.51
N ALA B 90 -21.40 -20.47 -22.77
CA ALA B 90 -22.48 -20.45 -23.76
C ALA B 90 -23.06 -21.86 -23.95
N ALA B 91 -22.18 -22.85 -24.03
CA ALA B 91 -22.59 -24.25 -24.23
C ALA B 91 -23.44 -24.80 -23.08
N ALA B 92 -23.11 -24.39 -21.86
CA ALA B 92 -23.84 -24.84 -20.69
C ALA B 92 -25.29 -24.38 -20.76
N LEU B 93 -25.50 -23.14 -21.20
CA LEU B 93 -26.84 -22.58 -21.32
C LEU B 93 -27.66 -23.29 -22.38
N VAL B 94 -27.01 -23.61 -23.50
CA VAL B 94 -27.68 -24.27 -24.61
C VAL B 94 -28.05 -25.71 -24.27
N LYS B 95 -27.15 -26.42 -23.60
CA LYS B 95 -27.38 -27.83 -23.24
C LYS B 95 -28.50 -27.98 -22.23
N LYS B 96 -28.63 -27.04 -21.29
CA LYS B 96 -29.69 -27.13 -20.30
C LYS B 96 -31.01 -26.43 -20.68
N ASN B 97 -31.06 -25.87 -21.90
CA ASN B 97 -32.26 -25.16 -22.39
C ASN B 97 -32.63 -23.95 -21.54
N ILE B 98 -31.62 -23.34 -20.92
CA ILE B 98 -31.83 -22.16 -20.10
C ILE B 98 -32.15 -21.00 -21.02
N ALA B 99 -31.46 -20.96 -22.17
CA ALA B 99 -31.64 -19.89 -23.13
C ALA B 99 -31.18 -20.25 -24.53
N THR B 100 -31.68 -19.47 -25.50
CA THR B 100 -31.32 -19.60 -26.90
C THR B 100 -30.16 -18.61 -27.06
N VAL B 101 -28.98 -19.11 -27.43
CA VAL B 101 -27.77 -18.28 -27.49
C VAL B 101 -27.13 -18.08 -28.86
N PHE B 102 -26.74 -16.83 -29.13
CA PHE B 102 -26.05 -16.42 -30.37
C PHE B 102 -24.75 -15.74 -29.93
N ALA B 103 -23.71 -16.54 -29.72
CA ALA B 103 -22.45 -16.01 -29.20
C ALA B 103 -21.28 -16.99 -29.17
N TRP B 104 -20.11 -16.47 -29.49
CA TRP B 104 -18.89 -17.26 -29.46
C TRP B 104 -17.69 -16.33 -29.37
N LYS B 105 -16.57 -16.85 -28.87
CA LYS B 105 -15.36 -16.06 -28.74
C LYS B 105 -14.77 -15.86 -30.14
N ASN B 106 -14.27 -14.64 -30.40
CA ASN B 106 -13.65 -14.26 -31.67
C ASN B 106 -14.63 -14.19 -32.85
N GLU B 107 -15.70 -13.41 -32.69
CA GLU B 107 -16.68 -13.19 -33.74
C GLU B 107 -16.15 -12.11 -34.66
N THR B 108 -16.60 -12.12 -35.91
CA THR B 108 -16.27 -11.06 -36.84
C THR B 108 -17.29 -9.99 -36.49
N ILE B 109 -17.00 -8.73 -36.82
CA ILE B 109 -17.92 -7.63 -36.52
C ILE B 109 -19.24 -7.82 -37.26
N GLU B 110 -19.19 -8.42 -38.44
CA GLU B 110 -20.43 -8.69 -39.18
C GLU B 110 -21.29 -9.70 -38.39
N ASP B 111 -20.67 -10.76 -37.87
CA ASP B 111 -21.38 -11.76 -37.09
C ASP B 111 -21.92 -11.23 -35.77
N TYR B 112 -21.25 -10.26 -35.17
CA TYR B 112 -21.72 -9.67 -33.91
C TYR B 112 -23.12 -9.09 -34.07
N TRP B 113 -23.30 -8.25 -35.10
CA TRP B 113 -24.58 -7.60 -35.34
C TRP B 113 -25.68 -8.57 -35.78
N VAL B 114 -25.31 -9.65 -36.46
CA VAL B 114 -26.29 -10.66 -36.86
C VAL B 114 -26.74 -11.38 -35.59
N CYS B 115 -25.79 -11.74 -34.74
CA CYS B 115 -26.09 -12.39 -33.46
C CYS B 115 -27.02 -11.54 -32.59
N LEU B 116 -26.75 -10.24 -32.50
CA LEU B 116 -27.61 -9.35 -31.71
C LEU B 116 -29.01 -9.26 -32.34
N ASN B 117 -29.05 -9.11 -33.66
CA ASN B 117 -30.34 -9.04 -34.35
C ASN B 117 -31.17 -10.30 -34.09
N ASP B 118 -30.51 -11.47 -34.16
CA ASP B 118 -31.18 -12.75 -33.91
C ASP B 118 -31.67 -12.87 -32.46
N ALA B 119 -30.93 -12.29 -31.50
CA ALA B 119 -31.33 -12.36 -30.09
C ALA B 119 -32.55 -11.48 -29.81
N MET B 120 -32.75 -10.47 -30.64
CA MET B 120 -33.90 -9.56 -30.55
C MET B 120 -35.14 -10.14 -31.25
N THR B 121 -34.95 -11.14 -32.10
CA THR B 121 -36.08 -11.74 -32.83
C THR B 121 -36.73 -12.88 -32.07
N TRP B 122 -38.03 -12.74 -31.82
CA TRP B 122 -38.80 -13.75 -31.11
C TRP B 122 -39.93 -14.26 -31.97
N ARG B 123 -40.29 -15.52 -31.79
CA ARG B 123 -41.41 -16.10 -32.51
C ARG B 123 -42.65 -15.85 -31.65
N ASN B 124 -43.73 -15.41 -32.29
CA ASN B 124 -45.00 -15.08 -31.61
C ASN B 124 -45.53 -16.25 -30.75
N PRO B 125 -45.78 -16.01 -29.43
CA PRO B 125 -46.28 -17.10 -28.56
C PRO B 125 -47.64 -17.68 -28.99
N ASN B 126 -48.43 -16.90 -29.73
CA ASN B 126 -49.74 -17.34 -30.22
C ASN B 126 -49.79 -17.56 -31.74
N ASP B 127 -48.62 -17.62 -32.38
CA ASP B 127 -48.55 -17.83 -33.84
C ASP B 127 -47.14 -18.29 -34.27
N LYS B 128 -47.10 -19.28 -35.16
CA LYS B 128 -45.81 -19.81 -35.66
C LYS B 128 -45.20 -18.83 -36.67
N ASP B 129 -46.01 -18.43 -37.66
CA ASP B 129 -45.61 -17.53 -38.77
C ASP B 129 -45.01 -16.17 -38.38
N LYS B 130 -45.66 -15.44 -37.48
CA LYS B 130 -45.21 -14.10 -37.08
C LYS B 130 -44.09 -14.00 -36.03
N ILE B 131 -43.37 -12.88 -36.16
CA ILE B 131 -42.23 -12.49 -35.34
C ILE B 131 -42.63 -11.31 -34.42
N CYS B 132 -41.97 -11.19 -33.28
CA CYS B 132 -42.19 -10.09 -32.33
C CYS B 132 -40.87 -9.80 -31.61
N GLY B 133 -40.89 -8.79 -30.74
CA GLY B 133 -39.69 -8.40 -30.00
C GLY B 133 -39.70 -8.92 -28.58
N PRO B 134 -38.71 -8.49 -27.79
CA PRO B 134 -38.64 -8.89 -26.41
C PRO B 134 -39.53 -8.02 -25.54
N ASN B 135 -39.82 -8.47 -24.33
CA ASN B 135 -40.59 -7.70 -23.37
C ASN B 135 -39.64 -6.78 -22.61
N LEU B 136 -38.47 -7.34 -22.26
CA LEU B 136 -37.46 -6.65 -21.49
C LEU B 136 -36.10 -6.84 -22.12
N ILE B 137 -35.18 -5.91 -21.84
CA ILE B 137 -33.82 -5.97 -22.35
C ILE B 137 -32.78 -5.78 -21.23
N VAL B 138 -31.78 -6.65 -21.20
CA VAL B 138 -30.62 -6.55 -20.28
C VAL B 138 -29.54 -6.14 -21.26
N ASP B 139 -29.02 -4.93 -21.11
CA ASP B 139 -28.06 -4.38 -22.06
C ASP B 139 -26.76 -3.93 -21.35
N ASP B 140 -25.66 -4.03 -22.06
CA ASP B 140 -24.35 -3.67 -21.55
C ASP B 140 -23.61 -2.91 -22.65
N GLY B 141 -23.58 -1.60 -22.52
CA GLY B 141 -22.96 -0.74 -23.50
C GLY B 141 -23.98 -0.05 -24.38
N GLY B 142 -25.21 -0.55 -24.37
CA GLY B 142 -26.27 0.05 -25.15
C GLY B 142 -26.48 -0.39 -26.61
N ASP B 143 -25.79 -1.43 -27.09
CA ASP B 143 -25.97 -1.87 -28.49
C ASP B 143 -27.36 -2.42 -28.80
N ALA B 144 -27.96 -3.15 -27.87
CA ALA B 144 -29.31 -3.69 -28.06
C ALA B 144 -30.29 -2.53 -28.13
N THR B 145 -30.06 -1.55 -27.28
CA THR B 145 -30.88 -0.37 -27.23
C THR B 145 -30.67 0.47 -28.48
N LEU B 146 -29.43 0.53 -28.97
CA LEU B 146 -29.09 1.30 -30.16
C LEU B 146 -29.80 0.78 -31.40
N ILE B 147 -29.69 -0.53 -31.65
CA ILE B 147 -30.27 -1.13 -32.82
C ILE B 147 -31.79 -0.90 -32.86
N LEU B 148 -32.43 -0.89 -31.69
CA LEU B 148 -33.89 -0.64 -31.60
C LEU B 148 -34.23 0.78 -32.07
N HIS B 149 -33.56 1.76 -31.49
CA HIS B 149 -33.80 3.16 -31.86
C HIS B 149 -33.43 3.47 -33.30
N GLU B 150 -32.28 2.98 -33.73
CA GLU B 150 -31.82 3.19 -35.12
C GLU B 150 -32.74 2.48 -36.10
N GLY B 151 -33.31 1.35 -35.67
CA GLY B 151 -34.26 0.59 -36.47
C GLY B 151 -35.54 1.39 -36.64
N VAL B 152 -36.04 1.96 -35.54
CA VAL B 152 -37.24 2.79 -35.59
C VAL B 152 -36.97 3.99 -36.50
N LYS B 153 -35.84 4.66 -36.29
CA LYS B 153 -35.47 5.82 -37.11
C LYS B 153 -35.44 5.45 -38.60
N ALA B 154 -34.84 4.31 -38.92
CA ALA B 154 -34.70 3.84 -40.29
C ALA B 154 -36.05 3.52 -40.95
N GLU B 155 -37.01 3.07 -40.14
CA GLU B 155 -38.34 2.76 -40.65
C GLU B 155 -39.13 4.04 -40.96
N ILE B 156 -39.02 5.07 -40.10
CA ILE B 156 -39.70 6.36 -40.34
C ILE B 156 -39.15 7.00 -41.65
N GLU B 157 -37.83 7.01 -41.77
CA GLU B 157 -37.11 7.57 -42.91
C GLU B 157 -37.49 6.84 -44.20
N TYR B 158 -37.55 5.51 -44.11
CA TYR B 158 -37.92 4.64 -45.22
C TYR B 158 -39.31 4.96 -45.77
N GLU B 159 -40.28 5.18 -44.88
CA GLU B 159 -41.65 5.51 -45.30
C GLU B 159 -41.80 6.94 -45.78
N LYS B 160 -41.03 7.86 -45.22
CA LYS B 160 -41.10 9.27 -45.59
C LYS B 160 -40.81 9.49 -47.08
N TYR B 161 -39.72 8.89 -47.57
CA TYR B 161 -39.31 9.00 -48.99
C TYR B 161 -39.51 7.69 -49.78
N ASN B 162 -40.24 6.73 -49.20
CA ASN B 162 -40.50 5.41 -49.80
C ASN B 162 -39.29 4.81 -50.55
N LYS B 163 -38.16 4.74 -49.84
CA LYS B 163 -36.91 4.18 -50.37
C LYS B 163 -35.94 3.94 -49.23
N ILE B 164 -34.98 3.05 -49.46
CA ILE B 164 -33.95 2.76 -48.46
C ILE B 164 -33.18 4.07 -48.18
N PRO B 165 -33.13 4.50 -46.90
CA PRO B 165 -32.40 5.72 -46.56
C PRO B 165 -30.97 5.68 -47.06
N GLU B 166 -30.54 6.74 -47.74
CA GLU B 166 -29.19 6.78 -48.33
C GLU B 166 -28.00 6.72 -47.34
N TYR B 167 -28.22 7.01 -46.06
CA TYR B 167 -27.12 6.93 -45.06
C TYR B 167 -26.77 5.47 -44.72
N LEU B 168 -27.66 4.53 -45.07
CA LEU B 168 -27.44 3.10 -44.83
C LEU B 168 -26.65 2.40 -45.94
N GLU B 169 -26.67 2.97 -47.14
CA GLU B 169 -25.99 2.39 -48.31
C GLU B 169 -24.56 2.89 -48.49
N THR B 170 -24.30 4.14 -48.12
CA THR B 170 -22.95 4.69 -48.22
C THR B 170 -22.08 4.18 -47.07
N GLU B 171 -20.77 4.30 -47.22
CA GLU B 171 -19.81 3.88 -46.19
C GLU B 171 -19.08 5.07 -45.52
N LEU B 172 -19.62 6.28 -45.69
CA LEU B 172 -19.06 7.52 -45.11
C LEU B 172 -20.08 8.22 -44.21
N ASP B 173 -19.59 9.15 -43.38
CA ASP B 173 -20.43 9.95 -42.46
C ASP B 173 -20.59 11.38 -43.03
N GLU B 174 -21.14 12.32 -42.26
CA GLU B 174 -21.31 13.71 -42.74
C GLU B 174 -20.01 14.35 -43.25
N ASN B 175 -18.92 14.14 -42.51
CA ASN B 175 -17.62 14.73 -42.85
C ASN B 175 -16.90 14.08 -44.05
N GLY B 176 -17.40 12.95 -44.52
CA GLY B 176 -16.77 12.23 -45.63
C GLY B 176 -15.74 11.23 -45.12
N LYS B 177 -15.69 11.04 -43.79
CA LYS B 177 -14.77 10.10 -43.16
C LYS B 177 -15.41 8.70 -43.15
N GLN B 178 -14.56 7.67 -43.32
CA GLN B 178 -14.99 6.28 -43.36
C GLN B 178 -15.73 5.90 -42.05
N LEU B 179 -16.92 5.30 -42.18
CA LEU B 179 -17.69 4.88 -41.00
C LEU B 179 -16.96 3.75 -40.28
N SER B 180 -17.21 3.59 -38.98
CA SER B 180 -16.61 2.49 -38.23
C SER B 180 -17.21 1.19 -38.78
N MET B 181 -16.50 0.08 -38.56
CA MET B 181 -16.96 -1.20 -39.04
C MET B 181 -18.24 -1.63 -38.30
N ASP B 182 -18.39 -1.24 -37.02
CA ASP B 182 -19.61 -1.58 -36.26
C ASP B 182 -20.85 -0.89 -36.83
N LEU B 183 -20.69 0.33 -37.33
CA LEU B 183 -21.82 1.05 -37.94
C LEU B 183 -22.16 0.48 -39.30
N LYS B 184 -21.15 0.19 -40.12
CA LYS B 184 -21.44 -0.39 -41.44
C LYS B 184 -22.16 -1.72 -41.29
N CYS B 185 -21.70 -2.56 -40.36
CA CYS B 185 -22.32 -3.86 -40.14
C CYS B 185 -23.71 -3.76 -39.50
N MET B 186 -23.95 -2.75 -38.66
CA MET B 186 -25.29 -2.55 -38.08
C MET B 186 -26.25 -2.11 -39.18
N TYR B 187 -25.81 -1.16 -40.01
CA TYR B 187 -26.62 -0.65 -41.12
C TYR B 187 -26.92 -1.75 -42.14
N LYS B 188 -25.97 -2.66 -42.32
CA LYS B 188 -26.14 -3.79 -43.23
C LYS B 188 -27.34 -4.63 -42.75
N VAL B 189 -27.45 -4.82 -41.44
CA VAL B 189 -28.57 -5.56 -40.84
C VAL B 189 -29.87 -4.78 -40.94
N LEU B 190 -29.83 -3.48 -40.62
CA LEU B 190 -31.03 -2.62 -40.67
C LEU B 190 -31.62 -2.52 -42.08
N LYS B 191 -30.76 -2.52 -43.11
CA LYS B 191 -31.21 -2.47 -44.50
C LYS B 191 -31.93 -3.79 -44.84
N MET B 192 -31.29 -4.90 -44.46
CA MET B 192 -31.84 -6.24 -44.66
C MET B 192 -33.23 -6.38 -44.01
N GLU B 193 -33.40 -5.88 -42.78
CA GLU B 193 -34.70 -5.97 -42.06
C GLU B 193 -35.82 -5.09 -42.64
N LEU B 194 -35.45 -3.97 -43.27
CA LEU B 194 -36.45 -3.12 -43.93
C LEU B 194 -37.05 -3.87 -45.12
N LEU B 195 -36.22 -4.65 -45.81
CA LEU B 195 -36.67 -5.44 -46.95
C LEU B 195 -37.51 -6.66 -46.54
N LYS B 196 -37.31 -7.17 -45.31
CA LYS B 196 -38.13 -8.31 -44.82
C LYS B 196 -39.42 -7.80 -44.20
N ASN B 197 -39.28 -6.84 -43.29
CA ASN B 197 -40.42 -6.28 -42.59
C ASN B 197 -40.13 -4.84 -42.17
N PRO B 198 -40.66 -3.85 -42.90
CA PRO B 198 -40.41 -2.46 -42.54
C PRO B 198 -41.20 -1.96 -41.33
N PHE B 199 -41.92 -2.85 -40.62
CA PHE B 199 -42.65 -2.47 -39.39
C PHE B 199 -42.09 -3.23 -38.19
N ARG B 200 -41.03 -4.03 -38.41
CA ARG B 200 -40.36 -4.82 -37.37
C ARG B 200 -40.08 -4.10 -36.06
N TRP B 201 -39.27 -3.05 -36.14
CA TRP B 201 -38.84 -2.31 -34.95
C TRP B 201 -39.96 -1.55 -34.25
N ARG B 202 -40.80 -0.87 -35.01
CA ARG B 202 -41.92 -0.16 -34.39
C ARG B 202 -42.94 -1.12 -33.79
N GLY B 203 -43.03 -2.32 -34.36
CA GLY B 203 -43.93 -3.37 -33.86
C GLY B 203 -43.50 -3.92 -32.49
N MET B 204 -42.20 -3.88 -32.22
CA MET B 204 -41.68 -4.34 -30.92
C MET B 204 -42.04 -3.41 -29.76
N LEU B 205 -42.25 -2.12 -30.04
CA LEU B 205 -42.56 -1.11 -29.01
C LEU B 205 -43.76 -1.45 -28.13
N LYS B 206 -44.80 -1.94 -28.78
CA LYS B 206 -46.06 -2.35 -28.14
C LYS B 206 -45.84 -3.20 -26.89
N ASP B 207 -44.93 -4.16 -26.97
CA ASP B 207 -44.63 -5.08 -25.87
C ASP B 207 -43.34 -4.77 -25.08
N LEU B 208 -42.54 -3.80 -25.50
CA LEU B 208 -41.31 -3.43 -24.74
C LEU B 208 -41.66 -2.67 -23.48
N TYR B 209 -41.27 -3.23 -22.34
CA TYR B 209 -41.57 -2.61 -21.04
C TYR B 209 -40.37 -1.98 -20.36
N GLY B 210 -39.17 -2.21 -20.91
CA GLY B 210 -37.97 -1.58 -20.37
C GLY B 210 -36.64 -2.25 -20.63
N VAL B 211 -35.57 -1.49 -20.34
CA VAL B 211 -34.18 -1.96 -20.45
C VAL B 211 -33.42 -1.61 -19.17
N SER B 212 -32.48 -2.47 -18.77
CA SER B 212 -31.66 -2.25 -17.59
C SER B 212 -30.22 -2.30 -18.10
N GLU B 213 -29.53 -1.15 -18.00
CA GLU B 213 -28.17 -0.95 -18.52
C GLU B 213 -27.06 -1.10 -17.48
N GLU B 214 -26.08 -1.91 -17.84
CA GLU B 214 -24.96 -2.30 -16.99
C GLU B 214 -23.82 -1.30 -16.76
N THR B 215 -23.36 -0.65 -17.83
CA THR B 215 -22.16 0.16 -17.75
C THR B 215 -22.29 1.64 -18.06
N THR B 216 -21.29 2.37 -17.59
CA THR B 216 -21.21 3.82 -17.71
C THR B 216 -21.49 4.34 -19.13
N THR B 217 -20.82 3.75 -20.11
CA THR B 217 -20.99 4.14 -21.51
C THR B 217 -22.41 3.93 -22.00
N GLY B 218 -23.05 2.84 -21.58
CA GLY B 218 -24.43 2.58 -21.97
C GLY B 218 -25.35 3.62 -21.33
N VAL B 219 -25.07 3.96 -20.07
CA VAL B 219 -25.85 4.97 -19.36
C VAL B 219 -25.70 6.32 -20.05
N LEU B 220 -24.46 6.68 -20.42
CA LEU B 220 -24.24 7.94 -21.14
C LEU B 220 -25.18 7.99 -22.36
N ARG B 221 -25.22 6.90 -23.12
CA ARG B 221 -26.10 6.83 -24.27
C ARG B 221 -27.56 7.00 -23.89
N LEU B 222 -27.99 6.36 -22.80
CA LEU B 222 -29.36 6.52 -22.33
C LEU B 222 -29.65 7.98 -21.94
N LYS B 223 -28.77 8.59 -21.14
CA LYS B 223 -28.95 9.99 -20.74
C LYS B 223 -29.04 10.97 -21.91
N ILE B 224 -28.32 10.68 -23.00
CA ILE B 224 -28.37 11.52 -24.20
C ILE B 224 -29.74 11.40 -24.91
N MET B 225 -30.23 10.18 -25.06
CA MET B 225 -31.56 9.97 -25.67
C MET B 225 -32.66 10.62 -24.83
N GLU B 226 -32.57 10.48 -23.52
CA GLU B 226 -33.56 11.04 -22.60
C GLU B 226 -33.61 12.56 -22.70
N SER B 227 -32.45 13.20 -22.75
CA SER B 227 -32.41 14.66 -22.82
C SER B 227 -32.95 15.21 -24.15
N GLU B 228 -32.84 14.43 -25.23
CA GLU B 228 -33.36 14.81 -26.55
C GLU B 228 -34.84 14.36 -26.76
N GLY B 229 -35.44 13.77 -25.73
CA GLY B 229 -36.83 13.28 -25.80
C GLY B 229 -37.01 12.11 -26.77
N LYS B 230 -35.94 11.34 -27.01
CA LYS B 230 -35.96 10.23 -27.97
C LYS B 230 -35.92 8.81 -27.38
N LEU B 231 -35.88 8.70 -26.07
CA LEU B 231 -35.88 7.38 -25.41
C LEU B 231 -37.26 6.74 -25.63
N LEU B 232 -37.30 5.54 -26.19
CA LEU B 232 -38.56 4.85 -26.54
C LEU B 232 -39.06 3.80 -25.54
N LEU B 233 -38.37 3.63 -24.42
CA LEU B 233 -38.80 2.68 -23.40
C LEU B 233 -38.23 3.08 -22.04
N PRO B 234 -38.84 2.61 -20.93
CA PRO B 234 -38.31 2.93 -19.60
C PRO B 234 -36.95 2.27 -19.42
N ALA B 235 -36.08 2.91 -18.65
CA ALA B 235 -34.76 2.38 -18.43
C ALA B 235 -34.33 2.46 -16.97
N ILE B 236 -33.54 1.48 -16.57
CA ILE B 236 -32.97 1.47 -15.24
C ILE B 236 -31.46 1.47 -15.39
N ASN B 237 -30.86 2.46 -14.72
CA ASN B 237 -29.43 2.63 -14.67
C ASN B 237 -28.90 1.75 -13.54
N VAL B 238 -28.34 0.59 -13.93
CA VAL B 238 -27.76 -0.35 -12.99
C VAL B 238 -26.33 0.06 -12.64
N ASN B 239 -25.62 0.62 -13.61
CA ASN B 239 -24.25 1.02 -13.35
C ASN B 239 -24.10 1.86 -12.07
N ASP B 240 -25.01 2.80 -11.87
CA ASP B 240 -24.91 3.71 -10.74
C ASP B 240 -25.49 3.28 -9.38
N SER B 241 -25.82 1.99 -9.25
CA SER B 241 -26.15 1.47 -7.93
C SER B 241 -24.80 1.51 -7.22
N VAL B 242 -24.79 1.78 -5.93
CA VAL B 242 -23.53 1.83 -5.16
C VAL B 242 -22.85 0.45 -5.19
N THR B 243 -23.65 -0.61 -5.10
CA THR B 243 -23.13 -1.99 -5.10
C THR B 243 -22.67 -2.46 -6.49
N LYS B 244 -22.71 -1.56 -7.46
CA LYS B 244 -22.23 -1.87 -8.79
C LYS B 244 -21.03 -0.97 -9.03
N SER B 245 -21.24 0.33 -9.28
CA SER B 245 -20.16 1.26 -9.60
C SER B 245 -19.01 1.34 -8.59
N LYS B 246 -19.28 1.19 -7.30
CA LYS B 246 -18.17 1.28 -6.33
C LYS B 246 -17.49 -0.07 -6.03
N PHE B 247 -17.93 -1.14 -6.69
CA PHE B 247 -17.34 -2.48 -6.49
C PHE B 247 -16.82 -3.03 -7.81
N ASP B 248 -17.74 -3.36 -8.71
CA ASP B 248 -17.41 -3.85 -10.04
C ASP B 248 -16.37 -2.95 -10.78
N ASN B 249 -16.72 -1.69 -10.98
CA ASN B 249 -15.85 -0.78 -11.71
C ASN B 249 -14.47 -0.59 -11.08
N THR B 250 -14.44 -0.53 -9.76
CA THR B 250 -13.19 -0.31 -9.03
C THR B 250 -12.43 -1.59 -8.71
N TYR B 251 -12.98 -2.40 -7.81
CA TYR B 251 -12.33 -3.62 -7.36
C TYR B 251 -12.29 -4.70 -8.40
N GLY B 252 -13.28 -4.75 -9.27
CA GLY B 252 -13.29 -5.72 -10.36
C GLY B 252 -12.11 -5.50 -11.28
N CYS B 253 -11.93 -4.25 -11.74
CA CYS B 253 -10.80 -3.93 -12.63
C CYS B 253 -9.46 -4.09 -11.91
N ARG B 254 -9.43 -3.80 -10.61
CA ARG B 254 -8.18 -3.94 -9.85
C ARG B 254 -7.56 -5.31 -10.06
N GLN B 255 -8.41 -6.33 -10.12
CA GLN B 255 -7.94 -7.69 -10.34
C GLN B 255 -7.93 -8.08 -11.81
N SER B 256 -8.99 -7.75 -12.55
CA SER B 256 -9.08 -8.23 -13.93
C SER B 256 -8.20 -7.46 -14.93
N LEU B 257 -7.84 -6.22 -14.63
CA LEU B 257 -6.89 -5.51 -15.49
C LEU B 257 -5.57 -6.28 -15.45
N LEU B 258 -5.13 -6.59 -14.23
CA LEU B 258 -3.88 -7.33 -14.05
C LEU B 258 -3.92 -8.68 -14.78
N HIS B 259 -5.01 -9.42 -14.64
CA HIS B 259 -5.13 -10.70 -15.30
C HIS B 259 -5.02 -10.49 -16.81
N GLY B 260 -5.67 -9.46 -17.32
CA GLY B 260 -5.59 -9.12 -18.74
C GLY B 260 -4.17 -8.78 -19.15
N LEU B 261 -3.49 -7.96 -18.34
CA LEU B 261 -2.12 -7.58 -18.64
C LEU B 261 -1.16 -8.76 -18.52
N PHE B 262 -1.28 -9.55 -17.46
CA PHE B 262 -0.38 -10.68 -17.29
C PHE B 262 -0.46 -11.66 -18.47
N ASN B 263 -1.65 -11.86 -19.02
CA ASN B 263 -1.85 -12.76 -20.15
C ASN B 263 -1.35 -12.17 -21.46
N GLY B 264 -1.61 -10.88 -21.68
CA GLY B 264 -1.25 -10.22 -22.94
C GLY B 264 0.13 -9.66 -23.06
N CYS B 265 0.62 -9.11 -21.95
CA CYS B 265 1.93 -8.47 -21.88
C CYS B 265 2.90 -9.33 -21.10
N ILE B 266 3.94 -9.81 -21.76
CA ILE B 266 4.96 -10.67 -21.15
C ILE B 266 5.83 -9.93 -20.11
N GLN B 267 5.90 -8.60 -20.18
CA GLN B 267 6.78 -7.84 -19.32
C GLN B 267 6.36 -7.65 -17.86
N MET B 268 7.36 -7.40 -17.05
CA MET B 268 7.20 -7.13 -15.64
C MET B 268 6.61 -5.74 -15.52
N LEU B 269 5.64 -5.57 -14.62
CA LEU B 269 5.02 -4.27 -14.41
C LEU B 269 5.80 -3.43 -13.39
N ALA B 270 6.55 -4.09 -12.50
CA ALA B 270 7.29 -3.38 -11.47
C ALA B 270 8.29 -2.40 -12.03
N GLY B 271 8.29 -1.19 -11.48
CA GLY B 271 9.23 -0.14 -11.88
C GLY B 271 8.86 0.62 -13.13
N LYS B 272 7.96 0.06 -13.92
CA LYS B 272 7.56 0.67 -15.17
C LYS B 272 6.68 1.88 -14.97
N LYS B 273 6.78 2.82 -15.91
CA LYS B 273 5.92 4.00 -15.93
C LYS B 273 4.70 3.57 -16.74
N ILE B 274 3.58 3.39 -16.05
CA ILE B 274 2.34 2.95 -16.66
C ILE B 274 1.30 4.07 -16.57
N VAL B 275 0.87 4.56 -17.73
CA VAL B 275 -0.10 5.63 -17.77
C VAL B 275 -1.52 5.08 -17.78
N VAL B 276 -2.32 5.58 -16.85
CA VAL B 276 -3.72 5.24 -16.72
C VAL B 276 -4.45 6.52 -17.13
N LEU B 277 -5.12 6.48 -18.28
CA LEU B 277 -5.81 7.64 -18.79
C LEU B 277 -7.26 7.58 -18.33
N GLY B 278 -7.59 8.48 -17.41
CA GLY B 278 -8.91 8.54 -16.80
C GLY B 278 -8.80 7.95 -15.41
N TYR B 279 -9.18 8.74 -14.41
CA TYR B 279 -9.12 8.32 -13.02
C TYR B 279 -10.53 8.38 -12.39
N GLY B 280 -11.47 7.72 -13.05
CA GLY B 280 -12.83 7.61 -12.55
C GLY B 280 -12.92 6.32 -11.74
N GLU B 281 -14.10 5.73 -11.67
CA GLU B 281 -14.25 4.51 -10.88
C GLU B 281 -13.35 3.36 -11.39
N VAL B 282 -13.23 3.21 -12.70
CA VAL B 282 -12.39 2.17 -13.31
C VAL B 282 -10.91 2.47 -13.13
N GLY B 283 -10.48 3.67 -13.54
CA GLY B 283 -9.09 4.10 -13.40
C GLY B 283 -8.55 3.99 -11.96
N LYS B 284 -9.39 4.32 -10.98
CA LYS B 284 -8.99 4.20 -9.57
C LYS B 284 -8.60 2.76 -9.24
N GLY B 285 -9.41 1.81 -9.65
CA GLY B 285 -9.13 0.41 -9.40
C GLY B 285 -7.90 -0.04 -10.17
N CYS B 286 -7.77 0.44 -11.41
CA CYS B 286 -6.63 0.07 -12.22
C CYS B 286 -5.34 0.51 -11.56
N ALA B 287 -5.28 1.80 -11.22
CA ALA B 287 -4.10 2.37 -10.57
C ALA B 287 -3.75 1.60 -9.30
N GLN B 288 -4.76 1.24 -8.53
CA GLN B 288 -4.53 0.52 -7.27
C GLN B 288 -3.89 -0.87 -7.49
N GLY B 289 -4.32 -1.57 -8.53
CA GLY B 289 -3.78 -2.89 -8.84
C GLY B 289 -2.36 -2.81 -9.37
N LEU B 290 -2.11 -1.85 -10.25
CA LEU B 290 -0.79 -1.64 -10.85
C LEU B 290 0.24 -1.30 -9.77
N SER B 291 -0.11 -0.41 -8.84
CA SER B 291 0.77 -0.05 -7.71
C SER B 291 1.03 -1.26 -6.85
N GLY B 292 -0.01 -2.06 -6.67
CA GLY B 292 0.09 -3.28 -5.89
C GLY B 292 1.19 -4.22 -6.35
N VAL B 293 1.53 -4.17 -7.64
CA VAL B 293 2.61 -5.00 -8.19
C VAL B 293 3.87 -4.20 -8.56
N GLY B 294 4.05 -3.03 -7.91
CA GLY B 294 5.26 -2.21 -8.06
C GLY B 294 5.37 -1.21 -9.21
N ALA B 295 4.29 -0.97 -9.95
CA ALA B 295 4.34 -0.04 -11.06
C ALA B 295 4.29 1.38 -10.55
N ARG B 296 4.82 2.30 -11.36
CA ARG B 296 4.77 3.71 -11.08
C ARG B 296 3.70 4.26 -12.04
N VAL B 297 2.52 4.48 -11.49
CA VAL B 297 1.39 4.98 -12.24
C VAL B 297 1.42 6.49 -12.45
N ILE B 298 1.18 6.88 -13.71
CA ILE B 298 1.08 8.27 -14.12
C ILE B 298 -0.36 8.39 -14.62
N VAL B 299 -1.10 9.34 -14.06
CA VAL B 299 -2.51 9.57 -14.42
C VAL B 299 -2.71 10.78 -15.34
N THR B 300 -3.65 10.67 -16.30
CA THR B 300 -4.07 11.82 -17.11
C THR B 300 -5.55 12.02 -16.75
N GLU B 301 -6.00 13.26 -16.74
CA GLU B 301 -7.39 13.63 -16.40
C GLU B 301 -7.82 14.96 -16.94
N ILE B 302 -9.12 15.06 -17.24
CA ILE B 302 -9.77 16.29 -17.67
C ILE B 302 -10.56 16.91 -16.51
N ASP B 303 -10.84 16.11 -15.48
CA ASP B 303 -11.61 16.55 -14.31
C ASP B 303 -10.67 16.98 -13.16
N PRO B 304 -10.72 18.25 -12.75
CA PRO B 304 -9.80 18.68 -11.70
C PRO B 304 -10.00 17.97 -10.35
N ILE B 305 -11.24 17.54 -10.06
CA ILE B 305 -11.51 16.83 -8.81
C ILE B 305 -10.82 15.47 -8.84
N CYS B 306 -11.05 14.69 -9.91
CA CYS B 306 -10.44 13.38 -10.06
C CYS B 306 -8.93 13.48 -10.10
N ALA B 307 -8.40 14.50 -10.79
CA ALA B 307 -6.94 14.71 -10.84
C ALA B 307 -6.35 14.90 -9.43
N LEU B 308 -6.98 15.75 -8.60
CA LEU B 308 -6.52 15.93 -7.22
C LEU B 308 -6.62 14.66 -6.42
N GLN B 309 -7.65 13.86 -6.68
CA GLN B 309 -7.78 12.57 -5.97
C GLN B 309 -6.54 11.70 -6.26
N ALA B 310 -6.15 11.63 -7.53
CA ALA B 310 -4.99 10.83 -7.92
C ALA B 310 -3.73 11.34 -7.27
N SER B 311 -3.59 12.66 -7.16
CA SER B 311 -2.40 13.24 -6.54
C SER B 311 -2.35 12.88 -5.05
N MET B 312 -3.51 12.87 -4.40
CA MET B 312 -3.61 12.49 -2.99
C MET B 312 -3.19 11.04 -2.70
N GLU B 313 -3.17 10.18 -3.71
CA GLU B 313 -2.74 8.79 -3.54
C GLU B 313 -1.28 8.64 -3.96
N GLY B 314 -0.61 9.75 -4.23
CA GLY B 314 0.79 9.77 -4.62
C GLY B 314 1.11 9.55 -6.09
N TYR B 315 0.12 9.74 -6.97
CA TYR B 315 0.34 9.56 -8.40
C TYR B 315 0.63 10.88 -9.10
N GLN B 316 1.59 10.85 -10.01
CA GLN B 316 1.91 11.98 -10.87
C GLN B 316 0.74 12.14 -11.82
N VAL B 317 0.35 13.39 -12.10
CA VAL B 317 -0.75 13.72 -13.03
C VAL B 317 -0.17 14.56 -14.16
N SER B 318 -0.19 14.04 -15.38
CA SER B 318 0.38 14.70 -16.55
C SER B 318 -0.54 14.66 -17.75
N VAL B 319 -0.18 15.43 -18.78
CA VAL B 319 -0.91 15.40 -20.05
C VAL B 319 -0.16 14.33 -20.83
N LEU B 320 -0.88 13.53 -21.61
CA LEU B 320 -0.26 12.46 -22.40
C LEU B 320 0.99 12.90 -23.21
N GLU B 321 0.93 14.07 -23.85
CA GLU B 321 2.05 14.58 -24.66
C GLU B 321 3.40 14.69 -23.92
N ASP B 322 3.35 15.04 -22.64
CA ASP B 322 4.55 15.20 -21.84
C ASP B 322 5.18 13.87 -21.40
N VAL B 323 4.45 12.77 -21.51
CA VAL B 323 5.02 11.48 -21.09
C VAL B 323 4.95 10.41 -22.16
N VAL B 324 4.36 10.69 -23.31
CA VAL B 324 4.19 9.67 -24.35
C VAL B 324 5.50 9.02 -24.82
N SER B 325 6.61 9.77 -24.80
CA SER B 325 7.92 9.25 -25.22
C SER B 325 8.67 8.45 -24.16
N GLU B 326 8.33 8.62 -22.89
CA GLU B 326 9.06 7.90 -21.81
C GLU B 326 8.29 6.76 -21.11
N ALA B 327 6.96 6.78 -21.14
CA ALA B 327 6.18 5.74 -20.46
C ALA B 327 6.32 4.38 -21.16
N ASP B 328 6.03 3.32 -20.42
CA ASP B 328 6.19 1.96 -20.91
C ASP B 328 4.89 1.28 -21.32
N ILE B 329 3.81 1.60 -20.61
CA ILE B 329 2.53 0.98 -20.87
C ILE B 329 1.46 2.04 -20.77
N PHE B 330 0.46 1.95 -21.63
CA PHE B 330 -0.64 2.90 -21.69
C PHE B 330 -1.97 2.18 -21.59
N ILE B 331 -2.77 2.54 -20.58
CA ILE B 331 -4.09 1.95 -20.33
C ILE B 331 -5.18 3.04 -20.34
N THR B 332 -6.09 2.97 -21.32
CA THR B 332 -7.18 3.96 -21.42
C THR B 332 -8.39 3.46 -20.64
N ALA B 333 -8.94 4.34 -19.80
CA ALA B 333 -10.09 4.02 -18.95
C ALA B 333 -11.01 5.23 -18.87
N THR B 334 -11.19 5.91 -20.00
CA THR B 334 -11.97 7.15 -20.04
C THR B 334 -13.42 7.09 -20.49
N GLY B 335 -13.79 6.08 -21.27
CA GLY B 335 -15.14 6.02 -21.85
C GLY B 335 -15.31 7.12 -22.93
N ASN B 336 -14.19 7.72 -23.36
CA ASN B 336 -14.19 8.83 -24.34
C ASN B 336 -13.64 8.29 -25.66
N LYS B 337 -13.26 9.15 -26.60
CA LYS B 337 -12.70 8.72 -27.88
C LYS B 337 -11.46 9.52 -28.27
N ASP B 338 -10.64 8.92 -29.13
CA ASP B 338 -9.41 9.56 -29.63
C ASP B 338 -8.47 10.00 -28.49
N VAL B 339 -8.28 9.15 -27.51
CA VAL B 339 -7.41 9.42 -26.36
C VAL B 339 -5.95 9.12 -26.70
N ILE B 340 -5.76 8.08 -27.50
CA ILE B 340 -4.45 7.68 -28.01
C ILE B 340 -4.60 7.64 -29.52
N THR B 341 -3.86 8.51 -30.20
CA THR B 341 -3.91 8.65 -31.64
C THR B 341 -2.69 7.98 -32.25
N VAL B 342 -2.70 7.86 -33.58
CA VAL B 342 -1.58 7.30 -34.31
C VAL B 342 -0.33 8.13 -34.04
N GLU B 343 -0.50 9.46 -34.01
CA GLU B 343 0.65 10.36 -33.74
C GLU B 343 1.25 10.12 -32.34
N HIS B 344 0.42 9.77 -31.35
CA HIS B 344 0.95 9.46 -30.02
C HIS B 344 1.77 8.17 -30.15
N MET B 345 1.15 7.17 -30.78
CA MET B 345 1.77 5.87 -31.00
C MET B 345 3.13 5.97 -31.71
N ARG B 346 3.25 6.88 -32.66
CA ARG B 346 4.50 7.06 -33.39
C ARG B 346 5.67 7.55 -32.53
N LYS B 347 5.34 8.17 -31.38
CA LYS B 347 6.35 8.72 -30.44
C LYS B 347 6.77 7.81 -29.31
N MET B 348 6.02 6.72 -29.10
CA MET B 348 6.30 5.78 -28.02
C MET B 348 7.63 5.04 -28.23
N LYS B 349 8.26 4.66 -27.11
CA LYS B 349 9.53 3.93 -27.14
C LYS B 349 9.31 2.53 -27.69
N GLU B 350 10.41 1.90 -28.12
CA GLU B 350 10.39 0.57 -28.70
C GLU B 350 9.66 -0.46 -27.79
N ASN B 351 8.70 -1.16 -28.37
CA ASN B 351 7.88 -2.17 -27.67
C ASN B 351 7.03 -1.66 -26.51
N ALA B 352 6.47 -0.45 -26.65
CA ALA B 352 5.56 0.06 -25.64
C ALA B 352 4.27 -0.74 -25.81
N TYR B 353 3.59 -1.00 -24.69
CA TYR B 353 2.32 -1.71 -24.71
C TYR B 353 1.17 -0.74 -24.59
N ILE B 354 0.09 -1.06 -25.30
CA ILE B 354 -1.11 -0.24 -25.31
C ILE B 354 -2.32 -1.13 -25.09
N ALA B 355 -3.22 -0.69 -24.23
CA ALA B 355 -4.44 -1.43 -23.97
C ALA B 355 -5.52 -0.49 -23.53
N ASN B 356 -6.76 -0.95 -23.68
CA ASN B 356 -7.95 -0.21 -23.29
C ASN B 356 -8.80 -1.07 -22.38
N ILE B 357 -9.37 -0.46 -21.33
CA ILE B 357 -10.27 -1.18 -20.44
C ILE B 357 -11.69 -0.55 -20.48
N GLY B 358 -11.86 0.53 -21.25
CA GLY B 358 -13.16 1.16 -21.41
C GLY B 358 -14.06 0.26 -22.24
N HIS B 359 -15.36 0.50 -22.23
CA HIS B 359 -16.28 -0.37 -22.92
C HIS B 359 -16.03 -0.54 -24.42
N PHE B 360 -15.79 0.56 -25.12
CA PHE B 360 -15.54 0.52 -26.57
C PHE B 360 -14.09 0.81 -26.94
N ASP B 361 -13.69 0.26 -28.09
CA ASP B 361 -12.36 0.43 -28.62
C ASP B 361 -12.04 1.85 -29.11
N ASP B 362 -13.07 2.69 -29.25
CA ASP B 362 -12.92 4.09 -29.72
C ASP B 362 -11.85 4.93 -29.03
N GLU B 363 -11.48 4.57 -27.80
CA GLU B 363 -10.48 5.33 -27.06
C GLU B 363 -9.12 5.34 -27.74
N ILE B 364 -8.84 4.30 -28.54
CA ILE B 364 -7.58 4.16 -29.26
C ILE B 364 -7.90 4.14 -30.75
N ASP B 365 -7.13 4.88 -31.55
CA ASP B 365 -7.33 4.92 -32.99
C ASP B 365 -6.75 3.65 -33.65
N VAL B 366 -7.42 2.53 -33.39
CA VAL B 366 -7.01 1.24 -33.91
C VAL B 366 -7.05 1.21 -35.42
N TYR B 367 -8.12 1.77 -36.00
CA TYR B 367 -8.27 1.83 -37.46
C TYR B 367 -7.12 2.61 -38.11
N GLY B 368 -6.75 3.74 -37.49
CA GLY B 368 -5.64 4.56 -37.98
C GLY B 368 -4.31 3.81 -37.99
N LEU B 369 -4.10 3.01 -36.96
CA LEU B 369 -2.89 2.20 -36.81
C LEU B 369 -2.83 1.11 -37.86
N GLU B 370 -3.92 0.34 -37.96
CA GLU B 370 -4.00 -0.77 -38.92
C GLU B 370 -3.91 -0.34 -40.36
N ASN B 371 -4.33 0.89 -40.66
CA ASN B 371 -4.33 1.41 -42.03
C ASN B 371 -3.23 2.40 -42.28
N TYR B 372 -2.28 2.52 -41.35
CA TYR B 372 -1.19 3.43 -41.57
C TYR B 372 -0.39 2.89 -42.77
N PRO B 373 0.01 3.79 -43.71
CA PRO B 373 0.75 3.33 -44.91
C PRO B 373 2.10 2.66 -44.61
N GLY B 374 2.25 1.40 -45.05
CA GLY B 374 3.50 0.64 -44.84
C GLY B 374 3.66 -0.06 -43.50
N ILE B 375 2.60 -0.07 -42.68
CA ILE B 375 2.64 -0.69 -41.36
C ILE B 375 2.78 -2.22 -41.48
N LYS B 376 3.64 -2.81 -40.64
CA LYS B 376 3.84 -4.25 -40.59
C LYS B 376 3.17 -4.73 -39.30
N VAL B 377 2.37 -5.77 -39.37
CA VAL B 377 1.70 -6.30 -38.19
C VAL B 377 1.93 -7.80 -38.06
N ILE B 378 2.22 -8.26 -36.85
CA ILE B 378 2.42 -9.68 -36.58
C ILE B 378 1.62 -10.07 -35.35
N GLU B 379 1.13 -11.30 -35.36
CA GLU B 379 0.37 -11.82 -34.28
C GLU B 379 1.40 -12.37 -33.28
N VAL B 380 1.43 -11.77 -32.09
CA VAL B 380 2.35 -12.20 -31.03
C VAL B 380 1.78 -13.46 -30.37
N LYS B 381 0.50 -13.40 -30.05
CA LYS B 381 -0.24 -14.53 -29.50
C LYS B 381 -1.71 -14.25 -29.81
N GLN B 382 -2.61 -15.13 -29.39
CA GLN B 382 -4.02 -14.92 -29.65
C GLN B 382 -4.46 -13.56 -29.07
N ASN B 383 -4.93 -12.71 -29.97
CA ASN B 383 -5.43 -11.36 -29.66
C ASN B 383 -4.37 -10.40 -29.14
N VAL B 384 -3.13 -10.53 -29.59
CA VAL B 384 -2.08 -9.58 -29.22
C VAL B 384 -1.27 -9.35 -30.47
N HIS B 385 -1.14 -8.09 -30.89
CA HIS B 385 -0.44 -7.78 -32.13
C HIS B 385 0.63 -6.72 -32.01
N LYS B 386 1.76 -6.94 -32.69
CA LYS B 386 2.86 -5.97 -32.72
C LYS B 386 2.82 -5.24 -34.07
N PHE B 387 2.74 -3.91 -34.01
CA PHE B 387 2.71 -3.04 -35.19
C PHE B 387 4.01 -2.27 -35.30
N THR B 388 4.64 -2.33 -36.47
CA THR B 388 5.92 -1.66 -36.72
C THR B 388 5.82 -0.56 -37.80
N PHE B 389 6.29 0.64 -37.48
CA PHE B 389 6.26 1.78 -38.43
C PHE B 389 7.44 1.71 -39.39
N PRO B 390 7.20 1.97 -40.70
CA PRO B 390 8.26 1.86 -41.70
C PRO B 390 9.37 2.90 -41.64
N ASP B 391 9.04 4.13 -41.25
CA ASP B 391 10.04 5.21 -41.18
C ASP B 391 11.02 5.09 -40.00
N THR B 392 10.51 4.78 -38.82
CA THR B 392 11.34 4.67 -37.61
C THR B 392 11.76 3.24 -37.28
N GLN B 393 11.05 2.25 -37.83
CA GLN B 393 11.30 0.83 -37.55
C GLN B 393 11.00 0.49 -36.10
N LYS B 394 10.24 1.35 -35.43
CA LYS B 394 9.85 1.13 -34.04
C LYS B 394 8.51 0.43 -33.97
N SER B 395 8.28 -0.27 -32.87
CA SER B 395 7.05 -1.02 -32.71
C SER B 395 6.29 -0.74 -31.44
N VAL B 396 4.98 -0.98 -31.52
CA VAL B 396 4.06 -0.88 -30.39
C VAL B 396 3.27 -2.18 -30.39
N ILE B 397 2.93 -2.68 -29.21
CA ILE B 397 2.18 -3.91 -29.07
C ILE B 397 0.82 -3.55 -28.50
N LEU B 398 -0.23 -3.86 -29.26
CA LEU B 398 -1.62 -3.57 -28.89
C LEU B 398 -2.30 -4.85 -28.39
N LEU B 399 -2.96 -4.76 -27.23
CA LEU B 399 -3.66 -5.92 -26.68
C LEU B 399 -5.10 -5.92 -27.21
N CYS B 400 -5.48 -7.08 -27.75
CA CYS B 400 -6.81 -7.37 -28.33
C CYS B 400 -7.51 -6.26 -29.12
N LYS B 401 -6.77 -5.69 -30.07
CA LYS B 401 -7.28 -4.64 -30.96
C LYS B 401 -7.99 -3.50 -30.22
N GLY B 402 -7.49 -3.17 -29.02
CA GLY B 402 -8.09 -2.10 -28.26
C GLY B 402 -9.43 -2.38 -27.61
N ARG B 403 -9.91 -3.61 -27.70
CA ARG B 403 -11.16 -3.97 -27.04
C ARG B 403 -10.90 -4.15 -25.55
N LEU B 404 -11.94 -4.04 -24.73
CA LEU B 404 -11.77 -4.12 -23.26
C LEU B 404 -10.86 -5.30 -22.87
N VAL B 405 -9.68 -4.94 -22.38
CA VAL B 405 -8.60 -5.91 -22.14
C VAL B 405 -8.88 -7.00 -21.12
N ASN B 406 -9.60 -6.68 -20.05
CA ASN B 406 -9.89 -7.67 -19.04
C ASN B 406 -10.76 -8.83 -19.56
N LEU B 407 -11.55 -8.57 -20.60
CA LEU B 407 -12.41 -9.61 -21.21
C LEU B 407 -11.89 -10.10 -22.54
N GLY B 408 -10.99 -9.32 -23.16
CA GLY B 408 -10.39 -9.66 -24.46
C GLY B 408 -9.16 -10.54 -24.31
N CYS B 409 -8.36 -10.25 -23.29
CA CYS B 409 -7.15 -11.01 -22.98
C CYS B 409 -7.28 -11.86 -21.73
N ALA B 410 -8.40 -11.77 -21.02
CA ALA B 410 -8.65 -12.58 -19.81
C ALA B 410 -10.14 -12.89 -19.73
N THR B 411 -10.64 -13.33 -18.58
CA THR B 411 -12.07 -13.68 -18.44
C THR B 411 -12.93 -12.74 -17.55
N GLY B 412 -12.57 -11.46 -17.53
CA GLY B 412 -13.30 -10.46 -16.78
C GLY B 412 -13.19 -10.54 -15.28
N HIS B 413 -14.03 -9.77 -14.61
CA HIS B 413 -14.06 -9.72 -13.16
C HIS B 413 -14.42 -11.07 -12.56
N PRO B 414 -14.03 -11.29 -11.31
CA PRO B 414 -14.36 -12.55 -10.67
C PRO B 414 -15.83 -12.57 -10.23
N PRO B 415 -16.32 -13.75 -9.85
CA PRO B 415 -17.74 -13.95 -9.51
C PRO B 415 -18.40 -13.04 -8.47
N LEU B 416 -17.68 -12.76 -7.37
CA LEU B 416 -18.24 -11.96 -6.28
C LEU B 416 -18.81 -10.63 -6.72
N VAL B 417 -17.98 -9.78 -7.33
CA VAL B 417 -18.48 -8.47 -7.76
C VAL B 417 -19.51 -8.61 -8.87
N MET B 418 -19.36 -9.59 -9.77
CA MET B 418 -20.36 -9.79 -10.81
C MET B 418 -21.70 -10.18 -10.20
N SER B 419 -21.69 -10.90 -9.08
CA SER B 419 -22.92 -11.27 -8.41
C SER B 419 -23.59 -10.01 -7.87
N MET B 420 -22.79 -9.08 -7.34
CA MET B 420 -23.32 -7.81 -6.86
C MET B 420 -23.93 -7.03 -8.06
N SER B 421 -23.21 -6.96 -9.17
CA SER B 421 -23.73 -6.27 -10.33
C SER B 421 -25.00 -6.98 -10.86
N PHE B 422 -24.94 -8.31 -10.94
CA PHE B 422 -26.07 -9.07 -11.48
C PHE B 422 -27.28 -9.19 -10.57
N THR B 423 -27.08 -9.08 -9.26
CA THR B 423 -28.23 -9.07 -8.35
C THR B 423 -29.01 -7.77 -8.66
N ASN B 424 -28.27 -6.66 -8.86
CA ASN B 424 -28.90 -5.39 -9.29
C ASN B 424 -29.68 -5.60 -10.61
N GLN B 425 -29.05 -6.27 -11.58
CA GLN B 425 -29.72 -6.55 -12.87
C GLN B 425 -31.04 -7.31 -12.71
N VAL B 426 -31.01 -8.39 -11.93
CA VAL B 426 -32.22 -9.17 -11.69
C VAL B 426 -33.30 -8.29 -11.04
N LEU B 427 -32.92 -7.53 -10.01
CA LEU B 427 -33.86 -6.63 -9.32
C LEU B 427 -34.47 -5.58 -10.25
N ALA B 428 -33.66 -5.09 -11.20
CA ALA B 428 -34.11 -4.08 -12.17
C ALA B 428 -35.07 -4.73 -13.18
N GLN B 429 -34.78 -5.95 -13.58
CA GLN B 429 -35.67 -6.67 -14.48
C GLN B 429 -37.03 -6.88 -13.80
N MET B 430 -37.02 -7.26 -12.51
CA MET B 430 -38.27 -7.49 -11.76
C MET B 430 -39.11 -6.22 -11.63
N ASP B 431 -38.43 -5.10 -11.37
CA ASP B 431 -39.09 -3.81 -11.25
C ASP B 431 -39.76 -3.41 -12.59
N LEU B 432 -39.01 -3.51 -13.68
CA LEU B 432 -39.55 -3.18 -15.03
C LEU B 432 -40.77 -4.05 -15.38
N TRP B 433 -40.64 -5.35 -15.15
CA TRP B 433 -41.73 -6.29 -15.42
C TRP B 433 -42.95 -6.03 -14.52
N LYS B 434 -42.71 -5.82 -13.22
CA LYS B 434 -43.79 -5.57 -12.28
C LYS B 434 -44.57 -4.25 -12.53
N SER B 435 -43.91 -3.27 -13.14
N SER B 435 -43.90 -3.26 -13.14
CA SER B 435 -44.53 -1.96 -13.47
CA SER B 435 -44.54 -1.97 -13.46
C SER B 435 -45.02 -1.86 -14.93
C SER B 435 -44.89 -1.85 -14.95
N ARG B 436 -44.98 -2.97 -15.66
CA ARG B 436 -45.33 -2.96 -17.11
C ARG B 436 -46.66 -2.33 -17.50
N GLU B 437 -47.69 -2.47 -16.66
CA GLU B 437 -48.99 -1.88 -17.02
C GLU B 437 -49.04 -0.35 -16.90
N LEU B 438 -48.00 0.26 -16.34
CA LEU B 438 -47.91 1.72 -16.22
C LEU B 438 -47.30 2.36 -17.49
N VAL B 439 -47.04 1.54 -18.52
CA VAL B 439 -46.50 2.04 -19.79
C VAL B 439 -47.65 2.13 -20.79
N ASP B 440 -48.06 3.35 -21.12
CA ASP B 440 -49.13 3.61 -22.11
C ASP B 440 -48.53 4.13 -23.41
N ARG B 441 -48.59 3.31 -24.45
CA ARG B 441 -48.07 3.66 -25.77
C ARG B 441 -48.98 4.66 -26.49
N SER B 442 -50.28 4.62 -26.19
CA SER B 442 -51.24 5.53 -26.81
C SER B 442 -51.06 6.95 -26.28
N LYS B 443 -50.99 7.09 -24.96
CA LYS B 443 -50.88 8.40 -24.32
C LYS B 443 -49.52 9.10 -24.49
N ASN B 444 -48.59 8.93 -23.55
CA ASN B 444 -47.29 9.63 -23.62
C ASN B 444 -46.07 8.79 -24.05
N THR B 445 -45.22 9.40 -24.89
CA THR B 445 -44.01 8.79 -25.42
C THR B 445 -42.81 9.48 -24.72
N ARG B 446 -42.99 9.80 -23.43
CA ARG B 446 -41.96 10.48 -22.66
C ARG B 446 -41.35 9.51 -21.62
N PHE B 447 -40.24 8.85 -21.96
CA PHE B 447 -39.60 7.88 -21.05
C PHE B 447 -38.34 8.39 -20.36
N PHE B 448 -38.08 7.83 -19.17
CA PHE B 448 -36.97 8.27 -18.31
C PHE B 448 -36.02 7.15 -17.84
N VAL B 449 -34.89 7.59 -17.30
CA VAL B 449 -33.89 6.70 -16.73
C VAL B 449 -33.98 6.87 -15.21
N LYS B 450 -34.16 5.78 -14.48
CA LYS B 450 -34.19 5.83 -13.02
C LYS B 450 -33.17 4.81 -12.48
N LYS B 451 -33.00 4.82 -11.16
CA LYS B 451 -32.07 3.91 -10.47
C LYS B 451 -32.81 3.13 -9.41
N LEU B 452 -32.18 2.07 -8.93
CA LEU B 452 -32.77 1.29 -7.87
C LEU B 452 -32.66 2.10 -6.58
N SER B 453 -33.58 1.87 -5.65
CA SER B 453 -33.57 2.57 -4.39
C SER B 453 -32.39 2.16 -3.52
N LYS B 454 -32.06 3.00 -2.54
CA LYS B 454 -30.96 2.71 -1.62
C LYS B 454 -31.27 1.47 -0.77
N GLU B 455 -32.55 1.23 -0.46
CA GLU B 455 -32.95 0.05 0.31
C GLU B 455 -32.48 -1.24 -0.39
N LEU B 456 -32.74 -1.31 -1.70
CA LEU B 456 -32.37 -2.47 -2.49
C LEU B 456 -30.86 -2.53 -2.66
N ASP B 457 -30.26 -1.36 -2.80
CA ASP B 457 -28.82 -1.25 -2.97
C ASP B 457 -28.13 -1.86 -1.73
N GLU B 458 -28.56 -1.46 -0.53
CA GLU B 458 -28.02 -2.01 0.72
C GLU B 458 -28.30 -3.52 0.84
N TYR B 459 -29.48 -3.92 0.39
CA TYR B 459 -29.86 -5.34 0.39
C TYR B 459 -28.86 -6.18 -0.40
N VAL B 460 -28.43 -5.70 -1.58
CA VAL B 460 -27.43 -6.43 -2.40
C VAL B 460 -26.17 -6.67 -1.56
N ALA B 461 -25.75 -5.64 -0.82
CA ALA B 461 -24.58 -5.74 0.04
C ALA B 461 -24.82 -6.77 1.15
N ARG B 462 -25.98 -6.72 1.80
CA ARG B 462 -26.30 -7.70 2.84
C ARG B 462 -26.22 -9.11 2.32
N LEU B 463 -26.69 -9.33 1.10
CA LEU B 463 -26.69 -10.67 0.51
C LEU B 463 -25.31 -11.25 0.25
N HIS B 464 -24.26 -10.43 0.34
CA HIS B 464 -22.89 -10.91 0.08
C HIS B 464 -21.93 -10.88 1.27
N LEU B 465 -22.39 -10.36 2.42
CA LEU B 465 -21.53 -10.23 3.62
C LEU B 465 -20.98 -11.58 4.11
N ASP B 466 -21.81 -12.62 4.11
CA ASP B 466 -21.41 -13.95 4.55
C ASP B 466 -20.34 -14.61 3.69
N VAL B 467 -20.25 -14.22 2.42
CA VAL B 467 -19.20 -14.74 1.53
C VAL B 467 -17.81 -14.49 2.16
N LEU B 468 -17.65 -13.31 2.78
CA LEU B 468 -16.38 -12.91 3.37
C LEU B 468 -16.34 -12.91 4.90
N GLY B 469 -17.34 -13.53 5.53
CA GLY B 469 -17.38 -13.59 7.00
C GLY B 469 -17.46 -12.22 7.68
N ILE B 470 -18.13 -11.27 7.03
CA ILE B 470 -18.29 -9.93 7.56
C ILE B 470 -19.35 -9.90 8.66
N LYS B 471 -19.00 -9.31 9.81
CA LYS B 471 -19.93 -9.24 10.95
C LYS B 471 -20.40 -7.81 11.13
N LEU B 472 -21.68 -7.60 10.84
CA LEU B 472 -22.27 -6.29 10.88
C LEU B 472 -22.80 -5.94 12.28
N THR B 473 -22.53 -4.72 12.71
CA THR B 473 -23.01 -4.23 14.00
C THR B 473 -24.45 -3.75 13.83
N LYS B 474 -25.26 -3.93 14.87
CA LYS B 474 -26.65 -3.51 14.85
C LYS B 474 -26.83 -2.28 15.73
N LEU B 475 -27.54 -1.28 15.20
CA LEU B 475 -27.82 -0.05 15.95
C LEU B 475 -28.82 -0.28 17.08
N THR B 476 -28.58 0.32 18.24
CA THR B 476 -29.55 0.27 19.33
C THR B 476 -30.65 1.28 18.94
N GLU B 477 -31.79 1.24 19.61
CA GLU B 477 -32.88 2.17 19.31
C GLU B 477 -32.44 3.63 19.56
N THR B 478 -31.68 3.87 20.62
CA THR B 478 -31.25 5.23 20.96
C THR B 478 -30.22 5.74 19.93
N GLN B 479 -29.33 4.86 19.46
CA GLN B 479 -28.34 5.23 18.44
C GLN B 479 -29.02 5.59 17.12
N ALA B 480 -30.00 4.78 16.73
CA ALA B 480 -30.74 4.99 15.47
C ALA B 480 -31.45 6.35 15.46
N LYS B 481 -31.97 6.74 16.60
CA LYS B 481 -32.64 8.02 16.72
C LYS B 481 -31.61 9.18 16.69
N TYR B 482 -30.42 8.93 17.25
CA TYR B 482 -29.38 9.95 17.32
C TYR B 482 -28.84 10.31 15.95
N ILE B 483 -28.57 9.31 15.11
CA ILE B 483 -28.08 9.59 13.74
C ILE B 483 -29.24 9.72 12.74
N ASN B 484 -30.48 9.58 13.23
CA ASN B 484 -31.69 9.80 12.44
C ASN B 484 -31.94 8.81 11.30
N VAL B 485 -31.75 7.53 11.58
CA VAL B 485 -32.02 6.48 10.61
C VAL B 485 -32.84 5.39 11.27
N SER B 486 -33.38 4.53 10.44
CA SER B 486 -34.10 3.35 10.94
C SER B 486 -33.02 2.28 11.20
N ILE B 487 -33.29 1.42 12.19
CA ILE B 487 -32.38 0.32 12.53
C ILE B 487 -32.12 -0.57 11.29
N ASN B 488 -33.09 -0.63 10.38
CA ASN B 488 -32.97 -1.45 9.16
C ASN B 488 -32.59 -0.66 7.91
N GLY B 489 -32.13 0.57 8.09
CA GLY B 489 -31.73 1.39 6.97
C GLY B 489 -32.92 1.96 6.23
N PRO B 490 -32.67 2.73 5.16
CA PRO B 490 -31.31 3.04 4.67
C PRO B 490 -30.46 3.89 5.65
N TYR B 491 -29.15 3.71 5.62
CA TYR B 491 -28.25 4.38 6.57
C TYR B 491 -27.61 5.69 6.16
N LYS B 492 -27.71 6.04 4.89
CA LYS B 492 -27.08 7.24 4.37
C LYS B 492 -28.05 8.06 3.55
N SER B 493 -27.79 9.35 3.41
CA SER B 493 -28.65 10.21 2.61
C SER B 493 -28.45 9.88 1.11
N GLU B 494 -29.38 10.29 0.26
CA GLU B 494 -29.31 9.98 -1.17
C GLU B 494 -28.05 10.49 -1.89
N ASP B 495 -27.51 11.62 -1.43
CA ASP B 495 -26.32 12.19 -2.04
C ASP B 495 -24.99 11.63 -1.48
N TYR B 496 -25.07 10.67 -0.55
CA TYR B 496 -23.86 10.10 0.05
C TYR B 496 -23.04 9.42 -1.03
N ARG B 497 -21.73 9.66 -1.02
CA ARG B 497 -20.82 9.16 -2.05
C ARG B 497 -19.97 7.93 -1.72
N TYR B 498 -20.01 7.46 -0.47
CA TYR B 498 -19.25 6.29 -0.07
C TYR B 498 -17.75 6.42 -0.38
N MET C 6 22.02 -36.78 -29.83
CA MET C 6 20.65 -37.26 -30.22
C MET C 6 19.81 -36.18 -30.92
N GLU C 7 18.59 -36.58 -31.30
CA GLU C 7 17.61 -35.70 -31.91
C GLU C 7 16.75 -35.16 -30.76
N SER C 8 16.37 -33.89 -30.82
CA SER C 8 15.54 -33.29 -29.78
C SER C 8 14.14 -33.92 -29.70
N ARG C 9 13.58 -33.91 -28.50
CA ARG C 9 12.24 -34.41 -28.27
C ARG C 9 11.42 -33.29 -27.61
N ILE C 10 10.61 -32.65 -28.44
CA ILE C 10 9.73 -31.53 -28.05
C ILE C 10 8.32 -31.80 -28.58
N LYS C 11 7.39 -30.92 -28.21
CA LYS C 11 5.99 -31.07 -28.55
C LYS C 11 5.70 -30.80 -30.02
N ASP C 12 6.11 -29.61 -30.48
CA ASP C 12 5.80 -29.18 -31.83
C ASP C 12 6.76 -28.09 -32.36
N ILE C 13 7.62 -28.49 -33.27
CA ILE C 13 8.61 -27.61 -33.91
C ILE C 13 7.98 -26.39 -34.62
N SER C 14 6.76 -26.52 -35.12
CA SER C 14 6.10 -25.42 -35.84
C SER C 14 5.70 -24.23 -34.97
N LEU C 15 5.88 -24.34 -33.65
CA LEU C 15 5.60 -23.24 -32.75
C LEU C 15 6.81 -22.28 -32.66
N ALA C 16 7.90 -22.62 -33.35
CA ALA C 16 9.16 -21.83 -33.30
C ALA C 16 9.04 -20.33 -33.51
N GLU C 17 8.27 -19.91 -34.52
CA GLU C 17 8.12 -18.47 -34.83
C GLU C 17 7.52 -17.68 -33.70
N PHE C 18 6.56 -18.26 -33.00
CA PHE C 18 5.96 -17.59 -31.87
C PHE C 18 7.01 -17.43 -30.76
N GLY C 19 7.84 -18.47 -30.59
CA GLY C 19 8.89 -18.45 -29.57
C GLY C 19 9.95 -17.39 -29.86
N LEU C 20 10.35 -17.33 -31.11
CA LEU C 20 11.35 -16.37 -31.54
C LEU C 20 10.86 -14.92 -31.39
N GLN C 21 9.59 -14.66 -31.70
CA GLN C 21 9.03 -13.33 -31.56
C GLN C 21 9.01 -12.95 -30.08
N ASP C 22 8.55 -13.85 -29.22
CA ASP C 22 8.49 -13.58 -27.78
C ASP C 22 9.86 -13.33 -27.19
N MET C 23 10.86 -14.10 -27.65
CA MET C 23 12.25 -13.92 -27.20
C MET C 23 12.70 -12.52 -27.53
N GLU C 24 12.37 -12.05 -28.73
CA GLU C 24 12.77 -10.72 -29.18
C GLU C 24 12.11 -9.62 -28.33
N ILE C 25 10.84 -9.79 -27.98
CA ILE C 25 10.12 -8.82 -27.16
C ILE C 25 10.71 -8.86 -25.74
N ALA C 26 10.91 -10.06 -25.23
CA ALA C 26 11.48 -10.25 -23.90
C ALA C 26 12.82 -9.53 -23.74
N LYS C 27 13.66 -9.54 -24.79
CA LYS C 27 15.00 -8.90 -24.74
C LYS C 27 15.00 -7.40 -24.52
N THR C 28 13.85 -6.76 -24.71
CA THR C 28 13.75 -5.34 -24.45
C THR C 28 14.07 -5.10 -22.97
N ASP C 29 13.66 -6.03 -22.10
CA ASP C 29 13.92 -5.93 -20.66
C ASP C 29 15.09 -6.80 -20.15
N MET C 30 15.55 -7.77 -20.92
CA MET C 30 16.63 -8.65 -20.47
C MET C 30 17.97 -8.07 -20.88
N MET C 31 18.22 -6.81 -20.50
N MET C 31 18.21 -6.80 -20.50
CA MET C 31 19.43 -6.12 -20.92
CA MET C 31 19.46 -6.08 -20.84
C MET C 31 20.74 -6.67 -20.34
C MET C 31 20.72 -6.78 -20.42
N GLY C 32 20.67 -7.51 -19.31
CA GLY C 32 21.84 -8.17 -18.78
C GLY C 32 22.34 -9.18 -19.79
N LEU C 33 21.42 -9.99 -20.31
CA LEU C 33 21.76 -11.00 -21.29
C LEU C 33 22.12 -10.38 -22.64
N VAL C 34 21.41 -9.33 -23.03
CA VAL C 34 21.70 -8.62 -24.26
C VAL C 34 23.14 -8.08 -24.26
N GLU C 35 23.54 -7.51 -23.14
CA GLU C 35 24.89 -6.96 -22.99
C GLU C 35 25.96 -8.06 -23.00
N LEU C 36 25.69 -9.19 -22.32
CA LEU C 36 26.65 -10.28 -22.31
C LEU C 36 26.86 -10.81 -23.73
N GLN C 37 25.79 -10.87 -24.51
CA GLN C 37 25.91 -11.32 -25.90
C GLN C 37 26.72 -10.29 -26.71
N ARG C 38 26.41 -9.00 -26.54
CA ARG C 38 27.11 -7.98 -27.30
C ARG C 38 28.61 -8.01 -27.01
N LYS C 39 28.94 -8.05 -25.73
CA LYS C 39 30.30 -7.99 -25.24
C LYS C 39 31.14 -9.24 -25.42
N TYR C 40 30.52 -10.43 -25.36
CA TYR C 40 31.27 -11.68 -25.44
C TYR C 40 31.00 -12.63 -26.61
N ARG C 41 30.13 -12.28 -27.55
CA ARG C 41 29.84 -13.21 -28.67
C ARG C 41 31.02 -13.42 -29.62
N ASP C 42 31.99 -12.50 -29.64
CA ASP C 42 33.14 -12.66 -30.50
C ASP C 42 34.28 -13.40 -29.78
N SER C 43 34.67 -12.93 -28.59
CA SER C 43 35.74 -13.58 -27.82
C SER C 43 35.35 -15.01 -27.36
N LYS C 44 34.05 -15.24 -27.12
CA LYS C 44 33.52 -16.55 -26.71
C LYS C 44 34.20 -17.17 -25.49
N PRO C 45 33.90 -16.64 -24.29
CA PRO C 45 34.49 -17.15 -23.07
C PRO C 45 34.09 -18.57 -22.69
N LEU C 46 33.06 -19.12 -23.31
CA LEU C 46 32.64 -20.51 -23.06
C LEU C 46 32.92 -21.44 -24.26
N LYS C 47 33.81 -21.00 -25.17
CA LYS C 47 34.07 -21.77 -26.40
C LYS C 47 34.47 -23.23 -26.14
N GLY C 48 33.71 -24.15 -26.75
CA GLY C 48 33.96 -25.58 -26.62
C GLY C 48 33.34 -26.28 -25.44
N ALA C 49 32.90 -25.51 -24.43
CA ALA C 49 32.29 -26.11 -23.24
C ALA C 49 30.97 -26.82 -23.55
N ARG C 50 30.79 -28.01 -23.00
CA ARG C 50 29.55 -28.75 -23.17
C ARG C 50 28.74 -28.46 -21.92
N ILE C 51 27.58 -27.83 -22.07
CA ILE C 51 26.74 -27.47 -20.94
C ILE C 51 25.38 -28.18 -20.94
N THR C 52 25.07 -28.87 -19.84
CA THR C 52 23.76 -29.52 -19.66
C THR C 52 22.98 -28.65 -18.66
N GLY C 53 21.77 -28.30 -19.05
CA GLY C 53 20.87 -27.49 -18.20
C GLY C 53 19.58 -28.21 -17.84
N SER C 54 19.19 -28.07 -16.58
CA SER C 54 17.96 -28.61 -16.02
C SER C 54 17.30 -27.38 -15.38
N LEU C 55 16.50 -26.67 -16.17
CA LEU C 55 15.85 -25.45 -15.70
C LEU C 55 14.63 -25.10 -16.58
N HIS C 56 13.48 -24.93 -15.91
CA HIS C 56 12.19 -24.59 -16.54
C HIS C 56 12.39 -23.93 -17.88
N LEU C 57 11.99 -24.59 -18.97
CA LEU C 57 12.26 -24.04 -20.31
C LEU C 57 11.18 -23.08 -20.78
N THR C 58 11.29 -21.85 -20.28
CA THR C 58 10.39 -20.76 -20.61
C THR C 58 11.04 -19.91 -21.69
N ILE C 59 10.35 -18.85 -22.12
CA ILE C 59 10.93 -17.91 -23.09
C ILE C 59 12.16 -17.27 -22.47
N GLU C 60 12.09 -16.98 -21.17
CA GLU C 60 13.20 -16.35 -20.43
C GLU C 60 14.43 -17.24 -20.45
N THR C 61 14.21 -18.53 -20.25
CA THR C 61 15.28 -19.52 -20.26
C THR C 61 15.85 -19.64 -21.69
N SER C 62 14.98 -19.54 -22.70
CA SER C 62 15.46 -19.59 -24.08
C SER C 62 16.53 -18.51 -24.35
N VAL C 63 16.35 -17.32 -23.77
CA VAL C 63 17.32 -16.24 -23.95
C VAL C 63 18.61 -16.57 -23.18
N LEU C 64 18.51 -17.24 -22.02
CA LEU C 64 19.72 -17.67 -21.29
C LEU C 64 20.52 -18.62 -22.17
N VAL C 65 19.83 -19.62 -22.72
CA VAL C 65 20.45 -20.62 -23.55
C VAL C 65 21.08 -19.95 -24.76
N GLU C 66 20.34 -19.03 -25.37
CA GLU C 66 20.85 -18.31 -26.52
C GLU C 66 22.17 -17.61 -26.15
N THR C 67 22.20 -17.02 -24.95
CA THR C 67 23.37 -16.32 -24.45
C THR C 67 24.56 -17.26 -24.27
N LEU C 68 24.34 -18.40 -23.64
CA LEU C 68 25.42 -19.40 -23.46
C LEU C 68 25.98 -19.83 -24.82
N TYR C 69 25.08 -20.02 -25.79
CA TYR C 69 25.43 -20.42 -27.14
C TYR C 69 26.27 -19.37 -27.86
N GLU C 70 25.84 -18.11 -27.79
CA GLU C 70 26.57 -17.01 -28.44
C GLU C 70 27.96 -16.88 -27.82
N LEU C 71 28.08 -17.25 -26.54
CA LEU C 71 29.36 -17.20 -25.85
C LEU C 71 30.25 -18.41 -26.12
N GLY C 72 29.77 -19.32 -26.99
CA GLY C 72 30.58 -20.46 -27.43
C GLY C 72 30.28 -21.87 -26.99
N ALA C 73 29.37 -22.06 -26.04
CA ALA C 73 29.08 -23.42 -25.58
C ALA C 73 28.22 -24.23 -26.54
N GLU C 74 28.26 -25.56 -26.37
CA GLU C 74 27.41 -26.54 -27.06
C GLU C 74 26.45 -26.83 -25.92
N ILE C 75 25.17 -26.98 -26.22
CA ILE C 75 24.18 -27.12 -25.15
C ILE C 75 23.09 -28.19 -25.32
N ARG C 76 22.79 -28.85 -24.21
CA ARG C 76 21.71 -29.84 -24.13
C ARG C 76 20.84 -29.35 -22.99
N TRP C 77 19.53 -29.36 -23.17
CA TRP C 77 18.67 -28.79 -22.14
C TRP C 77 17.39 -29.58 -21.87
N CYS C 78 16.94 -29.52 -20.62
CA CYS C 78 15.68 -30.13 -20.18
C CYS C 78 15.09 -29.21 -19.10
N SER C 79 13.81 -29.40 -18.75
CA SER C 79 13.15 -28.61 -17.70
C SER C 79 13.30 -29.30 -16.38
N CYS C 80 13.17 -28.53 -15.30
CA CYS C 80 13.26 -29.09 -13.96
C CYS C 80 11.87 -29.24 -13.31
N ASN C 81 10.82 -29.26 -14.13
CA ASN C 81 9.45 -29.49 -13.66
C ASN C 81 8.61 -30.00 -14.83
N ILE C 82 7.70 -30.93 -14.55
CA ILE C 82 6.84 -31.53 -15.58
C ILE C 82 5.84 -30.59 -16.22
N TYR C 83 5.51 -29.48 -15.55
CA TYR C 83 4.53 -28.54 -16.09
C TYR C 83 5.08 -27.20 -16.58
N SER C 84 6.36 -26.91 -16.34
CA SER C 84 6.89 -25.56 -16.59
C SER C 84 7.36 -25.17 -17.99
N THR C 85 7.64 -26.15 -18.82
CA THR C 85 8.09 -25.89 -20.17
C THR C 85 7.04 -25.13 -20.98
N GLN C 86 7.49 -24.15 -21.78
CA GLN C 86 6.61 -23.45 -22.71
C GLN C 86 7.06 -24.04 -24.05
N ASP C 87 6.15 -24.76 -24.72
CA ASP C 87 6.46 -25.45 -25.97
C ASP C 87 6.98 -24.57 -27.11
N HIS C 88 6.52 -23.32 -27.18
CA HIS C 88 7.02 -22.43 -28.24
C HIS C 88 8.46 -21.97 -27.96
N ALA C 89 8.86 -21.94 -26.69
CA ALA C 89 10.23 -21.57 -26.31
C ALA C 89 11.19 -22.70 -26.70
N ALA C 90 10.76 -23.93 -26.44
CA ALA C 90 11.56 -25.11 -26.76
C ALA C 90 11.72 -25.24 -28.27
N ALA C 91 10.64 -24.95 -29.00
CA ALA C 91 10.66 -25.02 -30.45
C ALA C 91 11.65 -24.02 -31.04
N ALA C 92 11.69 -22.81 -30.49
CA ALA C 92 12.61 -21.76 -31.00
C ALA C 92 14.07 -22.23 -30.92
N LEU C 93 14.43 -22.85 -29.80
CA LEU C 93 15.81 -23.33 -29.61
C LEU C 93 16.16 -24.43 -30.59
N VAL C 94 15.24 -25.37 -30.80
CA VAL C 94 15.48 -26.48 -31.73
C VAL C 94 15.55 -25.96 -33.17
N LYS C 95 14.61 -25.10 -33.55
CA LYS C 95 14.54 -24.52 -34.90
C LYS C 95 15.85 -23.83 -35.28
N LYS C 96 16.38 -23.01 -34.38
CA LYS C 96 17.65 -22.28 -34.60
C LYS C 96 18.94 -23.09 -34.36
N ASN C 97 18.83 -24.38 -34.00
CA ASN C 97 20.01 -25.23 -33.69
C ASN C 97 20.87 -24.70 -32.56
N ILE C 98 20.24 -23.98 -31.63
CA ILE C 98 20.93 -23.38 -30.51
C ILE C 98 21.24 -24.45 -29.47
N ALA C 99 20.35 -25.43 -29.34
CA ALA C 99 20.52 -26.50 -28.36
C ALA C 99 19.70 -27.75 -28.69
N THR C 100 20.11 -28.88 -28.10
CA THR C 100 19.38 -30.15 -28.24
C THR C 100 18.49 -30.14 -27.00
N VAL C 101 17.18 -30.20 -27.20
CA VAL C 101 16.23 -30.08 -26.12
C VAL C 101 15.41 -31.35 -25.86
N PHE C 102 15.20 -31.66 -24.58
CA PHE C 102 14.37 -32.81 -24.15
C PHE C 102 13.38 -32.26 -23.14
N ALA C 103 12.30 -31.66 -23.66
CA ALA C 103 11.29 -31.01 -22.83
C ALA C 103 10.00 -30.64 -23.55
N TRP C 104 8.92 -30.74 -22.78
CA TRP C 104 7.59 -30.39 -23.25
C TRP C 104 6.71 -30.19 -22.05
N LYS C 105 5.65 -29.39 -22.22
CA LYS C 105 4.72 -29.13 -21.14
C LYS C 105 3.88 -30.38 -20.90
N ASN C 106 3.62 -30.68 -19.63
CA ASN C 106 2.80 -31.84 -19.19
C ASN C 106 3.45 -33.20 -19.46
N GLU C 107 4.66 -33.36 -18.93
CA GLU C 107 5.42 -34.60 -19.05
C GLU C 107 4.98 -35.56 -17.98
N THR C 108 5.09 -36.84 -18.25
CA THR C 108 4.83 -37.83 -17.20
C THR C 108 6.12 -37.76 -16.35
N ILE C 109 6.03 -38.22 -15.11
CA ILE C 109 7.21 -38.23 -14.24
C ILE C 109 8.28 -39.14 -14.82
N GLU C 110 7.86 -40.21 -15.48
CA GLU C 110 8.78 -41.16 -16.10
C GLU C 110 9.57 -40.47 -17.23
N ASP C 111 8.86 -39.75 -18.11
CA ASP C 111 9.51 -39.05 -19.21
C ASP C 111 10.41 -37.93 -18.72
N TYR C 112 10.10 -37.38 -17.55
CA TYR C 112 10.92 -36.32 -16.97
C TYR C 112 12.33 -36.80 -16.68
N TRP C 113 12.44 -37.95 -16.02
CA TRP C 113 13.75 -38.50 -15.70
C TRP C 113 14.50 -38.99 -16.92
N VAL C 114 13.78 -39.45 -17.94
CA VAL C 114 14.40 -39.87 -19.19
C VAL C 114 14.95 -38.65 -19.92
N CYS C 115 14.23 -37.53 -19.87
CA CYS C 115 14.69 -36.29 -20.51
C CYS C 115 15.96 -35.75 -19.87
N LEU C 116 16.01 -35.81 -18.54
CA LEU C 116 17.18 -35.34 -17.80
C LEU C 116 18.38 -36.21 -18.13
N ASN C 117 18.17 -37.52 -18.10
CA ASN C 117 19.25 -38.46 -18.39
C ASN C 117 19.78 -38.23 -19.80
N ASP C 118 18.88 -38.02 -20.76
CA ASP C 118 19.30 -37.74 -22.14
C ASP C 118 20.10 -36.40 -22.21
N ALA C 119 19.66 -35.39 -21.45
CA ALA C 119 20.38 -34.10 -21.47
C ALA C 119 21.81 -34.21 -20.92
N MET C 120 22.03 -35.18 -20.03
CA MET C 120 23.33 -35.44 -19.42
C MET C 120 24.22 -36.30 -20.32
N THR C 121 23.63 -36.90 -21.35
CA THR C 121 24.35 -37.77 -22.27
C THR C 121 24.90 -37.04 -23.49
N TRP C 122 26.21 -37.08 -23.64
CA TRP C 122 26.89 -36.43 -24.75
C TRP C 122 27.67 -37.45 -25.58
N ARG C 123 27.60 -37.29 -26.90
CA ARG C 123 28.36 -38.12 -27.84
C ARG C 123 29.80 -37.59 -27.86
N ASN C 124 30.74 -38.50 -27.63
CA ASN C 124 32.16 -38.20 -27.61
C ASN C 124 32.55 -37.71 -29.04
N PRO C 125 33.13 -36.49 -29.16
CA PRO C 125 33.50 -35.96 -30.49
C PRO C 125 34.58 -36.75 -31.25
N ASN C 126 35.40 -37.52 -30.50
CA ASN C 126 36.45 -38.36 -31.09
C ASN C 126 35.82 -39.70 -31.51
N ASP C 127 35.45 -40.51 -30.52
CA ASP C 127 34.80 -41.81 -30.78
C ASP C 127 33.29 -41.57 -30.80
N LYS C 128 32.72 -41.38 -31.99
CA LYS C 128 31.26 -41.15 -32.12
C LYS C 128 30.45 -42.28 -31.44
N ASP C 129 31.04 -43.48 -31.34
CA ASP C 129 30.41 -44.66 -30.70
C ASP C 129 30.57 -44.73 -29.15
N LYS C 130 31.03 -43.64 -28.51
CA LYS C 130 31.19 -43.59 -27.04
C LYS C 130 30.52 -42.37 -26.40
N ILE C 131 30.09 -42.58 -25.16
CA ILE C 131 29.40 -41.57 -24.38
C ILE C 131 30.33 -40.84 -23.42
N CYS C 132 29.97 -39.60 -23.11
CA CYS C 132 30.67 -38.80 -22.11
C CYS C 132 29.59 -37.91 -21.47
N GLY C 133 29.98 -37.05 -20.53
CA GLY C 133 29.04 -36.16 -19.85
C GLY C 133 29.34 -34.70 -20.14
N PRO C 134 28.64 -33.80 -19.46
CA PRO C 134 28.88 -32.38 -19.64
C PRO C 134 30.10 -31.90 -18.87
N ASN C 135 30.60 -30.73 -19.28
CA ASN C 135 31.70 -30.09 -18.59
C ASN C 135 31.14 -29.25 -17.45
N LEU C 136 29.99 -28.63 -17.73
CA LEU C 136 29.31 -27.74 -16.79
C LEU C 136 27.83 -28.02 -16.72
N ILE C 137 27.22 -27.67 -15.58
CA ILE C 137 25.80 -27.87 -15.39
C ILE C 137 25.12 -26.61 -14.84
N VAL C 138 23.99 -26.24 -15.45
CA VAL C 138 23.15 -25.16 -14.95
C VAL C 138 21.97 -25.93 -14.36
N ASP C 139 21.86 -25.90 -13.04
CA ASP C 139 20.83 -26.68 -12.37
C ASP C 139 19.85 -25.75 -11.64
N ASP C 140 18.63 -26.23 -11.47
CA ASP C 140 17.56 -25.50 -10.78
C ASP C 140 16.76 -26.54 -9.97
N GLY C 141 17.06 -26.61 -8.67
CA GLY C 141 16.42 -27.56 -7.79
C GLY C 141 17.31 -28.74 -7.46
N GLY C 142 18.37 -28.93 -8.25
CA GLY C 142 19.32 -30.00 -7.98
C GLY C 142 19.11 -31.39 -8.55
N ASP C 143 18.14 -31.60 -9.44
CA ASP C 143 17.94 -32.94 -10.03
C ASP C 143 19.11 -33.41 -10.93
N ALA C 144 19.73 -32.52 -11.68
CA ALA C 144 20.90 -32.90 -12.48
C ALA C 144 22.03 -33.32 -11.52
N THR C 145 22.24 -32.51 -10.49
CA THR C 145 23.26 -32.80 -9.51
C THR C 145 22.91 -34.09 -8.75
N LEU C 146 21.63 -34.30 -8.47
CA LEU C 146 21.19 -35.50 -7.76
C LEU C 146 21.45 -36.77 -8.57
N ILE C 147 20.97 -36.80 -9.82
CA ILE C 147 21.12 -38.00 -10.66
C ILE C 147 22.59 -38.39 -10.86
N LEU C 148 23.48 -37.39 -10.89
CA LEU C 148 24.91 -37.63 -11.00
C LEU C 148 25.44 -38.31 -9.73
N HIS C 149 25.18 -37.71 -8.58
CA HIS C 149 25.63 -38.27 -7.30
C HIS C 149 25.00 -39.62 -6.96
N GLU C 150 23.70 -39.76 -7.20
CA GLU C 150 23.02 -41.04 -6.95
C GLU C 150 23.51 -42.08 -7.96
N GLY C 151 23.98 -41.62 -9.10
CA GLY C 151 24.52 -42.50 -10.13
C GLY C 151 25.86 -43.08 -9.70
N VAL C 152 26.72 -42.21 -9.19
CA VAL C 152 28.02 -42.64 -8.70
C VAL C 152 27.81 -43.62 -7.54
N LYS C 153 26.91 -43.27 -6.61
CA LYS C 153 26.59 -44.11 -5.45
C LYS C 153 26.15 -45.51 -5.93
N ALA C 154 25.27 -45.54 -6.93
CA ALA C 154 24.73 -46.79 -7.50
C ALA C 154 25.80 -47.67 -8.11
N GLU C 155 26.72 -47.07 -8.88
CA GLU C 155 27.82 -47.81 -9.52
C GLU C 155 28.79 -48.38 -8.48
N ILE C 156 29.07 -47.64 -7.41
CA ILE C 156 29.97 -48.10 -6.34
C ILE C 156 29.33 -49.27 -5.59
N GLU C 157 28.05 -49.16 -5.28
CA GLU C 157 27.31 -50.23 -4.61
C GLU C 157 27.17 -51.43 -5.56
N TYR C 158 27.09 -51.16 -6.86
CA TYR C 158 26.97 -52.20 -7.90
C TYR C 158 28.22 -53.08 -7.98
N GLU C 159 29.40 -52.48 -7.94
CA GLU C 159 30.67 -53.23 -7.98
C GLU C 159 30.95 -53.90 -6.65
N LYS C 160 30.50 -53.29 -5.56
CA LYS C 160 30.74 -53.84 -4.23
C LYS C 160 30.10 -55.22 -4.02
N TYR C 161 28.91 -55.46 -4.56
CA TYR C 161 28.24 -56.77 -4.41
C TYR C 161 27.99 -57.46 -5.76
N ASN C 162 28.57 -56.91 -6.81
CA ASN C 162 28.45 -57.44 -8.17
C ASN C 162 27.01 -57.84 -8.58
N LYS C 163 26.05 -56.96 -8.29
CA LYS C 163 24.63 -57.12 -8.67
C LYS C 163 23.88 -55.79 -8.49
N ILE C 164 22.72 -55.68 -9.14
CA ILE C 164 21.90 -54.48 -9.06
C ILE C 164 21.53 -54.25 -7.59
N PRO C 165 21.85 -53.06 -7.05
CA PRO C 165 21.50 -52.76 -5.66
C PRO C 165 20.01 -52.93 -5.38
N GLU C 166 19.66 -53.56 -4.26
CA GLU C 166 18.25 -53.81 -3.87
C GLU C 166 17.37 -52.58 -3.83
N TYR C 167 17.90 -51.47 -3.34
CA TYR C 167 17.11 -50.23 -3.23
C TYR C 167 16.57 -49.70 -4.59
N LEU C 168 17.26 -50.02 -5.68
CA LEU C 168 16.80 -49.61 -7.03
C LEU C 168 15.70 -50.52 -7.55
N GLU C 169 15.62 -51.75 -7.05
CA GLU C 169 14.60 -52.73 -7.50
C GLU C 169 13.36 -52.88 -6.59
N THR C 170 13.16 -51.96 -5.64
CA THR C 170 11.99 -52.01 -4.74
C THR C 170 11.19 -50.73 -4.76
N GLU C 171 9.89 -50.86 -4.55
CA GLU C 171 8.99 -49.70 -4.50
C GLU C 171 8.93 -49.06 -3.11
N LEU C 172 9.59 -49.66 -2.10
CA LEU C 172 9.55 -49.15 -0.72
C LEU C 172 10.85 -48.47 -0.29
N ASP C 173 10.73 -47.58 0.70
CA ASP C 173 11.87 -46.88 1.29
C ASP C 173 12.28 -47.68 2.50
N GLU C 174 13.43 -47.34 3.08
CA GLU C 174 13.96 -48.05 4.27
C GLU C 174 12.92 -48.41 5.35
N ASN C 175 11.91 -47.56 5.55
CA ASN C 175 10.87 -47.79 6.57
C ASN C 175 9.59 -48.49 6.06
N GLY C 176 9.66 -49.10 4.88
CA GLY C 176 8.51 -49.79 4.29
C GLY C 176 7.45 -48.89 3.65
N LYS C 177 7.69 -47.58 3.62
CA LYS C 177 6.76 -46.63 3.03
C LYS C 177 7.01 -46.50 1.51
N GLN C 178 5.95 -46.37 0.73
CA GLN C 178 6.03 -46.25 -0.73
C GLN C 178 6.93 -45.08 -1.13
N LEU C 179 7.89 -45.34 -2.03
CA LEU C 179 8.79 -44.30 -2.54
C LEU C 179 8.02 -43.33 -3.39
N SER C 180 8.49 -42.07 -3.44
CA SER C 180 7.85 -41.07 -4.27
C SER C 180 8.04 -41.49 -5.73
N MET C 181 7.12 -41.08 -6.59
CA MET C 181 7.19 -41.44 -8.02
C MET C 181 8.48 -40.92 -8.67
N ASP C 182 8.93 -39.74 -8.24
CA ASP C 182 10.18 -39.18 -8.79
C ASP C 182 11.38 -40.08 -8.47
N LEU C 183 11.42 -40.63 -7.25
CA LEU C 183 12.52 -41.54 -6.90
C LEU C 183 12.41 -42.85 -7.67
N LYS C 184 11.20 -43.39 -7.79
CA LYS C 184 11.03 -44.65 -8.53
C LYS C 184 11.46 -44.48 -9.97
N CYS C 185 11.08 -43.36 -10.57
CA CYS C 185 11.44 -43.08 -11.96
C CYS C 185 12.93 -42.78 -12.15
N MET C 186 13.57 -42.19 -11.14
CA MET C 186 15.01 -41.92 -11.22
C MET C 186 15.73 -43.25 -11.14
N TYR C 187 15.31 -44.07 -10.19
CA TYR C 187 15.89 -45.39 -9.98
C TYR C 187 15.76 -46.28 -11.19
N LYS C 188 14.63 -46.17 -11.87
CA LYS C 188 14.37 -46.93 -13.08
C LYS C 188 15.48 -46.61 -14.10
N VAL C 189 15.73 -45.31 -14.30
CA VAL C 189 16.77 -44.84 -15.21
C VAL C 189 18.15 -45.33 -14.75
N LEU C 190 18.47 -45.18 -13.46
CA LEU C 190 19.77 -45.62 -12.93
C LEU C 190 20.02 -47.13 -13.14
N LYS C 191 18.99 -47.95 -12.94
CA LYS C 191 19.14 -49.39 -13.17
C LYS C 191 19.42 -49.63 -14.66
N MET C 192 18.70 -48.92 -15.52
CA MET C 192 18.91 -49.06 -16.97
C MET C 192 20.36 -48.70 -17.37
N GLU C 193 20.94 -47.68 -16.74
CA GLU C 193 22.31 -47.29 -17.08
C GLU C 193 23.37 -48.22 -16.48
N LEU C 194 23.09 -48.83 -15.33
CA LEU C 194 24.04 -49.80 -14.74
C LEU C 194 24.20 -50.97 -15.70
N LEU C 195 23.09 -51.42 -16.28
CA LEU C 195 23.11 -52.54 -17.25
C LEU C 195 23.80 -52.14 -18.57
N LYS C 196 23.61 -50.89 -19.02
CA LYS C 196 24.30 -50.42 -20.26
C LYS C 196 25.77 -50.19 -20.05
N ASN C 197 26.09 -49.38 -19.05
CA ASN C 197 27.45 -48.96 -18.77
C ASN C 197 27.62 -48.57 -17.30
N PRO C 198 28.11 -49.50 -16.47
CA PRO C 198 28.29 -49.22 -15.03
C PRO C 198 29.45 -48.29 -14.67
N PHE C 199 30.08 -47.67 -15.68
CA PHE C 199 31.17 -46.70 -15.44
C PHE C 199 30.78 -45.30 -15.98
N ARG C 200 29.53 -45.18 -16.42
CA ARG C 200 28.98 -43.93 -16.96
C ARG C 200 29.18 -42.71 -16.06
N TRP C 201 28.58 -42.78 -14.89
CA TRP C 201 28.58 -41.66 -13.96
C TRP C 201 29.96 -41.29 -13.45
N ARG C 202 30.73 -42.28 -13.00
CA ARG C 202 32.09 -42.00 -12.54
C ARG C 202 32.96 -41.51 -13.68
N GLY C 203 32.65 -41.95 -14.90
CA GLY C 203 33.40 -41.51 -16.08
C GLY C 203 33.19 -40.03 -16.38
N MET C 204 32.03 -39.50 -16.00
CA MET C 204 31.73 -38.10 -16.23
C MET C 204 32.51 -37.16 -15.34
N LEU C 205 32.86 -37.62 -14.15
CA LEU C 205 33.57 -36.78 -13.19
C LEU C 205 34.85 -36.14 -13.71
N LYS C 206 35.63 -36.89 -14.48
CA LYS C 206 36.91 -36.39 -14.96
C LYS C 206 36.80 -35.03 -15.71
N ASP C 207 35.78 -34.89 -16.55
CA ASP C 207 35.55 -33.66 -17.31
C ASP C 207 34.56 -32.65 -16.69
N LEU C 208 34.03 -32.94 -15.49
CA LEU C 208 33.09 -32.03 -14.81
C LEU C 208 33.80 -30.95 -14.04
N TYR C 209 33.56 -29.69 -14.42
CA TYR C 209 34.22 -28.57 -13.77
C TYR C 209 33.31 -27.79 -12.83
N GLY C 210 32.01 -28.06 -12.85
CA GLY C 210 31.09 -27.40 -11.95
C GLY C 210 29.62 -27.32 -12.30
N VAL C 211 28.84 -26.90 -11.30
CA VAL C 211 27.40 -26.68 -11.41
C VAL C 211 27.08 -25.30 -10.82
N SER C 212 26.18 -24.55 -11.47
CA SER C 212 25.72 -23.26 -10.94
C SER C 212 24.23 -23.54 -10.60
N GLU C 213 23.86 -23.34 -9.32
CA GLU C 213 22.50 -23.66 -8.82
C GLU C 213 21.59 -22.44 -8.64
N GLU C 214 20.43 -22.49 -9.28
CA GLU C 214 19.45 -21.40 -9.31
C GLU C 214 18.64 -21.11 -8.06
N THR C 215 18.20 -22.16 -7.37
CA THR C 215 17.25 -21.94 -6.30
C THR C 215 17.60 -22.44 -4.92
N THR C 216 16.89 -21.88 -3.96
CA THR C 216 17.05 -22.14 -2.53
C THR C 216 17.09 -23.62 -2.17
N THR C 217 16.11 -24.37 -2.66
CA THR C 217 16.02 -25.80 -2.39
C THR C 217 17.24 -26.54 -2.94
N GLY C 218 17.71 -26.15 -4.11
CA GLY C 218 18.88 -26.78 -4.71
C GLY C 218 20.13 -26.49 -3.90
N VAL C 219 20.23 -25.27 -3.40
CA VAL C 219 21.36 -24.85 -2.58
C VAL C 219 21.37 -25.67 -1.28
N LEU C 220 20.19 -25.88 -0.69
CA LEU C 220 20.08 -26.68 0.53
C LEU C 220 20.71 -28.04 0.26
N ARG C 221 20.34 -28.66 -0.86
CA ARG C 221 20.88 -29.96 -1.26
C ARG C 221 22.41 -29.91 -1.43
N LEU C 222 22.94 -28.84 -2.03
CA LEU C 222 24.38 -28.69 -2.17
C LEU C 222 25.05 -28.55 -0.81
N LYS C 223 24.42 -27.80 0.08
CA LYS C 223 24.98 -27.58 1.44
C LYS C 223 25.04 -28.84 2.28
N ILE C 224 24.02 -29.70 2.15
CA ILE C 224 23.98 -30.99 2.86
C ILE C 224 25.13 -31.87 2.35
N MET C 225 25.27 -32.01 1.04
CA MET C 225 26.35 -32.80 0.46
C MET C 225 27.74 -32.30 0.85
N GLU C 226 27.92 -30.98 0.88
CA GLU C 226 29.18 -30.37 1.26
C GLU C 226 29.55 -30.70 2.71
N SER C 227 28.62 -30.56 3.64
CA SER C 227 28.90 -30.84 5.05
C SER C 227 29.20 -32.33 5.31
N GLU C 228 28.65 -33.21 4.49
CA GLU C 228 28.88 -34.65 4.60
C GLU C 228 30.17 -35.07 3.85
N GLY C 229 30.79 -34.13 3.14
CA GLY C 229 32.01 -34.41 2.36
C GLY C 229 31.77 -35.21 1.10
N LYS C 230 30.54 -35.15 0.57
CA LYS C 230 30.14 -35.93 -0.60
C LYS C 230 29.89 -35.17 -1.89
N LEU C 231 30.20 -33.89 -1.92
CA LEU C 231 30.01 -33.11 -3.13
C LEU C 231 31.12 -33.51 -4.11
N LEU C 232 30.75 -33.81 -5.35
CA LEU C 232 31.70 -34.30 -6.38
C LEU C 232 32.19 -33.29 -7.44
N LEU C 233 31.76 -32.05 -7.36
CA LEU C 233 32.20 -31.03 -8.31
C LEU C 233 32.08 -29.66 -7.67
N PRO C 234 32.82 -28.66 -8.18
CA PRO C 234 32.70 -27.31 -7.64
C PRO C 234 31.30 -26.79 -7.87
N ALA C 235 30.81 -25.93 -6.98
CA ALA C 235 29.47 -25.40 -7.13
C ALA C 235 29.40 -23.92 -6.88
N ILE C 236 28.53 -23.25 -7.63
CA ILE C 236 28.28 -21.83 -7.43
C ILE C 236 26.80 -21.66 -7.07
N ASN C 237 26.59 -21.02 -5.93
CA ASN C 237 25.28 -20.72 -5.38
C ASN C 237 24.85 -19.38 -5.97
N VAL C 238 24.01 -19.47 -7.01
CA VAL C 238 23.47 -18.31 -7.71
C VAL C 238 22.28 -17.69 -6.97
N ASN C 239 21.49 -18.53 -6.30
CA ASN C 239 20.31 -18.05 -5.58
C ASN C 239 20.68 -16.93 -4.61
N ASP C 240 21.77 -17.11 -3.87
CA ASP C 240 22.16 -16.13 -2.85
C ASP C 240 22.93 -14.88 -3.31
N SER C 241 22.98 -14.63 -4.63
CA SER C 241 23.50 -13.34 -5.11
C SER C 241 22.39 -12.36 -4.68
N VAL C 242 22.76 -11.15 -4.32
CA VAL C 242 21.75 -10.17 -3.92
C VAL C 242 20.80 -9.92 -5.09
N THR C 243 21.36 -9.79 -6.29
CA THR C 243 20.57 -9.54 -7.50
C THR C 243 19.72 -10.72 -7.94
N LYS C 244 19.75 -11.81 -7.17
CA LYS C 244 18.91 -12.96 -7.46
C LYS C 244 17.88 -13.09 -6.35
N SER C 245 18.29 -13.54 -5.17
CA SER C 245 17.38 -13.77 -4.04
C SER C 245 16.49 -12.57 -3.64
N LYS C 246 17.04 -11.35 -3.68
CA LYS C 246 16.25 -10.18 -3.30
C LYS C 246 15.40 -9.59 -4.43
N PHE C 247 15.41 -10.21 -5.62
CA PHE C 247 14.60 -9.72 -6.74
C PHE C 247 13.67 -10.78 -7.32
N ASP C 248 14.25 -11.80 -7.91
CA ASP C 248 13.51 -12.92 -8.46
C ASP C 248 12.56 -13.55 -7.41
N ASN C 249 13.11 -14.02 -6.30
CA ASN C 249 12.30 -14.69 -5.28
C ASN C 249 11.17 -13.82 -4.73
N THR C 250 11.49 -12.55 -4.50
N THR C 250 11.45 -12.53 -4.51
CA THR C 250 10.55 -11.59 -3.95
CA THR C 250 10.45 -11.64 -3.94
C THR C 250 9.61 -11.01 -5.00
C THR C 250 9.56 -11.01 -5.00
N TYR C 251 10.13 -10.10 -5.81
CA TYR C 251 9.33 -9.41 -6.83
C TYR C 251 8.84 -10.27 -7.99
N GLY C 252 9.58 -11.34 -8.30
CA GLY C 252 9.14 -12.26 -9.35
C GLY C 252 7.84 -12.90 -8.91
N CYS C 253 7.83 -13.45 -7.70
CA CYS C 253 6.64 -14.11 -7.15
C CYS C 253 5.49 -13.13 -6.93
N ARG C 254 5.79 -11.89 -6.56
CA ARG C 254 4.76 -10.90 -6.34
C ARG C 254 3.85 -10.81 -7.56
N GLN C 255 4.42 -10.97 -8.75
CA GLN C 255 3.62 -10.93 -9.97
C GLN C 255 3.20 -12.32 -10.46
N SER C 256 4.12 -13.28 -10.45
CA SER C 256 3.79 -14.59 -11.02
C SER C 256 2.88 -15.45 -10.15
N LEU C 257 2.92 -15.25 -8.83
CA LEU C 257 1.96 -15.96 -7.97
C LEU C 257 0.56 -15.50 -8.37
N LEU C 258 0.39 -14.18 -8.49
CA LEU C 258 -0.92 -13.64 -8.87
C LEU C 258 -1.39 -14.18 -10.21
N HIS C 259 -0.47 -14.30 -11.16
CA HIS C 259 -0.85 -14.77 -12.49
C HIS C 259 -1.29 -16.23 -12.39
N GLY C 260 -0.58 -17.01 -11.58
CA GLY C 260 -0.92 -18.41 -11.37
C GLY C 260 -2.29 -18.57 -10.72
N LEU C 261 -2.54 -17.79 -9.69
CA LEU C 261 -3.82 -17.82 -9.00
C LEU C 261 -4.97 -17.36 -9.88
N PHE C 262 -4.77 -16.29 -10.66
CA PHE C 262 -5.84 -15.80 -11.53
C PHE C 262 -6.25 -16.82 -12.59
N ASN C 263 -5.29 -17.60 -13.09
CA ASN C 263 -5.59 -18.63 -14.09
C ASN C 263 -6.25 -19.86 -13.48
N GLY C 264 -5.83 -20.24 -12.28
CA GLY C 264 -6.32 -21.47 -11.66
C GLY C 264 -7.49 -21.37 -10.71
N CYS C 265 -7.61 -20.22 -10.05
CA CYS C 265 -8.66 -19.96 -9.07
C CYS C 265 -9.55 -18.86 -9.63
N ILE C 266 -10.78 -19.23 -9.98
CA ILE C 266 -11.75 -18.29 -10.56
C ILE C 266 -12.23 -17.19 -9.62
N GLN C 267 -12.15 -17.44 -8.32
CA GLN C 267 -12.65 -16.52 -7.31
C GLN C 267 -11.83 -15.26 -7.06
N MET C 268 -12.53 -14.23 -6.61
CA MET C 268 -11.96 -12.92 -6.30
C MET C 268 -11.05 -13.05 -5.08
N LEU C 269 -9.86 -12.49 -5.15
CA LEU C 269 -8.94 -12.58 -4.02
C LEU C 269 -9.26 -11.58 -2.91
N ALA C 270 -9.79 -10.41 -3.30
CA ALA C 270 -10.14 -9.35 -2.33
C ALA C 270 -11.04 -9.84 -1.19
N GLY C 271 -10.63 -9.51 0.04
CA GLY C 271 -11.38 -9.86 1.24
C GLY C 271 -11.20 -11.26 1.78
N LYS C 272 -10.60 -12.14 0.99
CA LYS C 272 -10.38 -13.51 1.41
C LYS C 272 -9.23 -13.60 2.40
N LYS C 273 -9.32 -14.62 3.26
CA LYS C 273 -8.26 -14.92 4.20
C LYS C 273 -7.34 -15.85 3.46
N ILE C 274 -6.15 -15.35 3.11
CA ILE C 274 -5.20 -16.15 2.37
C ILE C 274 -3.98 -16.43 3.21
N VAL C 275 -3.79 -17.71 3.56
CA VAL C 275 -2.68 -18.11 4.40
C VAL C 275 -1.42 -18.32 3.56
N VAL C 276 -0.35 -17.62 3.90
CA VAL C 276 0.94 -17.78 3.24
C VAL C 276 1.83 -18.49 4.24
N LEU C 277 2.14 -19.75 3.96
CA LEU C 277 2.99 -20.55 4.82
C LEU C 277 4.45 -20.32 4.43
N GLY C 278 5.19 -19.65 5.30
CA GLY C 278 6.59 -19.32 5.04
C GLY C 278 6.68 -17.84 4.67
N TYR C 279 7.47 -17.07 5.43
CA TYR C 279 7.62 -15.63 5.15
C TYR C 279 9.11 -15.32 4.91
N GLY C 280 9.68 -16.06 3.97
CA GLY C 280 11.07 -15.87 3.56
C GLY C 280 11.07 -14.96 2.36
N GLU C 281 12.08 -15.08 1.51
CA GLU C 281 12.15 -14.17 0.33
C GLU C 281 10.93 -14.32 -0.60
N VAL C 282 10.47 -15.56 -0.81
CA VAL C 282 9.30 -15.82 -1.66
C VAL C 282 8.00 -15.38 -0.98
N GLY C 283 7.80 -15.82 0.27
CA GLY C 283 6.62 -15.45 1.03
C GLY C 283 6.41 -13.94 1.13
N LYS C 284 7.49 -13.20 1.35
CA LYS C 284 7.42 -11.73 1.43
C LYS C 284 6.79 -11.14 0.16
N GLY C 285 7.28 -11.58 -0.99
CA GLY C 285 6.75 -11.14 -2.28
C GLY C 285 5.31 -11.60 -2.50
N CYS C 286 5.01 -12.83 -2.09
CA CYS C 286 3.65 -13.37 -2.23
C CYS C 286 2.68 -12.54 -1.42
N ALA C 287 3.02 -12.27 -0.18
CA ALA C 287 2.16 -11.50 0.71
C ALA C 287 1.87 -10.11 0.14
N GLN C 288 2.91 -9.46 -0.34
CA GLN C 288 2.78 -8.12 -0.89
C GLN C 288 1.84 -8.09 -2.11
N GLY C 289 1.98 -9.08 -2.99
CA GLY C 289 1.14 -9.14 -4.18
C GLY C 289 -0.31 -9.42 -3.84
N LEU C 290 -0.53 -10.35 -2.90
CA LEU C 290 -1.88 -10.71 -2.48
C LEU C 290 -2.62 -9.53 -1.83
N SER C 291 -1.95 -8.79 -0.94
CA SER C 291 -2.61 -7.65 -0.31
C SER C 291 -2.73 -6.48 -1.32
N GLY C 292 -1.85 -6.45 -2.32
CA GLY C 292 -1.98 -5.43 -3.37
C GLY C 292 -3.32 -5.53 -4.10
N VAL C 293 -3.96 -6.71 -4.11
CA VAL C 293 -5.28 -6.88 -4.75
C VAL C 293 -6.40 -7.15 -3.71
N GLY C 294 -6.20 -6.62 -2.51
CA GLY C 294 -7.19 -6.67 -1.44
C GLY C 294 -7.31 -7.86 -0.52
N ALA C 295 -6.45 -8.85 -0.64
CA ALA C 295 -6.56 -10.01 0.24
C ALA C 295 -6.06 -9.68 1.65
N ARG C 296 -6.57 -10.43 2.62
CA ARG C 296 -6.15 -10.34 4.02
C ARG C 296 -5.22 -11.53 4.22
N VAL C 297 -3.91 -11.25 4.20
CA VAL C 297 -2.88 -12.28 4.34
C VAL C 297 -2.61 -12.65 5.79
N ILE C 298 -2.56 -13.96 6.02
CA ILE C 298 -2.26 -14.56 7.29
C ILE C 298 -1.01 -15.40 7.02
N VAL C 299 -0.01 -15.23 7.87
CA VAL C 299 1.27 -15.90 7.74
C VAL C 299 1.52 -16.96 8.78
N THR C 300 2.23 -18.01 8.39
CA THR C 300 2.72 -19.03 9.34
C THR C 300 4.25 -18.97 9.20
N GLU C 301 4.92 -19.19 10.32
CA GLU C 301 6.38 -19.21 10.36
C GLU C 301 6.91 -19.99 11.53
N ILE C 302 8.12 -20.49 11.32
CA ILE C 302 8.87 -21.22 12.33
C ILE C 302 10.02 -20.32 12.84
N ASP C 303 10.37 -19.30 12.05
CA ASP C 303 11.47 -18.41 12.36
C ASP C 303 10.93 -17.16 13.06
N PRO C 304 11.32 -16.92 14.31
CA PRO C 304 10.80 -15.76 15.06
C PRO C 304 11.13 -14.39 14.45
N ILE C 305 12.24 -14.28 13.75
CA ILE C 305 12.61 -13.04 13.09
C ILE C 305 11.66 -12.79 11.91
N CYS C 306 11.48 -13.80 11.07
CA CYS C 306 10.59 -13.67 9.91
C CYS C 306 9.16 -13.41 10.37
N ALA C 307 8.76 -14.08 11.45
CA ALA C 307 7.42 -13.89 12.00
C ALA C 307 7.24 -12.44 12.41
N LEU C 308 8.20 -11.88 13.15
CA LEU C 308 8.13 -10.46 13.52
C LEU C 308 8.07 -9.52 12.33
N GLN C 309 8.82 -9.84 11.28
CA GLN C 309 8.78 -9.02 10.06
C GLN C 309 7.36 -8.99 9.47
N ALA C 310 6.70 -10.15 9.39
CA ALA C 310 5.33 -10.20 8.87
C ALA C 310 4.40 -9.32 9.71
N SER C 311 4.54 -9.41 11.02
CA SER C 311 3.72 -8.62 11.96
C SER C 311 3.96 -7.13 11.73
N MET C 312 5.20 -6.74 11.45
CA MET C 312 5.54 -5.33 11.16
C MET C 312 4.89 -4.80 9.85
N GLU C 313 4.52 -5.69 8.94
CA GLU C 313 3.85 -5.28 7.70
C GLU C 313 2.31 -5.35 7.87
N GLY C 314 1.85 -5.52 9.11
CA GLY C 314 0.43 -5.57 9.40
C GLY C 314 -0.26 -6.91 9.20
N TYR C 315 0.50 -8.01 9.09
CA TYR C 315 -0.09 -9.34 8.87
C TYR C 315 -0.21 -10.15 10.15
N GLN C 316 -1.34 -10.84 10.29
CA GLN C 316 -1.58 -11.75 11.40
C GLN C 316 -0.65 -12.94 11.22
N VAL C 317 -0.06 -13.43 12.32
CA VAL C 317 0.84 -14.59 12.26
C VAL C 317 0.27 -15.65 13.17
N SER C 318 -0.09 -16.78 12.58
CA SER C 318 -0.72 -17.89 13.31
C SER C 318 -0.12 -19.23 12.95
N VAL C 319 -0.52 -20.26 13.70
CA VAL C 319 -0.14 -21.65 13.40
C VAL C 319 -1.30 -22.15 12.54
N LEU C 320 -0.99 -22.96 11.53
CA LEU C 320 -2.01 -23.47 10.59
C LEU C 320 -3.28 -24.03 11.25
N GLU C 321 -3.11 -24.78 12.33
CA GLU C 321 -4.25 -25.38 13.06
C GLU C 321 -5.32 -24.39 13.47
N ASP C 322 -4.92 -23.21 13.92
CA ASP C 322 -5.87 -22.20 14.37
C ASP C 322 -6.65 -21.50 13.26
N VAL C 323 -6.25 -21.68 12.00
CA VAL C 323 -6.94 -21.02 10.88
C VAL C 323 -7.31 -21.94 9.70
N VAL C 324 -6.94 -23.21 9.76
CA VAL C 324 -7.20 -24.14 8.65
C VAL C 324 -8.68 -24.29 8.31
N SER C 325 -9.55 -24.13 9.30
CA SER C 325 -11.01 -24.26 9.10
C SER C 325 -11.70 -23.00 8.64
N GLU C 326 -11.08 -21.84 8.84
N GLU C 326 -11.05 -21.85 8.82
CA GLU C 326 -11.68 -20.57 8.45
CA GLU C 326 -11.64 -20.55 8.48
C GLU C 326 -11.07 -19.89 7.21
C GLU C 326 -11.08 -19.91 7.21
N ALA C 327 -9.82 -20.19 6.88
CA ALA C 327 -9.17 -19.56 5.71
C ALA C 327 -9.72 -20.07 4.37
N ASP C 328 -9.57 -19.24 3.35
CA ASP C 328 -10.10 -19.52 2.02
C ASP C 328 -9.12 -20.10 1.03
N ILE C 329 -7.87 -19.66 1.13
CA ILE C 329 -6.84 -20.09 0.20
C ILE C 329 -5.56 -20.32 0.99
N PHE C 330 -4.79 -21.34 0.59
CA PHE C 330 -3.54 -21.69 1.25
C PHE C 330 -2.43 -21.76 0.21
N ILE C 331 -1.35 -21.02 0.45
CA ILE C 331 -0.19 -20.96 -0.45
C ILE C 331 1.09 -21.36 0.31
N THR C 332 1.70 -22.48 -0.04
CA THR C 332 2.93 -22.92 0.64
C THR C 332 4.16 -22.33 -0.04
N ALA C 333 5.03 -21.72 0.77
CA ALA C 333 6.28 -21.08 0.29
C ALA C 333 7.44 -21.31 1.29
N THR C 334 7.55 -22.55 1.79
CA THR C 334 8.54 -22.88 2.80
C THR C 334 9.80 -23.56 2.33
N GLY C 335 9.73 -24.27 1.20
CA GLY C 335 10.84 -25.09 0.74
C GLY C 335 10.97 -26.33 1.64
N ASN C 336 9.95 -26.59 2.48
CA ASN C 336 9.97 -27.70 3.47
C ASN C 336 9.01 -28.85 3.03
N LYS C 337 8.69 -29.78 3.92
CA LYS C 337 7.75 -30.86 3.55
C LYS C 337 6.69 -31.06 4.61
N ASP C 338 5.59 -31.68 4.22
CA ASP C 338 4.48 -31.96 5.12
C ASP C 338 3.93 -30.69 5.80
N VAL C 339 3.87 -29.61 5.05
CA VAL C 339 3.38 -28.33 5.56
C VAL C 339 1.84 -28.33 5.56
N ILE C 340 1.27 -28.97 4.53
CA ILE C 340 -0.17 -29.19 4.42
C ILE C 340 -0.36 -30.71 4.30
N THR C 341 -1.01 -31.29 5.30
CA THR C 341 -1.25 -32.74 5.38
C THR C 341 -2.68 -33.07 4.97
N VAL C 342 -2.95 -34.35 4.77
CA VAL C 342 -4.30 -34.80 4.43
C VAL C 342 -5.26 -34.38 5.54
N GLU C 343 -4.84 -34.55 6.80
N GLU C 343 -4.81 -34.55 6.79
CA GLU C 343 -5.70 -34.16 7.93
CA GLU C 343 -5.58 -34.18 7.99
C GLU C 343 -5.98 -32.66 7.94
C GLU C 343 -5.94 -32.68 7.97
N HIS C 344 -5.06 -31.84 7.45
CA HIS C 344 -5.33 -30.38 7.37
C HIS C 344 -6.41 -30.14 6.32
N MET C 345 -6.23 -30.77 5.16
CA MET C 345 -7.17 -30.65 4.04
C MET C 345 -8.60 -31.08 4.38
N ARG C 346 -8.74 -32.10 5.24
CA ARG C 346 -10.06 -32.61 5.66
C ARG C 346 -10.82 -31.65 6.61
N LYS C 347 -10.10 -30.64 7.14
CA LYS C 347 -10.70 -29.64 8.03
C LYS C 347 -11.02 -28.32 7.32
N MET C 348 -10.53 -28.15 6.09
CA MET C 348 -10.76 -26.92 5.33
C MET C 348 -12.23 -26.77 4.94
N LYS C 349 -12.62 -25.52 4.70
CA LYS C 349 -13.99 -25.20 4.32
C LYS C 349 -14.25 -25.61 2.88
N GLU C 350 -15.53 -25.68 2.53
CA GLU C 350 -15.98 -26.06 1.21
C GLU C 350 -15.35 -25.14 0.16
N ASN C 351 -14.71 -25.75 -0.82
CA ASN C 351 -14.05 -25.08 -1.92
C ASN C 351 -12.84 -24.23 -1.56
N ALA C 352 -12.12 -24.66 -0.52
CA ALA C 352 -10.88 -24.00 -0.16
C ALA C 352 -9.89 -24.31 -1.28
N TYR C 353 -9.07 -23.34 -1.65
CA TYR C 353 -8.05 -23.51 -2.69
C TYR C 353 -6.70 -23.76 -2.03
N ILE C 354 -5.89 -24.59 -2.69
CA ILE C 354 -4.57 -24.94 -2.19
C ILE C 354 -3.56 -24.85 -3.34
N ALA C 355 -2.43 -24.23 -3.06
CA ALA C 355 -1.37 -24.12 -4.05
C ALA C 355 0.01 -24.02 -3.39
N ASN C 356 1.02 -24.42 -4.15
CA ASN C 356 2.39 -24.40 -3.68
C ASN C 356 3.21 -23.57 -4.63
N ILE C 357 4.14 -22.78 -4.08
CA ILE C 357 5.03 -21.97 -4.90
C ILE C 357 6.52 -22.32 -4.62
N GLY C 358 6.74 -23.26 -3.70
CA GLY C 358 8.09 -23.75 -3.40
C GLY C 358 8.54 -24.63 -4.55
N HIS C 359 9.83 -24.96 -4.59
CA HIS C 359 10.34 -25.73 -5.71
C HIS C 359 9.73 -27.14 -5.90
N PHE C 360 9.57 -27.90 -4.83
CA PHE C 360 9.00 -29.24 -4.92
C PHE C 360 7.61 -29.39 -4.35
N ASP C 361 6.89 -30.38 -4.87
CA ASP C 361 5.52 -30.69 -4.41
C ASP C 361 5.40 -31.24 -2.99
N ASP C 362 6.53 -31.65 -2.41
CA ASP C 362 6.61 -32.21 -1.04
C ASP C 362 5.95 -31.38 0.06
N GLU C 363 5.73 -30.09 -0.21
CA GLU C 363 5.12 -29.19 0.77
C GLU C 363 3.67 -29.57 1.10
N ILE C 364 3.00 -30.18 0.13
CA ILE C 364 1.63 -30.62 0.26
C ILE C 364 1.60 -32.12 0.08
N ASP C 365 0.79 -32.82 0.87
CA ASP C 365 0.70 -34.25 0.75
C ASP C 365 -0.28 -34.64 -0.37
N VAL C 366 0.12 -34.36 -1.60
CA VAL C 366 -0.72 -34.67 -2.77
C VAL C 366 -0.95 -36.19 -2.93
N TYR C 367 0.08 -36.99 -2.65
CA TYR C 367 -0.03 -38.44 -2.76
C TYR C 367 -1.08 -38.98 -1.79
N GLY C 368 -1.06 -38.51 -0.54
CA GLY C 368 -2.05 -38.95 0.45
C GLY C 368 -3.47 -38.52 0.06
N LEU C 369 -3.58 -37.33 -0.54
CA LEU C 369 -4.86 -36.82 -0.99
C LEU C 369 -5.42 -37.69 -2.13
N GLU C 370 -4.63 -37.86 -3.18
CA GLU C 370 -5.01 -38.66 -4.35
C GLU C 370 -5.38 -40.10 -4.02
N ASN C 371 -4.69 -40.67 -3.03
CA ASN C 371 -4.92 -42.07 -2.59
C ASN C 371 -5.82 -42.21 -1.37
N TYR C 372 -6.52 -41.14 -0.98
CA TYR C 372 -7.42 -41.21 0.16
C TYR C 372 -8.55 -42.18 -0.26
N PRO C 373 -8.91 -43.14 0.61
CA PRO C 373 -9.96 -44.10 0.19
C PRO C 373 -11.31 -43.46 -0.15
N GLY C 374 -11.83 -43.77 -1.34
CA GLY C 374 -13.11 -43.26 -1.79
C GLY C 374 -13.12 -41.81 -2.21
N ILE C 375 -11.93 -41.19 -2.33
CA ILE C 375 -11.82 -39.80 -2.75
C ILE C 375 -12.34 -39.70 -4.18
N LYS C 376 -13.07 -38.64 -4.48
CA LYS C 376 -13.59 -38.39 -5.81
C LYS C 376 -12.80 -37.20 -6.39
N VAL C 377 -12.38 -37.28 -7.66
CA VAL C 377 -11.63 -36.19 -8.30
C VAL C 377 -12.17 -35.81 -9.67
N ILE C 378 -12.24 -34.50 -9.93
CA ILE C 378 -12.68 -33.98 -11.23
C ILE C 378 -11.71 -32.90 -11.68
N GLU C 379 -11.51 -32.85 -12.99
CA GLU C 379 -10.65 -31.88 -13.60
C GLU C 379 -11.51 -30.64 -13.87
N VAL C 380 -11.21 -29.56 -13.14
CA VAL C 380 -11.93 -28.29 -13.28
C VAL C 380 -11.52 -27.62 -14.57
N LYS C 381 -10.21 -27.63 -14.82
CA LYS C 381 -9.62 -27.11 -16.05
C LYS C 381 -8.24 -27.73 -16.16
N GLN C 382 -7.47 -27.37 -17.18
CA GLN C 382 -6.13 -27.93 -17.32
C GLN C 382 -5.31 -27.64 -16.05
N ASN C 383 -4.81 -28.72 -15.44
CA ASN C 383 -4.00 -28.65 -14.23
C ASN C 383 -4.68 -28.02 -13.00
N VAL C 384 -6.00 -28.24 -12.85
CA VAL C 384 -6.73 -27.77 -11.66
C VAL C 384 -7.73 -28.87 -11.29
N HIS C 385 -7.63 -29.38 -10.07
CA HIS C 385 -8.48 -30.51 -9.65
C HIS C 385 -9.22 -30.31 -8.34
N LYS C 386 -10.49 -30.72 -8.34
CA LYS C 386 -11.34 -30.65 -7.16
C LYS C 386 -11.44 -32.05 -6.58
N PHE C 387 -11.05 -32.20 -5.32
CA PHE C 387 -11.10 -33.47 -4.58
C PHE C 387 -12.22 -33.40 -3.57
N THR C 388 -13.08 -34.41 -3.57
CA THR C 388 -14.22 -34.47 -2.67
C THR C 388 -14.13 -35.69 -1.74
N PHE C 389 -14.08 -35.44 -0.43
CA PHE C 389 -14.00 -36.51 0.57
C PHE C 389 -15.38 -37.16 0.74
N PRO C 390 -15.43 -38.50 0.75
CA PRO C 390 -16.73 -39.17 0.86
C PRO C 390 -17.46 -39.01 2.19
N ASP C 391 -16.74 -39.01 3.30
CA ASP C 391 -17.35 -38.91 4.63
C ASP C 391 -17.91 -37.53 4.99
N THR C 392 -17.29 -36.45 4.49
CA THR C 392 -17.79 -35.08 4.78
C THR C 392 -18.52 -34.46 3.61
N GLN C 393 -18.26 -34.97 2.41
CA GLN C 393 -18.82 -34.44 1.15
C GLN C 393 -18.27 -33.05 0.87
N LYS C 394 -17.16 -32.71 1.54
CA LYS C 394 -16.49 -31.43 1.34
C LYS C 394 -15.39 -31.55 0.32
N SER C 395 -15.14 -30.44 -0.38
CA SER C 395 -14.13 -30.41 -1.42
C SER C 395 -13.07 -29.36 -1.22
N VAL C 396 -11.89 -29.65 -1.78
CA VAL C 396 -10.78 -28.73 -1.81
C VAL C 396 -10.33 -28.70 -3.26
N ILE C 397 -9.85 -27.54 -3.72
CA ILE C 397 -9.40 -27.39 -5.10
C ILE C 397 -7.91 -27.12 -5.08
N LEU C 398 -7.16 -28.04 -5.70
CA LEU C 398 -5.71 -28.01 -5.74
C LEU C 398 -5.22 -27.56 -7.10
N LEU C 399 -4.31 -26.59 -7.11
CA LEU C 399 -3.74 -26.11 -8.35
C LEU C 399 -2.52 -26.95 -8.78
N CYS C 400 -2.52 -27.37 -10.04
CA CYS C 400 -1.47 -28.18 -10.69
C CYS C 400 -0.75 -29.22 -9.83
N LYS C 401 -1.54 -30.06 -9.14
CA LYS C 401 -1.04 -31.15 -8.30
C LYS C 401 0.07 -30.74 -7.32
N GLY C 402 0.01 -29.51 -6.82
CA GLY C 402 0.99 -29.04 -5.85
C GLY C 402 2.33 -28.65 -6.41
N ARG C 403 2.46 -28.59 -7.74
CA ARG C 403 3.72 -28.16 -8.38
C ARG C 403 3.77 -26.64 -8.36
N LEU C 404 4.97 -26.07 -8.39
CA LEU C 404 5.09 -24.59 -8.29
C LEU C 404 4.06 -23.91 -9.22
N VAL C 405 3.08 -23.26 -8.61
CA VAL C 405 1.92 -22.68 -9.30
C VAL C 405 2.18 -21.56 -10.31
N ASN C 406 3.19 -20.73 -10.06
CA ASN C 406 3.49 -19.65 -11.01
C ASN C 406 3.93 -20.18 -12.37
N LEU C 407 4.57 -21.35 -12.38
CA LEU C 407 5.05 -21.99 -13.62
C LEU C 407 4.13 -23.13 -14.10
N GLY C 408 3.31 -23.66 -13.19
CA GLY C 408 2.37 -24.75 -13.51
C GLY C 408 1.04 -24.27 -14.04
N CYS C 409 0.54 -23.15 -13.50
CA CYS C 409 -0.73 -22.54 -13.92
C CYS C 409 -0.52 -21.22 -14.65
N ALA C 410 0.73 -20.79 -14.82
CA ALA C 410 1.07 -19.57 -15.56
C ALA C 410 2.45 -19.74 -16.23
N THR C 411 3.08 -18.63 -16.59
CA THR C 411 4.35 -18.67 -17.31
C THR C 411 5.56 -18.20 -16.50
N GLY C 412 5.46 -18.25 -15.18
CA GLY C 412 6.56 -17.86 -14.30
C GLY C 412 6.84 -16.38 -14.27
N HIS C 413 7.94 -16.02 -13.64
CA HIS C 413 8.33 -14.61 -13.52
C HIS C 413 8.54 -13.98 -14.90
N PRO C 414 8.41 -12.65 -14.98
CA PRO C 414 8.62 -11.94 -16.24
C PRO C 414 10.11 -11.77 -16.55
N PRO C 415 10.45 -11.38 -17.80
CA PRO C 415 11.84 -11.25 -18.26
C PRO C 415 12.81 -10.39 -17.47
N LEU C 416 12.38 -9.24 -16.96
CA LEU C 416 13.33 -8.36 -16.22
C LEU C 416 14.04 -9.06 -15.08
N VAL C 417 13.30 -9.66 -14.14
CA VAL C 417 13.96 -10.33 -13.04
C VAL C 417 14.68 -11.60 -13.47
N MET C 418 14.14 -12.32 -14.44
CA MET C 418 14.82 -13.52 -14.91
C MET C 418 16.16 -13.15 -15.54
N SER C 419 16.22 -11.98 -16.17
CA SER C 419 17.46 -11.53 -16.77
C SER C 419 18.50 -11.29 -15.66
N MET C 420 18.08 -10.69 -14.54
CA MET C 420 18.98 -10.48 -13.40
C MET C 420 19.48 -11.85 -12.91
N SER C 421 18.56 -12.79 -12.68
CA SER C 421 18.95 -14.14 -12.24
C SER C 421 19.86 -14.85 -13.24
N PHE C 422 19.47 -14.79 -14.52
CA PHE C 422 20.23 -15.46 -15.57
C PHE C 422 21.56 -14.81 -15.95
N THR C 423 21.72 -13.52 -15.68
CA THR C 423 22.98 -12.85 -15.90
C THR C 423 23.94 -13.41 -14.85
N ASN C 424 23.43 -13.69 -13.64
CA ASN C 424 24.23 -14.34 -12.59
C ASN C 424 24.64 -15.74 -13.08
N GLN C 425 23.71 -16.46 -13.67
CA GLN C 425 23.98 -17.81 -14.18
C GLN C 425 25.09 -17.84 -15.22
N VAL C 426 25.04 -16.92 -16.20
CA VAL C 426 26.08 -16.87 -17.23
C VAL C 426 27.45 -16.55 -16.62
N LEU C 427 27.51 -15.60 -15.69
CA LEU C 427 28.78 -15.24 -15.03
C LEU C 427 29.33 -16.41 -14.21
N ALA C 428 28.43 -17.19 -13.60
CA ALA C 428 28.84 -18.35 -12.81
C ALA C 428 29.44 -19.40 -13.71
N GLN C 429 28.79 -19.62 -14.86
CA GLN C 429 29.28 -20.58 -15.86
C GLN C 429 30.64 -20.15 -16.39
N MET C 430 30.80 -18.86 -16.70
CA MET C 430 32.09 -18.36 -17.18
C MET C 430 33.14 -18.59 -16.09
N ASP C 431 32.80 -18.25 -14.85
CA ASP C 431 33.73 -18.44 -13.75
C ASP C 431 34.19 -19.89 -13.65
N LEU C 432 33.23 -20.82 -13.66
CA LEU C 432 33.56 -22.25 -13.56
C LEU C 432 34.42 -22.73 -14.72
N TRP C 433 34.14 -22.24 -15.91
CA TRP C 433 34.90 -22.64 -17.10
C TRP C 433 36.33 -22.06 -17.10
N LYS C 434 36.48 -20.79 -16.76
CA LYS C 434 37.81 -20.14 -16.70
C LYS C 434 38.82 -20.76 -15.75
N SER C 435 38.33 -21.35 -14.66
CA SER C 435 39.20 -21.98 -13.67
C SER C 435 39.11 -23.52 -13.69
N ARG C 436 38.78 -24.10 -14.84
CA ARG C 436 38.68 -25.56 -15.00
C ARG C 436 39.99 -26.29 -14.76
N GLU C 437 41.12 -25.63 -15.10
CA GLU C 437 42.46 -26.22 -14.92
C GLU C 437 42.80 -26.42 -13.46
N LEU C 438 42.24 -25.58 -12.60
CA LEU C 438 42.47 -25.66 -11.14
C LEU C 438 41.73 -26.79 -10.42
N VAL C 439 40.79 -27.44 -11.10
CA VAL C 439 40.06 -28.56 -10.52
C VAL C 439 40.98 -29.77 -10.65
N ASP C 440 41.07 -30.58 -9.61
CA ASP C 440 41.91 -31.78 -9.70
C ASP C 440 41.26 -32.91 -8.95
N ARG C 441 41.35 -34.10 -9.50
CA ARG C 441 40.76 -35.26 -8.88
C ARG C 441 41.86 -36.26 -8.53
N SER C 442 43.10 -35.91 -8.93
CA SER C 442 44.27 -36.75 -8.66
C SER C 442 44.60 -36.73 -7.17
N LYS C 443 44.65 -35.53 -6.56
CA LYS C 443 44.94 -35.39 -5.12
C LYS C 443 43.77 -35.84 -4.23
N ASN C 444 42.63 -36.20 -4.85
CA ASN C 444 41.43 -36.64 -4.13
C ASN C 444 40.99 -35.51 -3.18
N THR C 445 40.55 -34.42 -3.79
CA THR C 445 40.14 -33.23 -3.08
C THR C 445 38.67 -33.18 -2.73
N ARG C 446 38.36 -32.23 -1.84
CA ARG C 446 37.02 -31.98 -1.33
C ARG C 446 36.44 -30.73 -2.01
N PHE C 447 35.26 -30.85 -2.59
CA PHE C 447 34.63 -29.70 -3.30
C PHE C 447 33.72 -28.83 -2.43
N PHE C 448 33.60 -27.57 -2.83
CA PHE C 448 32.82 -26.57 -2.07
C PHE C 448 31.80 -25.77 -2.88
N VAL C 449 30.97 -25.03 -2.14
CA VAL C 449 29.95 -24.14 -2.71
C VAL C 449 30.46 -22.72 -2.48
N LYS C 450 30.47 -21.89 -3.52
CA LYS C 450 30.87 -20.51 -3.34
C LYS C 450 29.84 -19.62 -3.98
N LYS C 451 29.98 -18.32 -3.78
CA LYS C 451 29.09 -17.33 -4.36
C LYS C 451 29.87 -16.35 -5.21
N LEU C 452 29.18 -15.70 -6.14
CA LEU C 452 29.81 -14.70 -6.98
C LEU C 452 30.14 -13.46 -6.11
N SER C 453 31.16 -12.72 -6.51
CA SER C 453 31.60 -11.54 -5.76
C SER C 453 30.57 -10.42 -5.78
N LYS C 454 30.69 -9.49 -4.83
CA LYS C 454 29.82 -8.34 -4.77
C LYS C 454 30.08 -7.42 -5.99
N GLU C 455 31.32 -7.36 -6.47
CA GLU C 455 31.60 -6.56 -7.66
C GLU C 455 30.68 -7.00 -8.81
N LEU C 456 30.60 -8.31 -9.04
CA LEU C 456 29.75 -8.85 -10.12
C LEU C 456 28.25 -8.70 -9.82
N ASP C 457 27.91 -8.78 -8.55
CA ASP C 457 26.52 -8.67 -8.09
C ASP C 457 26.01 -7.24 -8.40
N GLU C 458 26.85 -6.23 -8.09
CA GLU C 458 26.52 -4.84 -8.38
C GLU C 458 26.48 -4.62 -9.90
N TYR C 459 27.37 -5.28 -10.62
CA TYR C 459 27.40 -5.20 -12.09
C TYR C 459 26.07 -5.70 -12.69
N VAL C 460 25.53 -6.80 -12.17
CA VAL C 460 24.24 -7.30 -12.66
C VAL C 460 23.19 -6.18 -12.54
N ALA C 461 23.16 -5.51 -11.38
CA ALA C 461 22.22 -4.43 -11.17
C ALA C 461 22.49 -3.29 -12.14
N ARG C 462 23.75 -2.88 -12.31
CA ARG C 462 24.09 -1.81 -13.27
C ARG C 462 23.55 -2.11 -14.65
N LEU C 463 23.70 -3.35 -15.11
CA LEU C 463 23.21 -3.74 -16.44
C LEU C 463 21.71 -3.54 -16.67
N HIS C 464 20.94 -3.48 -15.59
CA HIS C 464 19.49 -3.33 -15.72
C HIS C 464 18.90 -1.96 -15.35
N LEU C 465 19.74 -1.01 -14.96
CA LEU C 465 19.25 0.31 -14.57
C LEU C 465 18.52 1.05 -15.70
N ASP C 466 19.05 1.01 -16.93
CA ASP C 466 18.43 1.71 -18.07
C ASP C 466 17.02 1.26 -18.45
N VAL C 467 16.74 -0.03 -18.23
CA VAL C 467 15.42 -0.57 -18.52
C VAL C 467 14.32 0.28 -17.85
N LEU C 468 14.58 0.70 -16.61
CA LEU C 468 13.62 1.47 -15.81
C LEU C 468 13.93 2.97 -15.67
N GLY C 469 14.88 3.48 -16.46
CA GLY C 469 15.22 4.92 -16.40
C GLY C 469 15.80 5.37 -15.07
N ILE C 470 16.53 4.47 -14.41
CA ILE C 470 17.15 4.76 -13.14
C ILE C 470 18.40 5.63 -13.35
N LYS C 471 18.47 6.77 -12.69
CA LYS C 471 19.63 7.65 -12.80
C LYS C 471 20.41 7.49 -11.52
N LEU C 472 21.61 6.94 -11.65
CA LEU C 472 22.45 6.67 -10.52
C LEU C 472 23.36 7.86 -10.19
N THR C 473 23.47 8.17 -8.91
CA THR C 473 24.34 9.25 -8.44
C THR C 473 25.76 8.71 -8.33
N LYS C 474 26.72 9.59 -8.59
CA LYS C 474 28.12 9.22 -8.50
C LYS C 474 28.75 9.89 -7.27
N LEU C 475 29.53 9.12 -6.52
CA LEU C 475 30.24 9.65 -5.34
C LEU C 475 31.40 10.57 -5.73
N THR C 476 31.61 11.63 -4.94
CA THR C 476 32.74 12.51 -5.15
C THR C 476 33.88 11.79 -4.44
N GLU C 477 35.12 12.20 -4.70
CA GLU C 477 36.30 11.56 -4.09
C GLU C 477 36.26 11.71 -2.56
N THR C 478 35.76 12.86 -2.09
CA THR C 478 35.68 13.13 -0.66
C THR C 478 34.60 12.24 0.01
N GLN C 479 33.45 12.13 -0.63
CA GLN C 479 32.37 11.30 -0.13
C GLN C 479 32.82 9.86 -0.02
N ALA C 480 33.47 9.38 -1.07
CA ALA C 480 33.96 7.99 -1.13
C ALA C 480 34.92 7.68 0.03
N LYS C 481 35.80 8.61 0.36
CA LYS C 481 36.73 8.40 1.48
C LYS C 481 35.98 8.41 2.83
N TYR C 482 34.99 9.30 2.96
CA TYR C 482 34.20 9.45 4.18
C TYR C 482 33.46 8.15 4.50
N ILE C 483 32.78 7.55 3.53
CA ILE C 483 32.07 6.26 3.79
C ILE C 483 32.98 5.05 3.56
N ASN C 484 34.26 5.31 3.24
CA ASN C 484 35.29 4.27 3.10
C ASN C 484 34.98 3.24 2.01
N VAL C 485 34.78 3.71 0.79
CA VAL C 485 34.53 2.83 -0.36
C VAL C 485 35.13 3.44 -1.60
N SER C 486 35.27 2.60 -2.62
CA SER C 486 35.76 3.04 -3.90
C SER C 486 34.61 3.69 -4.65
N ILE C 487 34.91 4.73 -5.44
CA ILE C 487 33.90 5.39 -6.26
C ILE C 487 33.14 4.35 -7.13
N ASN C 488 33.84 3.31 -7.56
CA ASN C 488 33.28 2.24 -8.41
C ASN C 488 32.76 1.01 -7.64
N GLY C 489 32.67 1.10 -6.31
CA GLY C 489 32.21 -0.01 -5.49
C GLY C 489 33.27 -1.09 -5.27
N PRO C 490 32.95 -2.15 -4.54
CA PRO C 490 31.63 -2.39 -3.94
C PRO C 490 31.27 -1.36 -2.89
N TYR C 491 29.98 -1.11 -2.72
CA TYR C 491 29.50 -0.06 -1.81
C TYR C 491 29.03 -0.51 -0.42
N LYS C 492 28.96 -1.83 -0.20
CA LYS C 492 28.49 -2.40 1.06
C LYS C 492 29.40 -3.52 1.53
N SER C 493 29.45 -3.74 2.85
CA SER C 493 30.26 -4.84 3.38
C SER C 493 29.61 -6.18 3.02
N GLU C 494 30.39 -7.26 3.16
CA GLU C 494 29.90 -8.61 2.81
C GLU C 494 28.65 -9.08 3.53
N ASP C 495 28.50 -8.68 4.77
CA ASP C 495 27.33 -9.09 5.56
C ASP C 495 26.12 -8.16 5.41
N TYR C 496 26.16 -7.19 4.47
CA TYR C 496 25.05 -6.27 4.29
C TYR C 496 23.82 -7.02 3.75
N ARG C 497 22.64 -6.70 4.30
CA ARG C 497 21.39 -7.42 3.98
C ARG C 497 20.40 -6.77 3.00
N TYR C 498 20.66 -5.53 2.60
CA TYR C 498 19.78 -4.83 1.65
C TYR C 498 18.33 -4.92 2.10
N MET D 6 30.13 12.03 40.64
CA MET D 6 29.85 13.51 40.66
C MET D 6 28.34 13.80 40.72
N GLU D 7 27.99 15.09 40.80
CA GLU D 7 26.59 15.50 40.84
C GLU D 7 26.04 15.55 39.42
N SER D 8 24.88 14.92 39.20
CA SER D 8 24.25 14.92 37.87
C SER D 8 23.90 16.35 37.43
N ARG D 9 23.92 16.54 36.12
CA ARG D 9 23.57 17.81 35.52
C ARG D 9 22.45 17.61 34.49
N ILE D 10 21.24 17.89 34.94
CA ILE D 10 20.02 17.75 34.14
C ILE D 10 19.26 19.07 34.20
N LYS D 11 18.19 19.18 33.41
CA LYS D 11 17.43 20.40 33.39
C LYS D 11 16.57 20.58 34.65
N ASP D 12 15.75 19.57 34.97
CA ASP D 12 14.83 19.69 36.11
C ASP D 12 14.41 18.35 36.74
N ILE D 13 14.87 18.16 37.97
CA ILE D 13 14.57 16.95 38.78
C ILE D 13 13.06 16.71 39.06
N SER D 14 12.26 17.77 39.09
CA SER D 14 10.81 17.65 39.39
C SER D 14 10.00 16.88 38.32
N LEU D 15 10.53 16.80 37.10
CA LEU D 15 9.88 16.07 36.01
C LEU D 15 9.96 14.54 36.18
N ALA D 16 10.70 14.09 37.18
CA ALA D 16 10.91 12.67 37.48
C ALA D 16 9.66 11.79 37.48
N GLU D 17 8.57 12.25 38.08
CA GLU D 17 7.37 11.41 38.15
C GLU D 17 6.76 11.14 36.76
N PHE D 18 6.72 12.13 35.87
CA PHE D 18 6.20 11.92 34.52
C PHE D 18 7.10 10.91 33.78
N GLY D 19 8.41 10.99 34.05
CA GLY D 19 9.39 10.10 33.44
C GLY D 19 9.21 8.65 33.88
N LEU D 20 9.13 8.42 35.20
CA LEU D 20 8.93 7.07 35.75
C LEU D 20 7.62 6.47 35.25
N GLN D 21 6.62 7.32 35.07
CA GLN D 21 5.30 6.89 34.66
C GLN D 21 5.28 6.51 33.17
N ASP D 22 6.07 7.22 32.35
CA ASP D 22 6.20 6.87 30.92
C ASP D 22 7.01 5.59 30.79
N MET D 23 7.99 5.39 31.68
CA MET D 23 8.77 4.17 31.68
C MET D 23 7.88 2.96 31.89
N GLU D 24 6.97 3.03 32.86
CA GLU D 24 6.08 1.90 33.14
C GLU D 24 5.13 1.60 31.99
N ILE D 25 4.65 2.63 31.31
CA ILE D 25 3.76 2.43 30.17
C ILE D 25 4.57 1.81 29.00
N ALA D 26 5.73 2.40 28.72
CA ALA D 26 6.64 1.93 27.69
C ALA D 26 6.99 0.44 27.89
N LYS D 27 7.22 0.03 29.13
CA LYS D 27 7.58 -1.37 29.43
C LYS D 27 6.51 -2.39 29.06
N THR D 28 5.29 -1.94 28.82
CA THR D 28 4.23 -2.85 28.39
C THR D 28 4.68 -3.54 27.09
N ASP D 29 5.43 -2.81 26.24
CA ASP D 29 5.96 -3.32 24.97
C ASP D 29 7.44 -3.71 24.96
N MET D 30 8.21 -3.27 25.94
CA MET D 30 9.64 -3.59 25.96
C MET D 30 9.90 -4.91 26.69
N MET D 31 9.24 -5.99 26.24
N MET D 31 9.25 -5.99 26.22
CA MET D 31 9.35 -7.29 26.92
CA MET D 31 9.37 -7.33 26.83
C MET D 31 10.75 -7.93 26.91
C MET D 31 10.78 -7.86 26.96
N GLY D 32 11.64 -7.48 26.02
CA GLY D 32 13.01 -7.95 25.98
C GLY D 32 13.73 -7.49 27.23
N LEU D 33 13.69 -6.18 27.45
CA LEU D 33 14.34 -5.61 28.63
C LEU D 33 13.65 -6.08 29.92
N VAL D 34 12.33 -6.23 29.88
CA VAL D 34 11.59 -6.69 31.07
C VAL D 34 11.99 -8.12 31.43
N GLU D 35 12.23 -8.95 30.42
CA GLU D 35 12.62 -10.32 30.64
C GLU D 35 14.02 -10.39 31.20
N LEU D 36 14.95 -9.62 30.62
CA LEU D 36 16.33 -9.61 31.11
C LEU D 36 16.39 -9.17 32.58
N GLN D 37 15.55 -8.21 32.96
CA GLN D 37 15.50 -7.77 34.35
C GLN D 37 14.99 -8.93 35.25
N ARG D 38 13.88 -9.54 34.86
CA ARG D 38 13.30 -10.64 35.63
C ARG D 38 14.29 -11.80 35.80
N LYS D 39 14.93 -12.19 34.70
CA LYS D 39 15.85 -13.32 34.68
C LYS D 39 17.19 -13.09 35.37
N TYR D 40 17.75 -11.88 35.25
CA TYR D 40 19.08 -11.57 35.78
C TYR D 40 19.23 -10.57 36.93
N ARG D 41 18.14 -10.06 37.49
CA ARG D 41 18.26 -9.08 38.61
C ARG D 41 18.84 -9.69 39.88
N ASP D 42 18.59 -10.98 40.12
CA ASP D 42 19.10 -11.64 41.33
C ASP D 42 20.59 -12.02 41.21
N SER D 43 20.98 -12.69 40.12
CA SER D 43 22.37 -13.11 39.93
C SER D 43 23.31 -11.95 39.58
N LYS D 44 22.75 -10.85 39.09
CA LYS D 44 23.52 -9.62 38.71
C LYS D 44 24.84 -9.89 37.98
N PRO D 45 24.75 -10.42 36.74
CA PRO D 45 25.95 -10.75 35.96
C PRO D 45 26.90 -9.57 35.65
N LEU D 46 26.41 -8.34 35.76
CA LEU D 46 27.24 -7.15 35.52
C LEU D 46 27.71 -6.48 36.83
N LYS D 47 27.55 -7.14 37.97
CA LYS D 47 27.95 -6.52 39.23
C LYS D 47 29.41 -6.10 39.22
N GLY D 48 29.66 -4.87 39.67
CA GLY D 48 31.01 -4.31 39.76
C GLY D 48 31.43 -3.56 38.52
N ALA D 49 30.68 -3.70 37.43
CA ALA D 49 31.04 -3.06 36.18
C ALA D 49 30.69 -1.57 36.16
N ARG D 50 31.61 -0.76 35.65
CA ARG D 50 31.42 0.66 35.49
C ARG D 50 31.09 0.87 34.02
N ILE D 51 29.87 1.33 33.73
CA ILE D 51 29.42 1.51 32.36
C ILE D 51 29.12 2.98 32.05
N THR D 52 29.79 3.51 31.03
CA THR D 52 29.57 4.87 30.55
C THR D 52 28.80 4.75 29.24
N GLY D 53 27.70 5.49 29.14
CA GLY D 53 26.88 5.47 27.94
C GLY D 53 26.76 6.83 27.28
N SER D 54 26.78 6.81 25.95
CA SER D 54 26.58 8.01 25.11
C SER D 54 25.51 7.55 24.11
N LEU D 55 24.26 7.83 24.44
CA LEU D 55 23.12 7.40 23.61
C LEU D 55 21.86 8.19 23.97
N HIS D 56 21.25 8.81 22.94
CA HIS D 56 20.05 9.66 23.10
C HIS D 56 19.26 9.25 24.36
N LEU D 57 19.22 10.13 25.36
CA LEU D 57 18.57 9.79 26.61
C LEU D 57 17.06 10.01 26.54
N THR D 58 16.40 9.04 25.93
CA THR D 58 14.96 9.02 25.82
C THR D 58 14.40 8.16 26.95
N ILE D 59 13.07 8.09 27.02
CA ILE D 59 12.37 7.22 27.95
C ILE D 59 12.80 5.76 27.67
N GLU D 60 12.86 5.40 26.38
CA GLU D 60 13.25 4.04 25.99
C GLU D 60 14.66 3.71 26.48
N THR D 61 15.53 4.72 26.47
CA THR D 61 16.92 4.57 26.93
C THR D 61 16.96 4.43 28.43
N SER D 62 16.09 5.12 29.14
CA SER D 62 16.11 5.00 30.60
C SER D 62 15.72 3.56 31.03
N VAL D 63 14.96 2.84 30.19
CA VAL D 63 14.60 1.46 30.49
C VAL D 63 15.86 0.59 30.29
N LEU D 64 16.67 0.94 29.27
CA LEU D 64 17.94 0.25 29.04
C LEU D 64 18.86 0.49 30.24
N VAL D 65 18.96 1.74 30.69
CA VAL D 65 19.78 2.07 31.85
C VAL D 65 19.27 1.31 33.08
N GLU D 66 17.95 1.33 33.28
CA GLU D 66 17.35 0.61 34.41
C GLU D 66 17.71 -0.87 34.36
N THR D 67 17.77 -1.42 33.15
CA THR D 67 18.09 -2.84 32.96
C THR D 67 19.54 -3.12 33.29
N LEU D 68 20.45 -2.24 32.85
CA LEU D 68 21.88 -2.39 33.15
C LEU D 68 22.08 -2.25 34.67
N TYR D 69 21.35 -1.33 35.28
CA TYR D 69 21.41 -1.13 36.73
C TYR D 69 20.89 -2.37 37.47
N GLU D 70 19.69 -2.83 37.16
CA GLU D 70 19.14 -4.04 37.83
C GLU D 70 20.08 -5.25 37.71
N LEU D 71 20.86 -5.33 36.63
CA LEU D 71 21.85 -6.40 36.44
C LEU D 71 23.16 -6.18 37.24
N GLY D 72 23.17 -5.15 38.10
CA GLY D 72 24.30 -4.87 39.01
C GLY D 72 25.39 -3.89 38.63
N ALA D 73 25.24 -3.19 37.51
CA ALA D 73 26.27 -2.23 37.07
C ALA D 73 26.10 -0.84 37.64
N GLU D 74 27.22 -0.11 37.78
CA GLU D 74 27.19 1.30 38.19
C GLU D 74 27.18 2.02 36.85
N ILE D 75 26.46 3.14 36.75
CA ILE D 75 26.29 3.80 35.45
C ILE D 75 26.39 5.34 35.41
N ARG D 76 27.01 5.84 34.34
CA ARG D 76 27.13 7.26 34.06
C ARG D 76 26.64 7.39 32.63
N TRP D 77 25.80 8.39 32.36
CA TRP D 77 25.22 8.52 31.03
C TRP D 77 25.14 9.94 30.51
N CYS D 78 25.12 10.05 29.17
CA CYS D 78 24.99 11.33 28.44
C CYS D 78 24.33 11.00 27.11
N SER D 79 23.76 12.00 26.44
CA SER D 79 23.15 11.80 25.13
C SER D 79 24.19 11.97 24.04
N CYS D 80 23.95 11.33 22.89
CA CYS D 80 24.86 11.41 21.75
C CYS D 80 24.38 12.44 20.69
N ASN D 81 23.46 13.34 21.09
CA ASN D 81 22.97 14.44 20.25
C ASN D 81 22.53 15.61 21.17
N ILE D 82 22.70 16.84 20.69
CA ILE D 82 22.33 18.03 21.49
C ILE D 82 20.83 18.25 21.69
N TYR D 83 19.99 17.64 20.84
CA TYR D 83 18.53 17.83 20.93
C TYR D 83 17.72 16.59 21.32
N SER D 84 18.35 15.44 21.45
CA SER D 84 17.59 14.19 21.65
C SER D 84 17.17 13.80 23.06
N THR D 85 17.71 14.46 24.07
CA THR D 85 17.36 14.15 25.43
C THR D 85 15.91 14.54 25.74
N GLN D 86 15.20 13.64 26.43
CA GLN D 86 13.85 13.94 26.93
C GLN D 86 14.15 14.21 28.41
N ASP D 87 14.00 15.46 28.82
CA ASP D 87 14.32 15.88 30.19
C ASP D 87 13.63 15.07 31.30
N HIS D 88 12.38 14.67 31.10
CA HIS D 88 11.70 13.89 32.15
C HIS D 88 12.30 12.49 32.30
N ALA D 89 12.83 11.94 31.20
CA ALA D 89 13.49 10.62 31.25
C ALA D 89 14.79 10.73 32.05
N ALA D 90 15.54 11.81 31.81
CA ALA D 90 16.79 12.07 32.52
C ALA D 90 16.54 12.22 34.00
N ALA D 91 15.47 12.95 34.33
CA ALA D 91 15.09 13.20 35.71
C ALA D 91 14.71 11.91 36.45
N ALA D 92 14.04 10.99 35.77
CA ALA D 92 13.65 9.70 36.38
C ALA D 92 14.88 8.91 36.81
N LEU D 93 15.91 8.93 35.99
CA LEU D 93 17.15 8.21 36.30
C LEU D 93 17.86 8.78 37.52
N VAL D 94 17.98 10.11 37.59
CA VAL D 94 18.65 10.75 38.72
C VAL D 94 17.82 10.63 40.01
N LYS D 95 16.51 10.79 39.88
CA LYS D 95 15.57 10.69 41.00
C LYS D 95 15.65 9.36 41.72
N LYS D 96 15.86 8.26 41.00
CA LYS D 96 15.98 6.94 41.64
C LYS D 96 17.41 6.40 41.74
N ASN D 97 18.41 7.28 41.55
CA ASN D 97 19.82 6.87 41.65
C ASN D 97 20.22 5.71 40.75
N ILE D 98 19.56 5.58 39.61
CA ILE D 98 19.86 4.51 38.67
C ILE D 98 21.22 4.82 38.02
N ALA D 99 21.50 6.11 37.79
CA ALA D 99 22.74 6.53 37.13
C ALA D 99 23.03 8.01 37.38
N THR D 100 24.27 8.40 37.09
CA THR D 100 24.75 9.77 37.21
C THR D 100 24.59 10.29 35.79
N VAL D 101 23.79 11.32 35.62
CA VAL D 101 23.46 11.84 34.29
C VAL D 101 23.97 13.24 33.95
N PHE D 102 24.48 13.39 32.72
CA PHE D 102 24.97 14.65 32.18
C PHE D 102 24.23 14.80 30.86
N ALA D 103 22.98 15.25 30.94
CA ALA D 103 22.13 15.38 29.77
C ALA D 103 20.87 16.24 29.93
N TRP D 104 20.62 17.04 28.90
CA TRP D 104 19.44 17.89 28.82
C TRP D 104 19.19 18.22 27.37
N LYS D 105 17.96 18.55 27.04
CA LYS D 105 17.58 18.90 25.68
C LYS D 105 18.06 20.32 25.41
N ASN D 106 18.55 20.55 24.19
CA ASN D 106 19.02 21.85 23.73
C ASN D 106 20.33 22.27 24.39
N GLU D 107 21.31 21.38 24.31
CA GLU D 107 22.65 21.64 24.82
C GLU D 107 23.41 22.41 23.76
N THR D 108 24.41 23.18 24.18
CA THR D 108 25.27 23.86 23.24
C THR D 108 26.29 22.80 22.89
N ILE D 109 26.94 22.92 21.73
CA ILE D 109 27.96 21.94 21.35
C ILE D 109 29.08 21.88 22.42
N GLU D 110 29.49 23.01 22.97
CA GLU D 110 30.52 23.02 24.00
C GLU D 110 30.13 22.16 25.21
N ASP D 111 28.88 22.30 25.66
CA ASP D 111 28.37 21.53 26.80
C ASP D 111 28.19 20.06 26.49
N TYR D 112 27.91 19.73 25.22
CA TYR D 112 27.79 18.33 24.81
C TYR D 112 29.10 17.61 25.14
N TRP D 113 30.22 18.14 24.64
CA TRP D 113 31.54 17.54 24.90
C TRP D 113 31.92 17.48 26.38
N VAL D 114 31.58 18.52 27.16
CA VAL D 114 31.88 18.51 28.60
C VAL D 114 31.11 17.36 29.26
N CYS D 115 29.81 17.24 28.92
CA CYS D 115 28.94 16.17 29.45
C CYS D 115 29.53 14.78 29.16
N LEU D 116 29.94 14.56 27.91
CA LEU D 116 30.54 13.28 27.52
C LEU D 116 31.79 13.00 28.35
N ASN D 117 32.69 13.98 28.36
CA ASN D 117 33.93 13.86 29.11
C ASN D 117 33.62 13.53 30.57
N ASP D 118 32.63 14.23 31.13
CA ASP D 118 32.21 14.00 32.52
C ASP D 118 31.65 12.59 32.75
N ALA D 119 30.95 12.05 31.74
CA ALA D 119 30.38 10.70 31.83
C ALA D 119 31.44 9.59 31.81
N MET D 120 32.57 9.87 31.16
CA MET D 120 33.71 8.94 31.08
C MET D 120 34.58 9.00 32.35
N THR D 121 34.44 10.06 33.14
CA THR D 121 35.23 10.24 34.36
C THR D 121 34.61 9.55 35.57
N TRP D 122 35.32 8.57 36.11
CA TRP D 122 34.88 7.84 37.29
C TRP D 122 35.91 8.03 38.40
N ARG D 123 35.47 7.85 39.64
CA ARG D 123 36.41 7.92 40.75
C ARG D 123 36.76 6.51 41.23
N ASN D 124 38.05 6.34 41.54
CA ASN D 124 38.66 5.07 41.95
C ASN D 124 37.88 4.43 43.12
N PRO D 125 37.37 3.19 42.94
CA PRO D 125 36.64 2.51 44.04
C PRO D 125 37.53 2.02 45.20
N ASN D 126 38.85 2.07 45.03
CA ASN D 126 39.82 1.68 46.05
C ASN D 126 40.27 2.94 46.80
N ASP D 127 40.72 3.94 46.04
CA ASP D 127 41.15 5.24 46.59
C ASP D 127 39.99 6.24 46.47
N LYS D 128 40.30 7.54 46.53
CA LYS D 128 39.26 8.56 46.47
C LYS D 128 39.69 9.76 45.60
N ASP D 129 40.88 10.30 45.90
CA ASP D 129 41.44 11.46 45.15
C ASP D 129 41.85 11.17 43.70
N LYS D 130 42.02 9.89 43.35
CA LYS D 130 42.44 9.49 42.00
C LYS D 130 41.28 9.19 41.05
N ILE D 131 41.54 9.42 39.77
CA ILE D 131 40.58 9.24 38.68
C ILE D 131 40.82 7.90 37.97
N CYS D 132 39.82 7.47 37.20
CA CYS D 132 39.90 6.25 36.40
C CYS D 132 38.87 6.36 35.27
N GLY D 133 38.64 5.27 34.55
CA GLY D 133 37.69 5.26 33.45
C GLY D 133 36.64 4.18 33.59
N PRO D 134 35.82 4.02 32.54
CA PRO D 134 34.80 2.98 32.56
C PRO D 134 35.34 1.62 32.16
N ASN D 135 34.63 0.57 32.57
CA ASN D 135 34.99 -0.80 32.21
C ASN D 135 34.39 -1.13 30.83
N LEU D 136 33.14 -0.69 30.64
CA LEU D 136 32.40 -0.92 29.42
C LEU D 136 31.77 0.38 28.92
N ILE D 137 31.57 0.44 27.60
CA ILE D 137 30.96 1.60 26.95
C ILE D 137 29.79 1.19 26.07
N VAL D 138 28.70 1.97 26.14
CA VAL D 138 27.53 1.80 25.27
C VAL D 138 27.60 3.08 24.44
N ASP D 139 27.86 2.92 23.14
CA ASP D 139 28.03 4.08 22.28
C ASP D 139 27.06 4.05 21.09
N ASP D 140 26.70 5.25 20.64
CA ASP D 140 25.77 5.45 19.53
C ASP D 140 26.35 6.59 18.70
N GLY D 141 26.95 6.22 17.57
CA GLY D 141 27.58 7.20 16.68
C GLY D 141 29.09 7.26 16.84
N GLY D 142 29.61 6.65 17.91
CA GLY D 142 31.05 6.60 18.13
C GLY D 142 31.74 7.75 18.85
N ASP D 143 30.98 8.70 19.41
CA ASP D 143 31.60 9.87 20.09
C ASP D 143 32.38 9.54 21.37
N ALA D 144 31.89 8.57 22.16
CA ALA D 144 32.58 8.16 23.38
C ALA D 144 33.86 7.43 22.98
N THR D 145 33.74 6.63 21.93
CA THR D 145 34.87 5.89 21.38
C THR D 145 35.89 6.85 20.74
N LEU D 146 35.41 7.88 20.06
CA LEU D 146 36.28 8.85 19.42
C LEU D 146 37.12 9.67 20.43
N ILE D 147 36.47 10.20 21.46
CA ILE D 147 37.20 11.00 22.46
C ILE D 147 38.28 10.18 23.19
N LEU D 148 38.04 8.88 23.34
CA LEU D 148 39.03 7.99 23.98
C LEU D 148 40.26 7.88 23.09
N HIS D 149 40.02 7.55 21.81
CA HIS D 149 41.12 7.41 20.84
C HIS D 149 41.86 8.70 20.55
N GLU D 150 41.12 9.79 20.34
CA GLU D 150 41.73 11.10 20.09
C GLU D 150 42.44 11.59 21.35
N GLY D 151 41.96 11.17 22.51
CA GLY D 151 42.58 11.52 23.77
C GLY D 151 43.93 10.83 23.88
N VAL D 152 43.98 9.54 23.58
CA VAL D 152 45.23 8.76 23.61
C VAL D 152 46.20 9.32 22.58
N LYS D 153 45.69 9.60 21.38
CA LYS D 153 46.48 10.17 20.28
C LYS D 153 47.08 11.52 20.72
N ALA D 154 46.29 12.28 21.48
CA ALA D 154 46.71 13.59 21.97
C ALA D 154 47.81 13.46 23.03
N GLU D 155 47.63 12.55 23.98
CA GLU D 155 48.61 12.33 25.06
C GLU D 155 49.97 11.85 24.50
N ILE D 156 49.92 10.97 23.50
CA ILE D 156 51.16 10.46 22.88
C ILE D 156 51.96 11.59 22.21
N GLU D 157 51.32 12.36 21.32
CA GLU D 157 52.01 13.46 20.64
C GLU D 157 52.35 14.61 21.62
N TYR D 158 51.67 14.66 22.77
CA TYR D 158 51.96 15.67 23.78
C TYR D 158 53.32 15.37 24.41
N GLU D 159 53.57 14.10 24.72
CA GLU D 159 54.85 13.69 25.31
C GLU D 159 56.03 13.74 24.34
N LYS D 160 55.80 13.36 23.07
CA LYS D 160 56.88 13.34 22.09
C LYS D 160 57.52 14.73 21.89
N TYR D 161 56.71 15.76 21.61
CA TYR D 161 57.21 17.14 21.42
C TYR D 161 57.12 17.98 22.71
N ASN D 162 56.73 17.34 23.82
CA ASN D 162 56.61 17.95 25.14
C ASN D 162 56.00 19.37 25.14
N LYS D 163 54.84 19.49 24.49
CA LYS D 163 54.07 20.73 24.37
C LYS D 163 52.67 20.37 23.88
N ILE D 164 51.75 21.33 23.95
CA ILE D 164 50.39 21.11 23.49
C ILE D 164 50.40 20.96 21.96
N PRO D 165 49.87 19.83 21.42
CA PRO D 165 49.84 19.65 19.96
C PRO D 165 49.13 20.81 19.27
N GLU D 166 49.81 21.41 18.30
CA GLU D 166 49.26 22.60 17.61
C GLU D 166 47.96 22.44 16.81
N TYR D 167 47.53 21.20 16.59
CA TYR D 167 46.25 20.99 15.89
C TYR D 167 45.06 21.24 16.85
N LEU D 168 45.32 21.22 18.17
CA LEU D 168 44.27 21.48 19.20
C LEU D 168 44.09 22.98 19.49
N GLU D 169 45.03 23.80 19.02
CA GLU D 169 44.98 25.24 19.24
C GLU D 169 44.56 26.03 17.99
N THR D 170 44.70 25.40 16.82
CA THR D 170 44.28 26.02 15.56
C THR D 170 42.79 25.75 15.33
N GLU D 171 42.13 26.67 14.63
CA GLU D 171 40.71 26.52 14.29
C GLU D 171 40.53 25.96 12.87
N LEU D 172 41.60 26.01 12.07
CA LEU D 172 41.55 25.50 10.70
C LEU D 172 42.00 24.04 10.71
N ASP D 173 41.65 23.31 9.65
CA ASP D 173 42.03 21.89 9.52
C ASP D 173 43.32 21.77 8.69
N GLU D 174 43.65 20.56 8.25
CA GLU D 174 44.85 20.30 7.45
C GLU D 174 44.89 21.10 6.12
N ASN D 175 43.72 21.36 5.54
CA ASN D 175 43.59 22.08 4.26
C ASN D 175 43.29 23.59 4.41
N GLY D 176 43.50 24.13 5.61
CA GLY D 176 43.22 25.55 5.87
C GLY D 176 41.73 25.91 5.93
N LYS D 177 40.86 24.91 6.04
CA LYS D 177 39.41 25.12 6.13
C LYS D 177 38.96 25.06 7.59
N GLN D 178 37.93 25.85 7.93
CA GLN D 178 37.42 25.93 9.30
C GLN D 178 36.94 24.55 9.82
N LEU D 179 37.40 24.18 11.02
CA LEU D 179 37.01 22.92 11.66
C LEU D 179 35.54 22.99 12.07
N SER D 180 34.90 21.83 12.23
CA SER D 180 33.51 21.81 12.66
C SER D 180 33.47 22.21 14.12
N MET D 181 32.34 22.77 14.56
CA MET D 181 32.23 23.21 15.96
C MET D 181 32.40 22.00 16.90
N ASP D 182 31.88 20.84 16.50
CA ASP D 182 32.04 19.60 17.29
C ASP D 182 33.52 19.26 17.53
N LEU D 183 34.34 19.35 16.48
CA LEU D 183 35.79 19.09 16.62
C LEU D 183 36.47 20.09 17.55
N LYS D 184 36.20 21.38 17.34
CA LYS D 184 36.78 22.44 18.17
C LYS D 184 36.42 22.26 19.63
N CYS D 185 35.17 21.94 19.91
CA CYS D 185 34.71 21.73 21.28
C CYS D 185 35.32 20.46 21.89
N MET D 186 35.55 19.43 21.06
CA MET D 186 36.19 18.20 21.53
C MET D 186 37.65 18.53 21.82
N TYR D 187 38.30 19.25 20.91
CA TYR D 187 39.69 19.65 21.08
C TYR D 187 39.90 20.57 22.29
N LYS D 188 38.92 21.40 22.58
CA LYS D 188 38.98 22.29 23.74
C LYS D 188 39.04 21.41 24.99
N VAL D 189 38.17 20.41 25.06
CA VAL D 189 38.15 19.48 26.19
C VAL D 189 39.48 18.70 26.32
N LEU D 190 40.01 18.21 25.20
CA LEU D 190 41.26 17.44 25.24
C LEU D 190 42.42 18.27 25.77
N LYS D 191 42.54 19.52 25.28
CA LYS D 191 43.60 20.44 25.73
C LYS D 191 43.54 20.61 27.27
N MET D 192 42.34 20.84 27.78
CA MET D 192 42.08 20.99 29.22
C MET D 192 42.49 19.74 30.00
N GLU D 193 42.22 18.55 29.47
CA GLU D 193 42.62 17.30 30.15
C GLU D 193 44.12 17.03 30.09
N LEU D 194 44.79 17.49 29.03
CA LEU D 194 46.25 17.33 28.93
C LEU D 194 46.94 18.11 30.05
N LEU D 195 46.44 19.31 30.33
CA LEU D 195 46.98 20.17 31.39
C LEU D 195 46.63 19.66 32.79
N LYS D 196 45.43 19.07 32.92
CA LYS D 196 44.94 18.57 34.20
C LYS D 196 45.55 17.19 34.55
N ASN D 197 45.68 16.32 33.55
CA ASN D 197 46.27 14.97 33.72
C ASN D 197 46.54 14.29 32.36
N PRO D 198 47.82 14.30 31.88
CA PRO D 198 48.20 13.71 30.58
C PRO D 198 48.34 12.17 30.51
N PHE D 199 47.97 11.46 31.58
CA PHE D 199 47.98 9.99 31.58
C PHE D 199 46.56 9.46 31.77
N ARG D 200 45.58 10.36 31.69
CA ARG D 200 44.17 10.01 31.85
C ARG D 200 43.64 8.99 30.85
N TRP D 201 43.70 9.34 29.56
CA TRP D 201 43.18 8.47 28.51
C TRP D 201 43.87 7.11 28.43
N ARG D 202 45.20 7.10 28.51
CA ARG D 202 45.95 5.83 28.52
C ARG D 202 45.76 5.06 29.83
N GLY D 203 45.41 5.78 30.89
CA GLY D 203 45.13 5.17 32.19
C GLY D 203 43.86 4.35 32.17
N MET D 204 42.90 4.80 31.36
CA MET D 204 41.61 4.11 31.21
C MET D 204 41.72 2.77 30.47
N LEU D 205 42.72 2.65 29.59
CA LEU D 205 42.92 1.43 28.81
C LEU D 205 43.14 0.15 29.62
N LYS D 206 43.77 0.27 30.78
CA LYS D 206 44.04 -0.91 31.62
C LYS D 206 42.75 -1.61 32.05
N ASP D 207 41.68 -0.84 32.26
CA ASP D 207 40.39 -1.40 32.71
C ASP D 207 39.25 -1.42 31.66
N LEU D 208 39.53 -1.06 30.41
CA LEU D 208 38.51 -1.08 29.34
C LEU D 208 38.40 -2.44 28.69
N TYR D 209 37.25 -3.08 28.87
CA TYR D 209 37.03 -4.42 28.34
C TYR D 209 36.23 -4.43 27.04
N GLY D 210 35.67 -3.27 26.66
CA GLY D 210 34.93 -3.18 25.40
C GLY D 210 33.90 -2.09 25.22
N VAL D 211 33.42 -1.97 23.99
CA VAL D 211 32.38 -1.02 23.61
C VAL D 211 31.32 -1.73 22.74
N SER D 212 30.05 -1.37 22.94
CA SER D 212 28.95 -1.95 22.15
C SER D 212 28.35 -0.78 21.38
N GLU D 213 28.48 -0.82 20.04
CA GLU D 213 28.04 0.27 19.14
C GLU D 213 26.63 0.06 18.51
N GLU D 214 25.79 1.07 18.68
CA GLU D 214 24.39 1.08 18.24
C GLU D 214 24.06 1.32 16.75
N THR D 215 24.70 2.32 16.13
CA THR D 215 24.30 2.71 14.78
C THR D 215 25.32 2.53 13.68
N THR D 216 24.79 2.53 12.45
CA THR D 216 25.57 2.32 11.24
C THR D 216 26.80 3.23 11.15
N THR D 217 26.63 4.51 11.46
CA THR D 217 27.74 5.47 11.40
C THR D 217 28.85 5.21 12.43
N GLY D 218 28.48 4.70 13.60
CA GLY D 218 29.47 4.38 14.63
C GLY D 218 30.24 3.12 14.26
N VAL D 219 29.54 2.17 13.64
CA VAL D 219 30.15 0.93 13.18
C VAL D 219 31.15 1.26 12.07
N LEU D 220 30.80 2.22 11.21
CA LEU D 220 31.69 2.64 10.14
C LEU D 220 33.01 3.11 10.74
N ARG D 221 32.90 3.96 11.75
CA ARG D 221 34.10 4.47 12.46
C ARG D 221 34.91 3.33 13.08
N LEU D 222 34.25 2.33 13.64
CA LEU D 222 34.95 1.19 14.23
C LEU D 222 35.72 0.42 13.16
N LYS D 223 35.06 0.15 12.04
CA LYS D 223 35.68 -0.59 10.95
C LYS D 223 36.92 0.11 10.38
N ILE D 224 36.89 1.43 10.29
CA ILE D 224 38.03 2.18 9.81
C ILE D 224 39.22 2.04 10.79
N MET D 225 38.94 2.15 12.10
CA MET D 225 39.98 1.99 13.12
C MET D 225 40.53 0.56 13.14
N GLU D 226 39.67 -0.41 12.85
CA GLU D 226 40.07 -1.81 12.83
C GLU D 226 41.01 -2.11 11.65
N SER D 227 40.66 -1.61 10.46
CA SER D 227 41.48 -1.84 9.26
C SER D 227 42.87 -1.17 9.34
N GLU D 228 42.96 -0.07 10.10
CA GLU D 228 44.23 0.65 10.30
C GLU D 228 45.02 0.12 11.51
N GLY D 229 44.44 -0.83 12.24
CA GLY D 229 45.07 -1.41 13.42
C GLY D 229 45.14 -0.45 14.60
N LYS D 230 44.20 0.49 14.66
CA LYS D 230 44.17 1.53 15.69
C LYS D 230 43.06 1.41 16.75
N LEU D 231 42.29 0.33 16.70
CA LEU D 231 41.21 0.10 17.67
C LEU D 231 41.88 -0.33 18.98
N LEU D 232 41.53 0.34 20.09
CA LEU D 232 42.15 0.11 21.42
C LEU D 232 41.34 -0.72 22.42
N LEU D 233 40.19 -1.28 21.99
CA LEU D 233 39.38 -2.13 22.88
C LEU D 233 38.48 -3.04 22.02
N PRO D 234 38.02 -4.18 22.58
CA PRO D 234 37.11 -5.04 21.78
C PRO D 234 35.80 -4.30 21.52
N ALA D 235 35.14 -4.59 20.41
CA ALA D 235 33.90 -3.92 20.09
C ALA D 235 32.84 -4.87 19.56
N ILE D 236 31.60 -4.63 19.98
CA ILE D 236 30.46 -5.40 19.50
C ILE D 236 29.59 -4.48 18.65
N ASN D 237 29.36 -4.92 17.42
CA ASN D 237 28.55 -4.22 16.46
C ASN D 237 27.12 -4.68 16.72
N VAL D 238 26.34 -3.81 17.38
CA VAL D 238 24.94 -4.08 17.69
C VAL D 238 24.04 -3.74 16.50
N ASN D 239 24.43 -2.73 15.73
CA ASN D 239 23.64 -2.31 14.59
C ASN D 239 23.32 -3.46 13.64
N ASP D 240 24.31 -4.30 13.35
CA ASP D 240 24.15 -5.36 12.37
C ASP D 240 23.52 -6.69 12.83
N SER D 241 22.93 -6.69 14.03
CA SER D 241 22.13 -7.84 14.43
C SER D 241 20.91 -7.70 13.51
N VAL D 242 20.31 -8.82 13.12
CA VAL D 242 19.11 -8.78 12.29
C VAL D 242 17.99 -8.05 13.05
N THR D 243 17.81 -8.37 14.33
CA THR D 243 16.77 -7.75 15.16
C THR D 243 17.02 -6.28 15.51
N LYS D 244 18.10 -5.71 14.97
CA LYS D 244 18.35 -4.30 15.15
C LYS D 244 18.23 -3.64 13.77
N SER D 245 19.17 -3.89 12.86
CA SER D 245 19.16 -3.25 11.53
C SER D 245 17.87 -3.42 10.69
N LYS D 246 17.23 -4.58 10.74
CA LYS D 246 16.00 -4.80 9.96
C LYS D 246 14.69 -4.41 10.67
N PHE D 247 14.79 -3.78 11.84
CA PHE D 247 13.59 -3.38 12.59
C PHE D 247 13.68 -1.93 13.00
N ASP D 248 14.65 -1.62 13.84
CA ASP D 248 14.90 -0.27 14.32
C ASP D 248 15.10 0.67 13.13
N ASN D 249 16.14 0.42 12.33
CA ASN D 249 16.50 1.30 11.21
C ASN D 249 15.39 1.49 10.18
N THR D 250 14.65 0.41 9.90
CA THR D 250 13.58 0.44 8.90
C THR D 250 12.22 0.83 9.49
N TYR D 251 11.66 -0.04 10.33
CA TYR D 251 10.31 0.19 10.87
C TYR D 251 10.26 1.31 11.92
N GLY D 252 11.36 1.52 12.63
CA GLY D 252 11.40 2.60 13.60
C GLY D 252 11.31 3.94 12.88
N CYS D 253 12.14 4.13 11.85
CA CYS D 253 12.11 5.38 11.07
C CYS D 253 10.77 5.57 10.37
N ARG D 254 10.15 4.48 9.93
CA ARG D 254 8.85 4.55 9.24
C ARG D 254 7.86 5.36 10.07
N GLN D 255 7.85 5.16 11.39
CA GLN D 255 6.96 5.90 12.27
C GLN D 255 7.59 7.20 12.79
N SER D 256 8.86 7.17 13.19
CA SER D 256 9.50 8.36 13.81
C SER D 256 9.86 9.51 12.85
N LEU D 257 10.12 9.22 11.58
CA LEU D 257 10.37 10.28 10.60
C LEU D 257 9.06 11.03 10.46
N LEU D 258 7.97 10.29 10.26
CA LEU D 258 6.67 10.91 10.12
C LEU D 258 6.36 11.78 11.34
N HIS D 259 6.64 11.28 12.55
CA HIS D 259 6.38 12.06 13.75
C HIS D 259 7.18 13.39 13.70
N GLY D 260 8.46 13.30 13.37
CA GLY D 260 9.33 14.46 13.25
C GLY D 260 8.86 15.46 12.21
N LEU D 261 8.47 14.98 11.04
CA LEU D 261 7.95 15.86 9.98
C LEU D 261 6.61 16.48 10.38
N PHE D 262 5.70 15.69 10.95
CA PHE D 262 4.43 16.26 11.36
C PHE D 262 4.62 17.38 12.39
N ASN D 263 5.57 17.21 13.32
CA ASN D 263 5.84 18.27 14.32
C ASN D 263 6.57 19.47 13.74
N GLY D 264 7.53 19.23 12.86
CA GLY D 264 8.35 20.32 12.29
C GLY D 264 7.87 21.02 11.04
N CYS D 265 7.17 20.27 10.19
CA CYS D 265 6.66 20.74 8.91
C CYS D 265 5.16 20.79 8.99
N ILE D 266 4.61 22.00 8.89
CA ILE D 266 3.18 22.21 8.97
C ILE D 266 2.39 21.66 7.75
N GLN D 267 3.07 21.47 6.62
CA GLN D 267 2.41 21.06 5.37
C GLN D 267 1.98 19.61 5.24
N MET D 268 1.06 19.40 4.30
CA MET D 268 0.54 18.09 3.97
C MET D 268 1.58 17.38 3.12
N LEU D 269 1.86 16.12 3.47
CA LEU D 269 2.84 15.33 2.71
C LEU D 269 2.22 14.74 1.46
N ALA D 270 0.92 14.47 1.51
CA ALA D 270 0.20 13.89 0.38
C ALA D 270 0.36 14.67 -0.91
N GLY D 271 0.68 13.95 -1.99
CA GLY D 271 0.88 14.56 -3.30
C GLY D 271 2.21 15.24 -3.53
N LYS D 272 2.94 15.55 -2.46
CA LYS D 272 4.22 16.22 -2.56
C LYS D 272 5.31 15.30 -3.10
N LYS D 273 6.23 15.88 -3.85
CA LYS D 273 7.38 15.16 -4.34
C LYS D 273 8.40 15.24 -3.22
N ILE D 274 8.61 14.12 -2.54
CA ILE D 274 9.52 14.07 -1.43
C ILE D 274 10.72 13.23 -1.84
N VAL D 275 11.91 13.83 -1.73
CA VAL D 275 13.13 13.17 -2.09
C VAL D 275 13.77 12.51 -0.88
N VAL D 276 14.01 11.21 -0.97
CA VAL D 276 14.67 10.46 0.08
C VAL D 276 16.05 10.13 -0.50
N LEU D 277 17.08 10.75 0.08
CA LEU D 277 18.44 10.56 -0.37
C LEU D 277 19.04 9.40 0.43
N GLY D 278 19.27 8.28 -0.25
CA GLY D 278 19.78 7.07 0.37
C GLY D 278 18.60 6.11 0.57
N TYR D 279 18.71 4.91 0.02
CA TYR D 279 17.64 3.91 0.11
C TYR D 279 18.24 2.65 0.74
N GLY D 280 18.89 2.85 1.89
CA GLY D 280 19.45 1.75 2.68
C GLY D 280 18.38 1.29 3.66
N GLU D 281 18.80 0.75 4.79
CA GLU D 281 17.82 0.27 5.78
C GLU D 281 16.93 1.43 6.28
N VAL D 282 17.52 2.58 6.60
CA VAL D 282 16.74 3.75 7.04
C VAL D 282 15.84 4.30 5.91
N GLY D 283 16.47 4.57 4.77
CA GLY D 283 15.77 5.09 3.60
C GLY D 283 14.54 4.28 3.22
N LYS D 284 14.68 2.96 3.23
CA LYS D 284 13.56 2.08 2.91
C LYS D 284 12.38 2.32 3.82
N GLY D 285 12.64 2.50 5.11
CA GLY D 285 11.56 2.74 6.08
C GLY D 285 10.92 4.09 5.92
N CYS D 286 11.76 5.08 5.66
CA CYS D 286 11.29 6.44 5.43
C CYS D 286 10.35 6.47 4.24
N ALA D 287 10.79 5.87 3.13
CA ALA D 287 10.01 5.87 1.89
C ALA D 287 8.64 5.23 2.11
N GLN D 288 8.65 4.11 2.81
CA GLN D 288 7.42 3.38 3.08
C GLN D 288 6.45 4.24 3.89
N GLY D 289 6.94 4.90 4.94
CA GLY D 289 6.10 5.78 5.74
C GLY D 289 5.53 6.95 4.93
N LEU D 290 6.38 7.62 4.18
CA LEU D 290 5.96 8.77 3.35
C LEU D 290 4.91 8.34 2.33
N SER D 291 5.11 7.19 1.69
CA SER D 291 4.10 6.64 0.76
C SER D 291 2.80 6.33 1.45
N GLY D 292 2.91 5.88 2.70
CA GLY D 292 1.75 5.53 3.50
C GLY D 292 0.78 6.67 3.75
N VAL D 293 1.26 7.91 3.64
CA VAL D 293 0.41 9.10 3.84
C VAL D 293 0.26 9.92 2.56
N GLY D 294 0.41 9.23 1.41
CA GLY D 294 0.19 9.84 0.11
C GLY D 294 1.30 10.56 -0.63
N ALA D 295 2.50 10.61 -0.04
CA ALA D 295 3.59 11.31 -0.71
C ALA D 295 4.07 10.57 -1.96
N ARG D 296 4.67 11.32 -2.87
CA ARG D 296 5.26 10.76 -4.05
C ARG D 296 6.76 10.79 -3.80
N VAL D 297 7.30 9.62 -3.44
CA VAL D 297 8.71 9.48 -3.11
C VAL D 297 9.64 9.33 -4.32
N ILE D 298 10.70 10.14 -4.34
CA ILE D 298 11.73 10.11 -5.38
C ILE D 298 13.02 9.79 -4.64
N VAL D 299 13.71 8.75 -5.06
CA VAL D 299 14.93 8.30 -4.39
C VAL D 299 16.21 8.67 -5.12
N THR D 300 17.28 8.95 -4.36
CA THR D 300 18.63 9.13 -4.95
C THR D 300 19.48 8.02 -4.32
N GLU D 301 20.42 7.50 -5.09
CA GLU D 301 21.32 6.44 -4.67
C GLU D 301 22.59 6.40 -5.46
N ILE D 302 23.60 5.84 -4.81
CA ILE D 302 24.91 5.59 -5.41
C ILE D 302 25.08 4.09 -5.68
N ASP D 303 24.32 3.26 -4.96
CA ASP D 303 24.41 1.79 -5.07
C ASP D 303 23.39 1.29 -6.10
N PRO D 304 23.86 0.68 -7.19
CA PRO D 304 22.91 0.22 -8.22
C PRO D 304 21.93 -0.82 -7.71
N ILE D 305 22.31 -1.61 -6.70
CA ILE D 305 21.39 -2.62 -6.15
C ILE D 305 20.23 -1.93 -5.41
N CYS D 306 20.57 -1.05 -4.48
CA CYS D 306 19.54 -0.31 -3.71
C CYS D 306 18.64 0.50 -4.65
N ALA D 307 19.23 1.08 -5.69
CA ALA D 307 18.47 1.85 -6.68
C ALA D 307 17.43 0.96 -7.37
N LEU D 308 17.82 -0.27 -7.74
CA LEU D 308 16.86 -1.18 -8.35
C LEU D 308 15.78 -1.56 -7.37
N GLN D 309 16.13 -1.70 -6.10
CA GLN D 309 15.12 -2.02 -5.09
C GLN D 309 14.07 -0.92 -5.02
N ALA D 310 14.51 0.34 -4.99
CA ALA D 310 13.57 1.48 -4.94
C ALA D 310 12.61 1.46 -6.15
N SER D 311 13.17 1.17 -7.31
CA SER D 311 12.39 1.11 -8.54
C SER D 311 11.35 -0.03 -8.48
N MET D 312 11.72 -1.16 -7.87
CA MET D 312 10.80 -2.29 -7.72
C MET D 312 9.62 -1.98 -6.78
N GLU D 313 9.73 -0.96 -5.93
CA GLU D 313 8.61 -0.54 -5.06
C GLU D 313 7.86 0.61 -5.70
N GLY D 314 8.09 0.82 -7.00
CA GLY D 314 7.45 1.88 -7.74
C GLY D 314 7.96 3.29 -7.55
N TYR D 315 9.19 3.46 -7.04
CA TYR D 315 9.72 4.81 -6.84
C TYR D 315 10.62 5.28 -7.97
N GLN D 316 10.45 6.54 -8.35
CA GLN D 316 11.31 7.16 -9.33
C GLN D 316 12.70 7.30 -8.68
N VAL D 317 13.77 7.00 -9.43
CA VAL D 317 15.15 7.11 -8.91
C VAL D 317 15.88 8.12 -9.77
N SER D 318 16.26 9.26 -9.18
CA SER D 318 16.93 10.35 -9.89
C SER D 318 18.18 10.88 -9.18
N VAL D 319 18.92 11.76 -9.88
CA VAL D 319 20.05 12.42 -9.26
C VAL D 319 19.48 13.75 -8.73
N LEU D 320 19.93 14.17 -7.56
CA LEU D 320 19.43 15.41 -6.94
C LEU D 320 19.34 16.62 -7.88
N GLU D 321 20.39 16.84 -8.67
CA GLU D 321 20.45 17.99 -9.60
C GLU D 321 19.27 18.07 -10.61
N ASP D 322 18.70 16.92 -10.97
CA ASP D 322 17.59 16.88 -11.91
C ASP D 322 16.23 17.16 -11.26
N VAL D 323 16.16 17.13 -9.92
CA VAL D 323 14.89 17.36 -9.23
C VAL D 323 14.90 18.44 -8.14
N VAL D 324 16.07 19.00 -7.84
CA VAL D 324 16.20 19.99 -6.77
C VAL D 324 15.30 21.23 -6.89
N SER D 325 14.94 21.61 -8.12
N SER D 325 15.00 21.63 -8.14
CA SER D 325 14.09 22.79 -8.33
CA SER D 325 14.18 22.82 -8.41
C SER D 325 12.59 22.49 -8.21
C SER D 325 12.70 22.51 -8.62
N GLU D 326 12.19 21.26 -8.54
N GLU D 326 12.29 21.29 -8.31
CA GLU D 326 10.76 20.86 -8.52
CA GLU D 326 10.89 20.90 -8.50
C GLU D 326 10.29 20.16 -7.25
C GLU D 326 10.33 20.18 -7.27
N ALA D 327 11.18 19.48 -6.53
CA ALA D 327 10.75 18.75 -5.32
C ALA D 327 10.35 19.68 -4.16
N ASP D 328 9.53 19.17 -3.26
CA ASP D 328 8.97 19.93 -2.14
C ASP D 328 9.68 19.77 -0.82
N ILE D 329 10.09 18.54 -0.53
CA ILE D 329 10.74 18.20 0.75
C ILE D 329 11.92 17.29 0.48
N PHE D 330 13.03 17.52 1.18
CA PHE D 330 14.23 16.69 1.01
C PHE D 330 14.60 16.07 2.34
N ILE D 331 14.83 14.75 2.33
CA ILE D 331 15.16 13.96 3.51
C ILE D 331 16.45 13.17 3.27
N THR D 332 17.53 13.51 3.98
CA THR D 332 18.80 12.81 3.81
C THR D 332 18.90 11.63 4.80
N ALA D 333 19.24 10.47 4.27
CA ALA D 333 19.36 9.22 5.04
C ALA D 333 20.55 8.38 4.55
N THR D 334 21.64 9.07 4.20
CA THR D 334 22.82 8.43 3.63
C THR D 334 23.95 7.99 4.57
N GLY D 335 24.11 8.70 5.68
CA GLY D 335 25.23 8.44 6.58
C GLY D 335 26.54 8.95 5.94
N ASN D 336 26.41 9.82 4.92
CA ASN D 336 27.55 10.36 4.17
C ASN D 336 27.67 11.87 4.47
N LYS D 337 28.43 12.62 3.68
CA LYS D 337 28.54 14.07 3.89
C LYS D 337 28.33 14.83 2.58
N ASP D 338 28.00 16.12 2.71
CA ASP D 338 27.82 17.03 1.57
C ASP D 338 26.81 16.54 0.55
N VAL D 339 25.71 15.98 1.02
CA VAL D 339 24.64 15.45 0.15
C VAL D 339 23.75 16.60 -0.33
N ILE D 340 23.52 17.57 0.56
CA ILE D 340 22.76 18.78 0.23
C ILE D 340 23.70 19.95 0.54
N THR D 341 24.02 20.70 -0.51
CA THR D 341 24.96 21.83 -0.45
C THR D 341 24.20 23.13 -0.52
N VAL D 342 24.89 24.22 -0.22
CA VAL D 342 24.28 25.55 -0.28
C VAL D 342 23.82 25.83 -1.71
N GLU D 343 24.58 25.38 -2.71
CA GLU D 343 24.17 25.57 -4.11
C GLU D 343 22.89 24.77 -4.45
N HIS D 344 22.70 23.61 -3.83
CA HIS D 344 21.46 22.85 -4.04
C HIS D 344 20.32 23.65 -3.42
N MET D 345 20.53 24.14 -2.21
CA MET D 345 19.52 24.92 -1.48
C MET D 345 19.03 26.19 -2.17
N ARG D 346 19.93 26.86 -2.88
CA ARG D 346 19.58 28.10 -3.60
C ARG D 346 18.66 27.87 -4.80
N LYS D 347 18.71 26.66 -5.35
CA LYS D 347 17.86 26.30 -6.49
C LYS D 347 16.47 25.78 -6.07
N MET D 348 16.25 25.55 -4.78
CA MET D 348 14.97 25.02 -4.29
C MET D 348 13.80 26.01 -4.38
N LYS D 349 12.60 25.47 -4.53
CA LYS D 349 11.39 26.32 -4.64
C LYS D 349 11.09 27.01 -3.31
N GLU D 350 10.19 27.99 -3.36
CA GLU D 350 9.80 28.76 -2.19
C GLU D 350 9.27 27.87 -1.06
N ASN D 351 9.86 28.01 0.11
CA ASN D 351 9.47 27.27 1.32
C ASN D 351 9.62 25.74 1.23
N ALA D 352 10.67 25.30 0.53
CA ALA D 352 10.98 23.89 0.45
C ALA D 352 11.48 23.47 1.84
N TYR D 353 11.12 22.27 2.27
CA TYR D 353 11.52 21.74 3.57
C TYR D 353 12.72 20.82 3.41
N ILE D 354 13.63 20.88 4.39
CA ILE D 354 14.86 20.11 4.41
C ILE D 354 15.06 19.49 5.80
N ALA D 355 15.41 18.21 5.82
CA ALA D 355 15.65 17.51 7.05
C ALA D 355 16.57 16.34 6.82
N ASN D 356 17.23 15.92 7.89
CA ASN D 356 18.16 14.80 7.90
C ASN D 356 17.74 13.81 8.95
N ILE D 357 17.87 12.52 8.62
CA ILE D 357 17.53 11.49 9.59
C ILE D 357 18.77 10.63 9.85
N GLY D 358 19.87 10.93 9.15
CA GLY D 358 21.14 10.24 9.38
C GLY D 358 21.68 10.66 10.74
N HIS D 359 22.64 9.89 11.26
CA HIS D 359 23.16 10.17 12.61
C HIS D 359 23.78 11.54 12.80
N PHE D 360 24.57 12.00 11.83
CA PHE D 360 25.22 13.31 11.92
C PHE D 360 24.65 14.33 10.94
N ASP D 361 24.81 15.60 11.32
CA ASP D 361 24.34 16.75 10.54
C ASP D 361 25.12 17.02 9.24
N ASP D 362 26.29 16.41 9.10
CA ASP D 362 27.18 16.57 7.92
C ASP D 362 26.51 16.37 6.57
N GLU D 363 25.44 15.59 6.52
CA GLU D 363 24.75 15.32 5.24
C GLU D 363 24.26 16.59 4.54
N ILE D 364 23.98 17.62 5.34
CA ILE D 364 23.50 18.92 4.88
C ILE D 364 24.57 19.97 5.26
N ASP D 365 24.79 20.95 4.40
CA ASP D 365 25.79 22.00 4.64
C ASP D 365 25.16 23.13 5.48
N VAL D 366 24.89 22.82 6.74
CA VAL D 366 24.28 23.76 7.67
C VAL D 366 25.21 24.93 7.99
N TYR D 367 26.51 24.68 8.10
CA TYR D 367 27.46 25.76 8.39
C TYR D 367 27.47 26.77 7.23
N GLY D 368 27.51 26.25 6.00
CA GLY D 368 27.52 27.09 4.80
C GLY D 368 26.23 27.88 4.62
N LEU D 369 25.12 27.29 5.08
CA LEU D 369 23.83 27.95 5.00
C LEU D 369 23.78 29.12 5.98
N GLU D 370 24.13 28.84 7.25
CA GLU D 370 24.12 29.84 8.32
C GLU D 370 25.08 31.00 8.09
N ASN D 371 26.20 30.72 7.44
CA ASN D 371 27.23 31.75 7.15
C ASN D 371 27.21 32.24 5.70
N TYR D 372 26.07 32.14 5.01
CA TYR D 372 25.98 32.63 3.64
C TYR D 372 25.90 34.18 3.72
N PRO D 373 26.68 34.90 2.90
CA PRO D 373 26.62 36.37 3.01
C PRO D 373 25.22 36.96 2.79
N GLY D 374 24.72 37.67 3.79
CA GLY D 374 23.40 38.31 3.72
C GLY D 374 22.21 37.42 4.00
N ILE D 375 22.44 36.21 4.51
CA ILE D 375 21.35 35.29 4.83
C ILE D 375 20.52 35.92 5.96
N LYS D 376 19.23 35.64 5.97
CA LYS D 376 18.31 36.13 6.98
C LYS D 376 17.66 34.87 7.56
N VAL D 377 17.60 34.78 8.88
CA VAL D 377 17.04 33.62 9.56
C VAL D 377 16.02 33.97 10.66
N ILE D 378 14.91 33.25 10.69
CA ILE D 378 13.87 33.40 11.72
C ILE D 378 13.51 32.03 12.28
N GLU D 379 13.19 32.01 13.56
CA GLU D 379 12.81 30.79 14.26
C GLU D 379 11.30 30.60 14.02
N VAL D 380 10.94 29.57 13.26
CA VAL D 380 9.52 29.28 12.98
C VAL D 380 8.86 28.72 14.23
N LYS D 381 9.55 27.78 14.87
CA LYS D 381 9.11 27.17 16.13
C LYS D 381 10.36 26.55 16.76
N GLN D 382 10.21 25.94 17.94
CA GLN D 382 11.37 25.34 18.60
C GLN D 382 12.08 24.35 17.66
N ASN D 383 13.33 24.69 17.32
CA ASN D 383 14.19 23.91 16.46
C ASN D 383 13.75 23.81 14.97
N VAL D 384 13.11 24.86 14.45
CA VAL D 384 12.75 24.91 13.02
C VAL D 384 13.09 26.32 12.58
N HIS D 385 13.84 26.44 11.48
CA HIS D 385 14.31 27.75 11.01
C HIS D 385 14.09 27.99 9.53
N LYS D 386 13.71 29.22 9.20
CA LYS D 386 13.51 29.60 7.82
C LYS D 386 14.62 30.54 7.43
N PHE D 387 15.40 30.11 6.44
CA PHE D 387 16.50 30.88 5.91
C PHE D 387 16.03 31.48 4.59
N THR D 388 16.34 32.76 4.39
CA THR D 388 15.95 33.50 3.20
C THR D 388 17.19 34.08 2.52
N PHE D 389 17.39 33.75 1.25
CA PHE D 389 18.53 34.23 0.50
C PHE D 389 18.26 35.66 0.02
N PRO D 390 19.26 36.56 0.15
CA PRO D 390 19.11 37.95 -0.24
C PRO D 390 19.04 38.25 -1.73
N ASP D 391 19.68 37.44 -2.57
CA ASP D 391 19.62 37.70 -4.02
C ASP D 391 18.25 37.33 -4.62
N THR D 392 17.73 36.16 -4.30
CA THR D 392 16.44 35.71 -4.87
C THR D 392 15.20 35.99 -4.00
N GLN D 393 15.41 36.28 -2.72
CA GLN D 393 14.34 36.45 -1.72
C GLN D 393 13.56 35.13 -1.49
N LYS D 394 14.14 34.00 -1.94
CA LYS D 394 13.51 32.70 -1.72
C LYS D 394 13.96 32.12 -0.39
N SER D 395 13.09 31.34 0.21
CA SER D 395 13.37 30.71 1.49
C SER D 395 13.31 29.19 1.46
N VAL D 396 14.08 28.60 2.39
CA VAL D 396 14.08 27.15 2.62
C VAL D 396 13.90 27.02 4.12
N ILE D 397 13.26 25.94 4.55
CA ILE D 397 13.00 25.70 5.97
C ILE D 397 13.76 24.47 6.39
N LEU D 398 14.59 24.60 7.42
CA LEU D 398 15.41 23.51 7.90
C LEU D 398 14.90 23.03 9.24
N LEU D 399 14.71 21.72 9.37
CA LEU D 399 14.28 21.14 10.63
C LEU D 399 15.50 20.84 11.51
N CYS D 400 15.42 21.28 12.77
CA CYS D 400 16.44 21.14 13.83
C CYS D 400 17.91 21.20 13.40
N LYS D 401 18.24 22.24 12.63
CA LYS D 401 19.61 22.46 12.16
C LYS D 401 20.30 21.24 11.56
N GLY D 402 19.52 20.40 10.87
CA GLY D 402 20.07 19.22 10.23
C GLY D 402 20.40 18.03 11.11
N ARG D 403 20.03 18.10 12.39
CA ARG D 403 20.25 16.97 13.31
C ARG D 403 19.18 15.91 13.06
N LEU D 404 19.47 14.66 13.42
CA LEU D 404 18.51 13.57 13.15
C LEU D 404 17.09 14.03 13.55
N VAL D 405 16.25 14.22 12.53
CA VAL D 405 14.92 14.81 12.69
C VAL D 405 13.94 14.09 13.58
N ASN D 406 14.01 12.76 13.61
CA ASN D 406 13.07 11.99 14.42
C ASN D 406 13.32 12.18 15.92
N LEU D 407 14.54 12.52 16.32
CA LEU D 407 14.88 12.77 17.74
C LEU D 407 15.01 14.26 18.06
N GLY D 408 15.21 15.09 17.03
CA GLY D 408 15.33 16.54 17.21
C GLY D 408 14.00 17.27 17.24
N CYS D 409 13.08 16.83 16.38
CA CYS D 409 11.73 17.41 16.28
C CYS D 409 10.66 16.47 16.85
N ALA D 410 11.03 15.25 17.21
CA ALA D 410 10.09 14.30 17.83
C ALA D 410 10.81 13.52 18.95
N THR D 411 10.26 12.39 19.35
CA THR D 411 10.83 11.61 20.48
C THR D 411 11.51 10.28 20.09
N GLY D 412 11.86 10.14 18.81
CA GLY D 412 12.53 8.94 18.31
C GLY D 412 11.61 7.78 18.10
N HIS D 413 12.18 6.59 17.87
CA HIS D 413 11.36 5.40 17.64
C HIS D 413 10.53 5.04 18.89
N PRO D 414 9.46 4.23 18.70
CA PRO D 414 8.63 3.80 19.82
C PRO D 414 9.31 2.67 20.60
N PRO D 415 8.83 2.37 21.82
CA PRO D 415 9.44 1.35 22.67
C PRO D 415 9.67 -0.04 22.07
N LEU D 416 8.71 -0.56 21.30
CA LEU D 416 8.87 -1.93 20.77
C LEU D 416 10.21 -2.18 20.08
N VAL D 417 10.53 -1.39 19.05
CA VAL D 417 11.78 -1.59 18.33
C VAL D 417 13.00 -1.22 19.16
N MET D 418 12.85 -0.27 20.07
CA MET D 418 13.99 0.11 20.91
C MET D 418 14.30 -1.00 21.88
N SER D 419 13.27 -1.68 22.35
CA SER D 419 13.48 -2.80 23.24
C SER D 419 14.30 -3.88 22.53
N MET D 420 14.03 -4.08 21.23
CA MET D 420 14.76 -5.06 20.42
C MET D 420 16.21 -4.61 20.23
N SER D 421 16.38 -3.32 19.91
CA SER D 421 17.73 -2.78 19.76
C SER D 421 18.49 -2.88 21.07
N PHE D 422 17.85 -2.41 22.15
CA PHE D 422 18.51 -2.42 23.46
C PHE D 422 18.64 -3.78 24.13
N THR D 423 17.85 -4.77 23.71
CA THR D 423 18.01 -6.10 24.26
C THR D 423 19.35 -6.59 23.72
N ASN D 424 19.64 -6.26 22.46
CA ASN D 424 20.93 -6.59 21.84
C ASN D 424 22.07 -5.88 22.57
N GLN D 425 21.84 -4.63 23.01
CA GLN D 425 22.86 -3.86 23.76
C GLN D 425 23.24 -4.51 25.10
N VAL D 426 22.22 -4.94 25.86
CA VAL D 426 22.46 -5.60 27.16
C VAL D 426 23.23 -6.91 26.97
N LEU D 427 22.83 -7.70 25.98
CA LEU D 427 23.51 -8.98 25.69
C LEU D 427 24.97 -8.75 25.29
N ALA D 428 25.21 -7.69 24.50
CA ALA D 428 26.55 -7.30 24.06
C ALA D 428 27.40 -6.84 25.24
N GLN D 429 26.77 -6.11 26.17
CA GLN D 429 27.45 -5.68 27.40
C GLN D 429 27.81 -6.86 28.27
N MET D 430 26.89 -7.81 28.39
CA MET D 430 27.11 -9.04 29.17
C MET D 430 28.22 -9.89 28.58
N ASP D 431 28.31 -9.92 27.26
CA ASP D 431 29.33 -10.67 26.54
C ASP D 431 30.71 -10.05 26.78
N LEU D 432 30.83 -8.74 26.59
CA LEU D 432 32.11 -8.05 26.80
C LEU D 432 32.59 -8.21 28.23
N TRP D 433 31.66 -8.15 29.18
CA TRP D 433 32.00 -8.27 30.59
C TRP D 433 32.50 -9.67 30.96
N LYS D 434 31.80 -10.71 30.53
CA LYS D 434 32.21 -12.09 30.84
C LYS D 434 33.52 -12.50 30.16
N SER D 435 33.88 -11.82 29.07
CA SER D 435 35.10 -12.11 28.33
C SER D 435 36.25 -11.18 28.74
N ARG D 436 36.13 -10.49 29.89
CA ARG D 436 37.16 -9.53 30.31
C ARG D 436 38.54 -10.13 30.61
N GLU D 437 38.59 -11.37 31.11
CA GLU D 437 39.89 -12.01 31.41
C GLU D 437 40.71 -12.25 30.12
N LEU D 438 40.03 -12.43 28.99
CA LEU D 438 40.68 -12.66 27.70
C LEU D 438 41.35 -11.41 27.07
N VAL D 439 41.07 -10.22 27.62
CA VAL D 439 41.67 -8.97 27.11
C VAL D 439 43.05 -8.84 27.77
N ASP D 440 44.11 -9.05 26.99
CA ASP D 440 45.50 -8.99 27.51
C ASP D 440 46.23 -7.75 26.97
N ARG D 441 46.47 -6.80 27.87
CA ARG D 441 47.13 -5.53 27.54
C ARG D 441 48.66 -5.62 27.50
N SER D 442 49.23 -6.49 28.34
CA SER D 442 50.71 -6.67 28.45
C SER D 442 51.49 -6.84 27.13
N LYS D 443 50.83 -7.37 26.09
CA LYS D 443 51.42 -7.55 24.76
C LYS D 443 50.49 -6.86 23.76
N ASN D 444 51.03 -5.96 22.94
CA ASN D 444 50.20 -5.18 21.98
C ASN D 444 49.45 -5.99 20.93
N THR D 445 48.38 -6.65 21.37
CA THR D 445 47.51 -7.42 20.50
C THR D 445 46.51 -6.44 19.91
N ARG D 446 46.10 -6.68 18.67
CA ARG D 446 45.13 -5.81 18.01
C ARG D 446 43.71 -6.26 18.36
N PHE D 447 42.80 -5.30 18.46
CA PHE D 447 41.40 -5.59 18.80
C PHE D 447 40.50 -5.60 17.58
N PHE D 448 39.38 -6.31 17.69
CA PHE D 448 38.46 -6.52 16.57
C PHE D 448 36.99 -6.19 16.83
N VAL D 449 36.23 -6.11 15.75
CA VAL D 449 34.80 -5.85 15.79
C VAL D 449 34.11 -7.19 15.50
N LYS D 450 33.20 -7.60 16.37
CA LYS D 450 32.45 -8.85 16.17
C LYS D 450 30.97 -8.57 16.36
N LYS D 451 30.13 -9.53 15.96
CA LYS D 451 28.68 -9.40 16.07
C LYS D 451 28.14 -10.48 17.00
N LEU D 452 26.90 -10.34 17.43
CA LEU D 452 26.29 -11.35 18.26
C LEU D 452 25.90 -12.54 17.39
N SER D 453 25.79 -13.69 18.02
CA SER D 453 25.44 -14.92 17.31
C SER D 453 23.99 -14.89 16.85
N LYS D 454 23.69 -15.68 15.82
CA LYS D 454 22.32 -15.79 15.32
C LYS D 454 21.39 -16.39 16.40
N GLU D 455 21.91 -17.28 17.25
CA GLU D 455 21.11 -17.87 18.33
C GLU D 455 20.53 -16.74 19.19
N LEU D 456 21.38 -15.80 19.59
CA LEU D 456 20.96 -14.65 20.41
C LEU D 456 20.10 -13.68 19.62
N ASP D 457 20.37 -13.57 18.33
CA ASP D 457 19.62 -12.68 17.46
C ASP D 457 18.16 -13.21 17.41
N GLU D 458 18.00 -14.52 17.21
CA GLU D 458 16.64 -15.12 17.20
C GLU D 458 15.95 -15.01 18.56
N TYR D 459 16.74 -15.09 19.64
CA TYR D 459 16.24 -14.97 21.02
C TYR D 459 15.56 -13.61 21.23
N VAL D 460 16.21 -12.56 20.75
CA VAL D 460 15.68 -11.22 20.85
C VAL D 460 14.28 -11.17 20.23
N ALA D 461 14.13 -11.76 19.04
CA ALA D 461 12.83 -11.81 18.37
C ALA D 461 11.81 -12.60 19.21
N ARG D 462 12.21 -13.78 19.71
CA ARG D 462 11.29 -14.60 20.53
C ARG D 462 10.71 -13.86 21.71
N LEU D 463 11.54 -13.07 22.38
CA LEU D 463 11.10 -12.31 23.55
C LEU D 463 10.02 -11.27 23.26
N HIS D 464 9.87 -10.86 22.00
CA HIS D 464 8.88 -9.85 21.63
C HIS D 464 7.67 -10.40 20.87
N LEU D 465 7.59 -11.70 20.65
CA LEU D 465 6.43 -12.24 19.92
C LEU D 465 5.07 -12.04 20.64
N ASP D 466 5.02 -12.24 21.96
CA ASP D 466 3.77 -12.08 22.72
C ASP D 466 3.17 -10.68 22.73
N VAL D 467 4.02 -9.68 22.56
CA VAL D 467 3.58 -8.27 22.49
C VAL D 467 2.51 -8.12 21.41
N LEU D 468 2.77 -8.69 20.23
CA LEU D 468 1.88 -8.61 19.07
C LEU D 468 1.00 -9.86 18.84
N GLY D 469 0.96 -10.78 19.80
CA GLY D 469 0.13 -12.01 19.68
C GLY D 469 0.53 -12.95 18.56
N ILE D 470 1.83 -12.99 18.26
CA ILE D 470 2.39 -13.83 17.22
C ILE D 470 2.49 -15.27 17.70
N LYS D 471 1.99 -16.21 16.89
CA LYS D 471 2.03 -17.63 17.22
C LYS D 471 3.02 -18.32 16.29
N LEU D 472 4.12 -18.78 16.86
CA LEU D 472 5.15 -19.43 16.10
C LEU D 472 4.84 -20.92 15.94
N THR D 473 5.21 -21.46 14.79
CA THR D 473 5.04 -22.86 14.45
C THR D 473 6.31 -23.60 14.87
N LYS D 474 6.13 -24.82 15.37
CA LYS D 474 7.25 -25.66 15.78
C LYS D 474 7.49 -26.73 14.69
N LEU D 475 8.73 -26.87 14.24
CA LEU D 475 9.10 -27.89 13.26
C LEU D 475 8.96 -29.27 13.86
N THR D 476 8.60 -30.26 13.05
CA THR D 476 8.57 -31.65 13.50
C THR D 476 10.02 -32.11 13.37
N GLU D 477 10.39 -33.23 13.97
N GLU D 477 10.35 -33.25 13.98
CA GLU D 477 11.78 -33.69 13.90
CA GLU D 477 11.70 -33.82 13.91
C GLU D 477 12.15 -33.98 12.43
C GLU D 477 12.15 -34.04 12.48
N THR D 478 11.23 -34.59 11.69
CA THR D 478 11.48 -34.91 10.27
C THR D 478 11.60 -33.63 9.38
N GLN D 479 10.83 -32.59 9.70
CA GLN D 479 10.90 -31.34 8.95
C GLN D 479 12.22 -30.66 9.21
N ALA D 480 12.64 -30.66 10.48
CA ALA D 480 13.93 -30.06 10.86
C ALA D 480 15.08 -30.72 10.10
N LYS D 481 15.04 -32.04 10.00
CA LYS D 481 16.08 -32.77 9.28
C LYS D 481 16.07 -32.42 7.77
N TYR D 482 14.88 -32.38 7.18
CA TYR D 482 14.70 -32.08 5.74
C TYR D 482 15.33 -30.75 5.32
N ILE D 483 15.23 -29.72 6.19
CA ILE D 483 15.81 -28.41 5.90
C ILE D 483 17.16 -28.18 6.61
N ASN D 484 17.65 -29.24 7.27
CA ASN D 484 18.95 -29.24 7.91
C ASN D 484 19.15 -28.13 8.96
N VAL D 485 18.27 -28.11 9.96
CA VAL D 485 18.35 -27.16 11.07
C VAL D 485 17.91 -27.87 12.33
N SER D 486 18.20 -27.27 13.46
CA SER D 486 17.76 -27.78 14.75
C SER D 486 16.37 -27.21 15.00
N ILE D 487 15.55 -27.97 15.72
CA ILE D 487 14.20 -27.53 16.10
C ILE D 487 14.25 -26.19 16.85
N ASN D 488 15.33 -25.97 17.62
CA ASN D 488 15.51 -24.73 18.38
C ASN D 488 16.33 -23.64 17.65
N GLY D 489 16.61 -23.84 16.36
CA GLY D 489 17.39 -22.89 15.60
C GLY D 489 18.89 -23.04 15.85
N PRO D 490 19.73 -22.25 15.17
CA PRO D 490 19.31 -21.21 14.19
C PRO D 490 18.63 -21.79 12.95
N TYR D 491 17.75 -21.01 12.33
CA TYR D 491 16.97 -21.48 11.18
C TYR D 491 17.47 -21.06 9.80
N LYS D 492 18.46 -20.17 9.78
CA LYS D 492 18.98 -19.64 8.54
C LYS D 492 20.48 -19.68 8.56
N SER D 493 21.10 -19.76 7.38
CA SER D 493 22.56 -19.74 7.29
C SER D 493 23.05 -18.32 7.67
N GLU D 494 24.34 -18.20 7.94
CA GLU D 494 24.92 -16.94 8.41
C GLU D 494 24.81 -15.78 7.42
N ASP D 495 24.77 -16.10 6.13
CA ASP D 495 24.66 -15.06 5.09
C ASP D 495 23.20 -14.74 4.66
N TYR D 496 22.20 -15.28 5.36
CA TYR D 496 20.80 -15.02 5.03
C TYR D 496 20.49 -13.55 5.26
N ARG D 497 19.76 -12.94 4.32
CA ARG D 497 19.48 -11.49 4.36
C ARG D 497 18.13 -11.04 4.87
N TYR D 498 17.21 -12.00 5.10
CA TYR D 498 15.87 -11.70 5.60
C TYR D 498 15.19 -10.64 4.73
PA NAD E . -19.88 9.17 7.67
O1A NAD E . -19.25 9.17 6.30
O2A NAD E . -21.37 9.10 7.82
O5B NAD E . -19.22 7.99 8.53
C5B NAD E . -19.80 7.46 9.73
C4B NAD E . -19.83 5.94 9.57
O4B NAD E . -20.00 5.31 10.84
C3B NAD E . -20.96 5.45 8.67
O3B NAD E . -20.41 4.64 7.62
C2B NAD E . -21.88 4.66 9.58
O2B NAD E . -22.44 3.52 8.92
C1B NAD E . -20.95 4.26 10.73
N9A NAD E . -21.59 4.03 12.06
C8A NAD E . -22.60 4.71 12.64
N7A NAD E . -22.87 4.19 13.86
C5A NAD E . -22.02 3.16 14.08
C6A NAD E . -21.76 2.20 15.16
N6A NAD E . -22.49 2.21 16.29
N1A NAD E . -20.78 1.28 14.99
C2A NAD E . -20.04 1.26 13.85
N3A NAD E . -20.23 2.11 12.84
C4A NAD E . -21.18 3.06 12.89
O3 NAD E . -19.38 10.50 8.43
PN NAD E . -17.86 11.01 8.39
O1N NAD E . -17.72 12.14 7.38
O2N NAD E . -16.92 9.84 8.33
O5D NAD E . -17.75 11.69 9.84
C5D NAD E . -17.74 10.94 11.05
C4D NAD E . -17.47 11.91 12.19
O4D NAD E . -16.20 12.55 12.01
C3D NAD E . -18.50 13.02 12.27
O3D NAD E . -18.81 13.29 13.63
C2D NAD E . -17.82 14.20 11.61
O2D NAD E . -18.34 15.46 12.05
C1D NAD E . -16.40 13.98 12.07
N1N NAD E . -15.30 14.62 11.31
C2N NAD E . -14.19 14.87 12.01
C3N NAD E . -13.06 15.43 11.44
C7N NAD E . -11.83 15.73 12.26
O7N NAD E . -11.02 16.55 11.83
N7N NAD E . -11.61 15.12 13.42
C4N NAD E . -13.11 15.74 10.08
C5N NAD E . -14.27 15.47 9.36
C6N NAD E . -15.35 14.90 9.99
OXT ZD2 F . -14.32 18.38 11.17
C4' ZD2 F . -14.34 18.76 9.98
O ZD2 F . -15.29 18.50 9.24
C3' ZD2 F . -13.18 19.56 9.44
O3' ZD2 F . -13.55 20.21 8.22
C2' ZD2 F . -12.71 20.60 10.44
C1' ZD2 F . -11.87 19.97 11.54
N9 ZD2 F . -10.46 20.27 11.33
C4 ZD2 F . -9.93 21.48 11.38
C5 ZD2 F . -8.50 21.31 11.13
N7 ZD2 F . -8.30 19.99 10.95
C8 ZD2 F . -9.50 19.37 11.07
N3 ZD2 F . -10.40 22.72 11.62
C2 ZD2 F . -9.59 23.79 11.61
N1 ZD2 F . -8.26 23.69 11.38
C6 ZD2 F . -7.66 22.52 11.14
N6 ZD2 F . -6.33 22.46 10.91
CL CL G . -23.72 42.82 -1.96
P PO4 H . -7.88 33.49 29.88
O1 PO4 H . -7.31 32.55 28.85
O2 PO4 H . -6.76 34.26 30.52
O3 PO4 H . -8.62 32.68 30.94
O4 PO4 H . -8.83 34.46 29.22
P PO4 I . -5.86 -12.35 16.08
O1 PO4 I . -4.48 -11.75 16.12
O2 PO4 I . -6.32 -12.59 17.50
O3 PO4 I . -5.82 -13.66 15.32
O4 PO4 I . -6.83 -11.41 15.39
P PO4 J . -16.23 31.08 -11.17
O1 PO4 J . -14.94 30.44 -11.63
O2 PO4 J . -15.92 32.23 -10.24
O3 PO4 J . -17.07 30.06 -10.44
O4 PO4 J . -17.01 31.57 -12.36
P PO4 K . -23.70 20.23 -23.62
O1 PO4 K . -22.77 19.65 -22.59
O2 PO4 K . -23.59 21.74 -23.60
O3 PO4 K . -23.33 19.72 -25.00
O4 PO4 K . -25.12 19.82 -23.29
P PO4 L . -20.10 34.30 -6.47
O1 PO4 L . -18.75 33.70 -6.20
O2 PO4 L . -20.91 34.29 -5.20
O3 PO4 L . -20.81 33.47 -7.52
O4 PO4 L . -19.94 35.73 -6.96
PA NAD M . -16.05 7.44 -15.02
O1A NAD M . -16.13 7.14 -13.55
O2A NAD M . -16.87 8.57 -15.57
O5B NAD M . -14.49 7.65 -15.39
C5B NAD M . -14.06 8.25 -16.60
C4B NAD M . -12.98 9.27 -16.25
O4B NAD M . -12.21 9.57 -17.42
C3B NAD M . -13.54 10.59 -15.75
O3B NAD M . -12.99 10.91 -14.48
C2B NAD M . -13.17 11.61 -16.82
O2B NAD M . -12.85 12.91 -16.30
C1B NAD M . -11.98 10.97 -17.49
N9A NAD M . -11.75 11.37 -18.89
C8A NAD M . -12.67 11.54 -19.87
N7A NAD M . -12.05 11.89 -21.03
C5A NAD M . -10.73 11.94 -20.80
C6A NAD M . -9.52 12.26 -21.59
N6A NAD M . -9.61 12.60 -22.90
N1A NAD M . -8.32 12.21 -20.97
C2A NAD M . -8.21 11.87 -19.66
N3A NAD M . -9.29 11.58 -18.88
C4A NAD M . -10.53 11.59 -19.39
O3 NAD M . -16.39 6.10 -15.86
PN NAD M . -16.00 4.62 -15.34
O1N NAD M . -17.17 4.05 -14.56
O2N NAD M . -14.63 4.65 -14.74
O5D NAD M . -15.89 3.75 -16.69
C5D NAD M . -14.93 4.07 -17.69
C4D NAD M . -15.13 3.13 -18.87
O4D NAD M . -14.98 1.77 -18.45
C3D NAD M . -16.52 3.22 -19.44
O3D NAD M . -16.43 3.05 -20.84
C2D NAD M . -17.28 2.05 -18.82
O2D NAD M . -18.39 1.63 -19.62
C1D NAD M . -16.17 1.02 -18.73
N1N NAD M . -16.22 -0.06 -17.74
C2N NAD M . -15.51 -1.15 -18.05
C3N NAD M . -15.43 -2.25 -17.21
C7N NAD M . -14.65 -3.46 -17.60
O7N NAD M . -14.84 -4.51 -17.01
N7N NAD M . -13.74 -3.41 -18.58
C4N NAD M . -16.12 -2.19 -16.00
C5N NAD M . -16.83 -1.06 -15.68
C6N NAD M . -16.88 0.01 -16.56
OXT ZD2 N . -18.46 -3.16 -17.94
C4' ZD2 N . -19.13 -3.21 -16.89
O ZD2 N . -19.74 -2.22 -16.46
C3' ZD2 N . -19.18 -4.51 -16.11
O3' ZD2 N . -20.28 -4.50 -15.19
C2' ZD2 N . -19.37 -5.68 -17.06
C1' ZD2 N . -18.06 -6.07 -17.71
N9 ZD2 N . -17.54 -7.27 -17.09
C4 ZD2 N . -18.13 -8.46 -17.15
C5 ZD2 N . -17.28 -9.37 -16.40
N7 ZD2 N . -16.23 -8.66 -15.96
C8 ZD2 N . -16.40 -7.38 -16.38
N3 ZD2 N . -19.26 -8.94 -17.72
C2 ZD2 N . -19.61 -10.22 -17.62
N1 ZD2 N . -18.86 -11.12 -16.95
C6 ZD2 N . -17.71 -10.78 -16.33
N6 ZD2 N . -16.96 -11.68 -15.66
C1 GOL O . -19.42 -19.71 -37.03
O1 GOL O . -18.13 -19.18 -37.33
C2 GOL O . -19.30 -20.90 -36.10
O2 GOL O . -18.94 -20.46 -34.78
C3 GOL O . -20.62 -21.66 -36.04
O3 GOL O . -21.67 -20.80 -35.59
P PO4 P . -30.08 -24.78 -3.86
O1 PO4 P . -29.10 -25.91 -3.65
O2 PO4 P . -30.66 -24.89 -5.25
O3 PO4 P . -31.18 -24.87 -2.83
O4 PO4 P . -29.37 -23.47 -3.71
P PO4 Q . 11.02 10.02 -15.00
O1 PO4 Q . 11.54 8.65 -15.40
O2 PO4 Q . 11.26 11.01 -16.11
O3 PO4 Q . 11.78 10.48 -13.78
O4 PO4 Q . 9.54 9.97 -14.71
P PO4 R . -36.05 -5.96 0.54
O1 PO4 R . -35.55 -7.00 1.52
O2 PO4 R . -36.35 -6.64 -0.78
O3 PO4 R . -37.32 -5.34 1.08
O4 PO4 R . -35.02 -4.88 0.36
PA NAD S . 13.58 -18.86 2.44
O1A NAD S . 13.95 -17.43 2.18
O2A NAD S . 14.46 -19.75 3.27
O5B NAD S . 12.11 -18.88 3.08
C5B NAD S . 11.48 -20.07 3.53
C4B NAD S . 10.79 -19.74 4.85
O4B NAD S . 9.92 -20.81 5.23
C3B NAD S . 11.77 -19.55 6.00
O3B NAD S . 11.69 -18.19 6.49
C2B NAD S . 11.36 -20.57 7.05
O2B NAD S . 11.39 -20.08 8.38
C1B NAD S . 9.95 -20.92 6.65
N9A NAD S . 9.50 -22.27 7.00
C8A NAD S . 10.17 -23.44 6.85
N7A NAD S . 9.40 -24.47 7.27
C5A NAD S . 8.22 -23.98 7.69
C6A NAD S . 6.96 -24.52 8.26
N6A NAD S . 6.81 -25.85 8.46
N1A NAD S . 5.97 -23.65 8.56
C2A NAD S . 6.10 -22.31 8.35
N3A NAD S . 7.22 -21.76 7.84
C4A NAD S . 8.29 -22.53 7.49
O3 NAD S . 13.36 -19.62 1.04
PN NAD S . 12.80 -18.87 -0.27
O1N NAD S . 13.96 -18.23 -1.01
O2N NAD S . 11.61 -18.04 0.13
O5D NAD S . 12.29 -20.09 -1.16
C5D NAD S . 11.25 -20.95 -0.70
C4D NAD S . 10.93 -21.96 -1.78
O4D NAD S . 10.56 -21.31 -3.00
C3D NAD S . 12.15 -22.81 -2.13
O3D NAD S . 11.69 -24.15 -2.37
C2D NAD S . 12.69 -22.17 -3.39
O2D NAD S . 13.49 -23.06 -4.17
C1D NAD S . 11.40 -21.75 -4.07
N1N NAD S . 11.43 -20.69 -5.07
C2N NAD S . 10.45 -20.73 -5.99
C3N NAD S . 10.32 -19.77 -6.99
C7N NAD S . 9.23 -19.86 -8.02
O7N NAD S . 9.36 -19.27 -9.07
N7N NAD S . 8.12 -20.58 -7.77
C4N NAD S . 11.24 -18.72 -7.01
C5N NAD S . 12.24 -18.67 -6.05
C6N NAD S . 12.32 -19.67 -5.07
OXT ZD2 T . 14.62 -19.95 -7.87
C4' ZD2 T . 13.73 -20.08 -8.73
O ZD2 T . 12.85 -20.97 -8.65
C3' ZD2 T . 13.70 -19.14 -9.91
O3' ZD2 T . 14.97 -18.50 -10.04
C2' ZD2 T . 13.42 -19.89 -11.20
C1' ZD2 T . 11.95 -20.25 -11.36
N9 ZD2 T . 11.34 -19.40 -12.36
C4 ZD2 T . 11.60 -19.44 -13.65
C5 ZD2 T . 10.75 -18.43 -14.28
N7 ZD2 T . 10.03 -17.86 -13.30
C8 ZD2 T . 10.39 -18.46 -12.14
N3 ZD2 T . 12.43 -20.16 -14.42
C2 ZD2 T . 12.50 -19.98 -15.74
N1 ZD2 T . 11.74 -19.07 -16.38
C6 ZD2 T . 10.87 -18.28 -15.74
N6 ZD2 T . 10.12 -17.36 -16.40
C1 GOL U . 33.18 -7.58 -15.49
O1 GOL U . 32.97 -7.58 -16.89
C2 GOL U . 32.80 -6.22 -14.91
O2 GOL U . 33.86 -5.29 -15.16
C3 GOL U . 32.55 -6.31 -13.41
O3 GOL U . 33.67 -6.90 -12.75
P PO4 V . -11.58 -13.65 11.17
O1 PO4 V . -10.12 -13.28 10.99
O2 PO4 V . -12.33 -13.56 9.86
O3 PO4 V . -11.64 -15.07 11.68
O4 PO4 V . -12.22 -12.71 12.16
P PO4 W . 6.15 -35.90 -27.22
O1 PO4 W . 7.61 -36.18 -27.00
O2 PO4 W . 5.84 -36.17 -28.68
O3 PO4 W . 5.30 -36.80 -26.35
O4 PO4 W . 5.85 -34.45 -26.93
P PO4 X . 15.25 -31.99 -0.77
O1 PO4 X . 16.22 -33.02 -1.30
O2 PO4 X . 15.18 -32.12 0.74
O3 PO4 X . 13.90 -32.22 -1.39
O4 PO4 X . 15.73 -30.60 -1.12
P PO4 Y . -10.58 -40.61 11.00
O1 PO4 Y . -9.60 -41.69 10.63
O2 PO4 Y . -11.05 -40.85 12.41
O3 PO4 Y . -11.76 -40.66 10.05
O4 PO4 Y . -9.92 -39.25 10.90
P PO4 Z . 28.55 -13.53 -36.79
O1 PO4 Z . 28.98 -14.06 -38.14
O2 PO4 Z . 29.57 -12.53 -36.28
O3 PO4 Z . 28.42 -14.68 -35.81
O4 PO4 Z . 27.21 -12.84 -36.93
PA NAD AA . 22.82 2.05 4.98
O1A NAD AA . 21.93 0.84 5.07
O2A NAD AA . 24.26 1.89 4.60
O5B NAD AA . 22.11 3.10 3.99
C5B NAD AA . 22.79 4.24 3.47
C4B NAD AA . 22.49 4.31 1.98
O4B NAD AA . 22.83 5.60 1.49
C3B NAD AA . 23.28 3.31 1.15
O3B NAD AA . 22.37 2.46 0.45
C2B NAD AA . 24.14 4.14 0.21
O2B NAD AA . 24.24 3.60 -1.11
C1B NAD AA . 23.40 5.48 0.19
N9A NAD AA . 24.24 6.66 -0.10
C8A NAD AA . 25.46 6.96 0.41
N7A NAD AA . 25.91 8.14 -0.08
C5A NAD AA . 24.97 8.62 -0.91
C6A NAD AA . 24.80 9.82 -1.74
N6A NAD AA . 25.77 10.76 -1.79
N1A NAD AA . 23.67 9.95 -2.46
C2A NAD AA . 22.69 9.01 -2.42
N3A NAD AA . 22.78 7.90 -1.67
C4A NAD AA . 23.87 7.65 -0.91
O3 NAD AA . 22.80 2.82 6.40
PN NAD AA . 21.46 2.95 7.26
O1N NAD AA . 21.40 1.82 8.24
O2N NAD AA . 20.32 3.16 6.30
O5D NAD AA . 21.68 4.31 8.09
C5D NAD AA . 21.86 5.56 7.43
C4D NAD AA . 22.14 6.64 8.47
O4D NAD AA . 21.08 6.74 9.42
C3D NAD AA . 23.37 6.33 9.28
O3D NAD AA . 24.06 7.57 9.48
C2D NAD AA . 22.86 5.76 10.59
O2D NAD AA . 23.75 5.96 11.69
C1D NAD AA . 21.56 6.52 10.76
N1N NAD AA . 20.47 5.90 11.53
C2N NAD AA . 19.61 6.77 12.10
C3N NAD AA . 18.51 6.34 12.84
C7N NAD AA . 17.57 7.33 13.48
O7N NAD AA . 16.84 6.97 14.40
N7N NAD AA . 17.53 8.60 13.06
C4N NAD AA . 18.30 4.98 12.97
C5N NAD AA . 19.19 4.09 12.38
C6N NAD AA . 20.27 4.57 11.64
OXT ZD2 BA . 20.84 3.43 15.19
C4' ZD2 BA . 20.13 4.32 15.69
O ZD2 BA . 20.31 5.53 15.41
C3' ZD2 BA . 19.03 3.92 16.65
O3' ZD2 BA . 19.22 2.56 17.07
C2' ZD2 BA . 19.03 4.79 17.90
C1' ZD2 BA . 18.38 6.13 17.62
N9 ZD2 BA . 17.07 6.19 18.22
C4 ZD2 BA . 16.84 6.19 19.52
C5 ZD2 BA . 15.38 6.28 19.68
N7 ZD2 BA . 14.86 6.33 18.45
C8 ZD2 BA . 15.90 6.28 17.57
N3 ZD2 BA . 17.63 6.12 20.62
C2 ZD2 BA . 17.08 6.14 21.86
N1 ZD2 BA . 15.76 6.22 22.07
C6 ZD2 BA . 14.86 6.29 21.06
N6 ZD2 BA . 13.53 6.37 21.31
P PO4 CA . 6.79 15.83 -12.15
O1 PO4 CA . 7.54 14.67 -11.53
O2 PO4 CA . 7.76 16.95 -12.41
O3 PO4 CA . 6.14 15.39 -13.43
O4 PO4 CA . 5.73 16.32 -11.20
P PO4 DA . 21.61 23.03 32.92
O1 PO4 DA . 22.58 21.91 33.15
O2 PO4 DA . 22.31 24.20 32.25
O3 PO4 DA . 20.49 22.54 32.03
O4 PO4 DA . 21.04 23.48 34.24
P PO4 EA . 22.31 -30.01 12.05
O1 PO4 EA . 23.55 -29.85 11.19
O2 PO4 EA . 22.56 -29.38 13.41
O3 PO4 EA . 22.00 -31.48 12.23
O4 PO4 EA . 21.15 -29.33 11.38
P PO4 FA . 23.56 25.31 16.01
O1 PO4 FA . 24.35 24.95 17.25
O2 PO4 FA . 24.29 26.39 15.22
O3 PO4 FA . 23.41 24.08 15.16
O4 PO4 FA . 22.21 25.82 16.43
#